data_6UQG
#
_entry.id   6UQG
#
_cell.length_a   1.00
_cell.length_b   1.00
_cell.length_c   1.00
_cell.angle_alpha   90.00
_cell.angle_beta   90.00
_cell.angle_gamma   90.00
#
_symmetry.space_group_name_H-M   'P 1'
#
loop_
_entity.id
_entity.type
_entity.pdbx_description
1 polymer 'Potassium/sodium hyperpolarization-activated cyclic nucleotide-gated channel 1'
2 non-polymer "ADENOSINE-3',5'-CYCLIC-MONOPHOSPHATE"
#
_entity_poly.entity_id   1
_entity_poly.type   'polypeptide(L)'
_entity_poly.pdbx_seq_one_letter_code
;MEGGGKPNSSSNSRDDGNSVFPAKASATGAGPAAAEKRLGTPPGGGGAGAKEHGNSVCFKVDGGGGGGGGGGGGEEPAGG
FEDAEGPRRQYGFMQRQFTSMLQPGVNKFSLRMFGSQKAVEKEQERVKTAGFWIIHPYSDFRFYWDLIMLIMMVGNLVII
PVGITFFTEQTTTPWIIFNVASDTVFLLDLIMNFRTGTVNEDSSEIILDPKVIKMNYLKSWFVVDFISSIPVDYIFLIVE
KGMDSEVYKTARALRIVRFTKILSLLRLLRLSRLIRYIHQWEEIFHMTDDLASAVVRIFNLIGMMLLLCHWDGCLQFLVP
LLQDFPPDCWVSLNEMVNDSWGKQYSYALFKAMSHMLCIGYGAQAPVSMSDLWITMLSMIVGATCYAMFVGHATALIQSL
DSSRRQYQEKYKQVEQYMSFHKLPADMRQKIHDYYEHRYQGKIFDEENILNELNDPLREEIVNFNCRKLVATMPLFANAD
PNFVTAMLSKLRFEVFQPGDYIIREGAVGKKMYFIQHGVAGVITKSSKEMKLTDGSYFGEICLLTKGRRTASVRADTYCR
LYSLSVDNFNEVLEEYPMMRRAFETVAIDRLDRIGKKNSILLQKFQKDLNTGVFNNQENEILKQIVKHDREMVQAALPRE
SSSVLNTDPDAEKPRFASNL
;
_entity_poly.pdbx_strand_id   A,B,C,D
#
# COMPACT_ATOMS: atom_id res chain seq x y z
N MET A 94 -41.41 24.71 28.39
CA MET A 94 -40.30 25.29 27.64
C MET A 94 -38.96 24.86 28.20
N GLN A 95 -38.86 24.89 29.54
CA GLN A 95 -37.63 24.48 30.20
C GLN A 95 -37.39 22.98 30.07
N ARG A 96 -38.46 22.19 29.97
CA ARG A 96 -38.31 20.77 29.67
C ARG A 96 -37.75 20.56 28.27
N GLN A 97 -38.18 21.40 27.31
CA GLN A 97 -37.60 21.34 25.98
C GLN A 97 -36.14 21.77 25.99
N PHE A 98 -35.79 22.73 26.85
CA PHE A 98 -34.40 23.15 26.98
C PHE A 98 -33.53 22.03 27.57
N THR A 99 -34.07 21.31 28.57
CA THR A 99 -33.33 20.20 29.17
C THR A 99 -33.18 19.05 28.19
N SER A 100 -34.22 18.79 27.39
CA SER A 100 -34.14 17.71 26.40
C SER A 100 -33.20 18.10 25.26
N MET A 101 -33.07 19.40 24.99
CA MET A 101 -32.09 19.84 24.00
C MET A 101 -30.68 19.69 24.55
N LEU A 102 -30.47 20.05 25.82
CA LEU A 102 -29.14 20.01 26.39
C LEU A 102 -28.65 18.60 26.63
N GLN A 103 -29.58 17.67 26.92
CA GLN A 103 -29.21 16.27 27.04
C GLN A 103 -28.87 15.69 25.67
N PRO A 104 -28.04 14.64 25.61
CA PRO A 104 -27.76 14.03 24.30
C PRO A 104 -28.99 13.33 23.75
N GLY A 105 -29.17 13.44 22.44
CA GLY A 105 -30.29 12.83 21.78
C GLY A 105 -29.88 11.59 21.03
N VAL A 106 -30.86 10.73 20.78
CA VAL A 106 -30.64 9.51 20.01
C VAL A 106 -30.41 9.93 18.56
N ASN A 107 -29.21 9.65 18.07
CA ASN A 107 -28.83 9.89 16.69
C ASN A 107 -27.90 8.79 16.24
N LYS A 108 -27.49 8.87 14.97
CA LYS A 108 -26.63 7.84 14.39
C LYS A 108 -25.25 7.87 15.02
N PHE A 109 -24.70 9.08 15.21
CA PHE A 109 -23.44 9.22 15.93
C PHE A 109 -23.59 8.81 17.38
N SER A 110 -24.77 9.06 17.96
CA SER A 110 -25.01 8.66 19.34
C SER A 110 -25.02 7.15 19.48
N LEU A 111 -25.61 6.46 18.51
CA LEU A 111 -25.64 5.00 18.55
C LEU A 111 -24.26 4.41 18.27
N ARG A 112 -23.51 5.05 17.37
CA ARG A 112 -22.15 4.60 17.08
C ARG A 112 -21.23 4.82 18.27
N MET A 113 -21.50 5.85 19.07
CA MET A 113 -20.70 6.07 20.28
C MET A 113 -21.12 5.11 21.39
N PHE A 114 -22.43 4.91 21.58
CA PHE A 114 -22.92 4.35 22.82
C PHE A 114 -23.33 2.89 22.73
N GLY A 115 -23.54 2.35 21.55
CA GLY A 115 -23.93 0.94 21.43
C GLY A 115 -25.45 0.77 21.56
N SER A 116 -25.91 0.43 22.75
CA SER A 116 -27.33 0.24 22.97
C SER A 116 -27.98 1.51 23.48
N GLN A 117 -29.31 1.58 23.35
CA GLN A 117 -30.07 2.74 23.78
C GLN A 117 -30.07 2.92 25.29
N LYS A 118 -29.76 1.85 26.03
CA LYS A 118 -29.61 1.96 27.48
C LYS A 118 -28.46 2.87 27.84
N ALA A 119 -27.40 2.89 27.03
CA ALA A 119 -26.32 3.85 27.26
C ALA A 119 -26.75 5.28 26.97
N VAL A 120 -27.68 5.47 26.03
CA VAL A 120 -28.22 6.80 25.75
C VAL A 120 -29.08 7.28 26.92
N GLU A 121 -29.87 6.37 27.50
CA GLU A 121 -30.65 6.72 28.70
C GLU A 121 -29.73 6.98 29.89
N LYS A 122 -28.64 6.22 29.99
CA LYS A 122 -27.64 6.43 31.03
C LYS A 122 -26.99 7.80 30.90
N GLU A 123 -26.66 8.20 29.68
CA GLU A 123 -26.07 9.52 29.43
C GLU A 123 -27.09 10.62 29.71
N GLN A 124 -28.36 10.36 29.42
CA GLN A 124 -29.41 11.33 29.69
C GLN A 124 -29.55 11.58 31.19
N GLU A 125 -29.51 10.53 31.99
CA GLU A 125 -29.54 10.73 33.45
C GLU A 125 -28.25 11.35 33.97
N ARG A 126 -27.11 10.99 33.34
CA ARG A 126 -25.82 11.55 33.73
C ARG A 126 -25.75 13.06 33.49
N VAL A 127 -26.39 13.53 32.43
CA VAL A 127 -26.57 14.96 32.23
C VAL A 127 -27.60 15.51 33.20
N LYS A 128 -28.65 14.74 33.49
CA LYS A 128 -29.70 15.20 34.41
C LYS A 128 -29.27 15.24 35.86
N THR A 129 -28.03 14.82 36.19
CA THR A 129 -27.51 14.99 37.55
C THR A 129 -27.43 16.46 37.94
N ALA A 130 -26.64 17.25 37.22
CA ALA A 130 -26.46 18.66 37.56
C ALA A 130 -27.66 19.48 37.10
N GLY A 131 -27.80 20.69 37.65
CA GLY A 131 -29.01 21.46 37.49
C GLY A 131 -28.88 22.63 36.54
N PHE A 132 -29.70 22.63 35.49
CA PHE A 132 -30.03 23.77 34.62
C PHE A 132 -28.85 24.33 33.84
N TRP A 133 -27.69 23.69 33.89
CA TRP A 133 -26.47 24.29 33.34
C TRP A 133 -25.88 23.48 32.20
N ILE A 134 -25.66 22.19 32.39
CA ILE A 134 -24.68 21.46 31.60
C ILE A 134 -25.26 21.05 30.26
N ILE A 135 -24.46 21.15 29.21
CA ILE A 135 -24.81 20.73 27.87
C ILE A 135 -23.80 19.70 27.41
N HIS A 136 -24.23 18.75 26.64
CA HIS A 136 -23.37 17.63 26.30
C HIS A 136 -22.78 17.83 24.92
N PRO A 137 -21.53 17.39 24.69
CA PRO A 137 -20.89 17.63 23.38
C PRO A 137 -21.44 16.82 22.23
N TYR A 138 -22.51 16.06 22.41
CA TYR A 138 -23.23 15.46 21.31
C TYR A 138 -24.65 15.98 21.19
N SER A 139 -25.02 16.96 22.01
CA SER A 139 -26.41 17.41 22.02
C SER A 139 -26.70 18.28 20.80
N ASP A 140 -27.98 18.32 20.43
CA ASP A 140 -28.41 19.13 19.30
C ASP A 140 -28.23 20.61 19.56
N PHE A 141 -28.26 21.02 20.84
CA PHE A 141 -27.98 22.40 21.20
C PHE A 141 -26.54 22.78 20.87
N ARG A 142 -25.58 21.92 21.25
CA ARG A 142 -24.19 22.20 20.93
C ARG A 142 -23.93 22.10 19.44
N PHE A 143 -24.66 21.24 18.73
CA PHE A 143 -24.51 21.15 17.28
C PHE A 143 -25.01 22.42 16.60
N TYR A 144 -26.18 22.93 17.00
CA TYR A 144 -26.70 24.12 16.37
C TYR A 144 -25.91 25.36 16.78
N TRP A 145 -25.36 25.38 17.99
CA TRP A 145 -24.52 26.49 18.38
C TRP A 145 -23.20 26.48 17.64
N ASP A 146 -22.65 25.29 17.42
CA ASP A 146 -21.50 25.10 16.53
C ASP A 146 -21.77 25.69 15.14
N LEU A 147 -22.93 25.36 14.56
CA LEU A 147 -23.21 25.81 13.19
C LEU A 147 -23.43 27.32 13.12
N ILE A 148 -24.15 27.89 14.09
CA ILE A 148 -24.41 29.33 14.07
C ILE A 148 -23.12 30.10 14.28
N MET A 149 -22.25 29.62 15.19
CA MET A 149 -20.98 30.29 15.39
C MET A 149 -20.06 30.12 14.20
N LEU A 150 -20.21 29.03 13.44
CA LEU A 150 -19.36 28.89 12.26
C LEU A 150 -19.79 29.84 11.15
N ILE A 151 -21.11 30.03 10.99
CA ILE A 151 -21.59 30.99 10.00
C ILE A 151 -21.15 32.40 10.36
N MET A 152 -21.30 32.76 11.63
CA MET A 152 -20.88 34.09 12.08
C MET A 152 -19.38 34.28 12.00
N MET A 153 -18.61 33.20 12.18
CA MET A 153 -17.16 33.30 12.12
C MET A 153 -16.68 33.53 10.70
N VAL A 154 -17.22 32.78 9.73
CA VAL A 154 -16.73 32.97 8.37
C VAL A 154 -17.19 34.32 7.83
N GLY A 155 -18.37 34.79 8.27
CA GLY A 155 -18.81 36.12 7.93
C GLY A 155 -17.90 37.20 8.48
N ASN A 156 -17.51 37.08 9.74
CA ASN A 156 -16.70 38.11 10.36
C ASN A 156 -15.26 38.10 9.84
N LEU A 157 -14.72 36.91 9.57
CA LEU A 157 -13.35 36.83 9.08
C LEU A 157 -13.25 37.20 7.61
N VAL A 158 -14.36 37.21 6.91
CA VAL A 158 -14.32 37.83 5.58
C VAL A 158 -14.43 39.35 5.69
N ILE A 159 -15.35 39.84 6.52
CA ILE A 159 -15.56 41.28 6.63
C ILE A 159 -14.72 42.04 7.65
N ILE A 160 -13.88 41.40 8.45
CA ILE A 160 -13.08 42.20 9.41
C ILE A 160 -11.87 42.96 8.85
N PRO A 161 -10.94 42.23 8.21
CA PRO A 161 -9.72 42.80 7.65
C PRO A 161 -10.01 43.83 6.57
N VAL A 162 -10.98 43.57 5.70
CA VAL A 162 -11.33 44.52 4.65
C VAL A 162 -11.84 45.82 5.26
N GLY A 163 -12.65 45.70 6.30
CA GLY A 163 -13.16 46.85 6.99
C GLY A 163 -12.04 47.67 7.60
N ILE A 164 -11.03 47.00 8.17
CA ILE A 164 -9.92 47.74 8.78
C ILE A 164 -9.07 48.64 7.87
N THR A 165 -8.53 48.07 6.79
CA THR A 165 -7.66 48.76 5.85
C THR A 165 -8.40 49.84 5.08
N PHE A 166 -9.39 49.48 4.27
CA PHE A 166 -9.89 50.46 3.33
C PHE A 166 -10.93 51.40 3.90
N PHE A 167 -11.27 51.32 5.18
CA PHE A 167 -12.26 52.24 5.71
C PHE A 167 -11.62 53.10 6.80
N THR A 168 -11.07 54.24 6.39
CA THR A 168 -10.42 55.14 7.33
C THR A 168 -11.42 55.91 8.19
N GLU A 169 -12.72 55.83 7.90
CA GLU A 169 -13.76 56.35 8.77
C GLU A 169 -14.46 55.16 9.40
N GLN A 170 -13.92 54.69 10.52
CA GLN A 170 -14.40 53.47 11.17
C GLN A 170 -15.15 53.77 12.46
N THR A 171 -15.83 54.91 12.51
CA THR A 171 -16.59 55.30 13.70
C THR A 171 -18.06 55.51 13.38
N THR A 172 -18.49 55.03 12.22
CA THR A 172 -19.87 55.17 11.80
C THR A 172 -20.79 54.29 12.65
N THR A 173 -22.04 54.70 12.78
CA THR A 173 -23.01 53.96 13.60
C THR A 173 -23.25 52.56 13.06
N PRO A 174 -23.35 52.43 11.72
CA PRO A 174 -23.56 51.09 11.14
C PRO A 174 -22.41 50.16 11.45
N TRP A 175 -21.18 50.67 11.40
CA TRP A 175 -20.00 49.87 11.68
C TRP A 175 -19.86 49.49 13.16
N ILE A 176 -20.24 50.40 14.04
CA ILE A 176 -20.14 50.12 15.48
C ILE A 176 -21.22 49.14 15.91
N ILE A 177 -22.39 49.20 15.27
CA ILE A 177 -23.49 48.30 15.61
C ILE A 177 -23.13 46.87 15.25
N PHE A 178 -22.54 46.68 14.07
CA PHE A 178 -22.08 45.35 13.67
C PHE A 178 -20.97 44.85 14.58
N ASN A 179 -20.04 45.74 14.98
CA ASN A 179 -18.93 45.34 15.83
C ASN A 179 -19.41 44.87 17.21
N VAL A 180 -20.33 45.63 17.83
CA VAL A 180 -20.78 45.21 19.15
C VAL A 180 -21.71 44.01 19.05
N ALA A 181 -22.38 43.82 17.91
CA ALA A 181 -23.19 42.64 17.71
C ALA A 181 -22.33 41.38 17.69
N SER A 182 -21.28 41.38 16.85
CA SER A 182 -20.40 40.22 16.80
C SER A 182 -19.63 40.03 18.11
N ASP A 183 -19.36 41.14 18.81
CA ASP A 183 -18.68 41.06 20.10
C ASP A 183 -19.53 40.34 21.14
N THR A 184 -20.80 40.74 21.30
CA THR A 184 -21.63 40.07 22.28
C THR A 184 -21.99 38.66 21.86
N VAL A 185 -21.99 38.37 20.55
CA VAL A 185 -22.21 37.01 20.09
C VAL A 185 -21.04 36.11 20.48
N PHE A 186 -19.82 36.62 20.36
CA PHE A 186 -18.71 35.74 20.73
C PHE A 186 -18.44 35.73 22.23
N LEU A 187 -18.92 36.72 22.97
CA LEU A 187 -18.90 36.58 24.42
C LEU A 187 -19.91 35.53 24.89
N LEU A 188 -21.06 35.46 24.22
CA LEU A 188 -21.99 34.36 24.45
C LEU A 188 -21.34 33.02 24.17
N ASP A 189 -20.60 32.94 23.07
CA ASP A 189 -19.94 31.67 22.75
C ASP A 189 -18.82 31.34 23.72
N LEU A 190 -18.19 32.34 24.33
CA LEU A 190 -17.15 32.03 25.31
C LEU A 190 -17.74 31.55 26.64
N ILE A 191 -18.87 32.13 27.05
CA ILE A 191 -19.51 31.64 28.28
C ILE A 191 -20.08 30.25 28.06
N MET A 192 -20.60 29.97 26.86
CA MET A 192 -21.03 28.61 26.57
C MET A 192 -19.83 27.68 26.43
N ASN A 193 -18.66 28.23 26.10
CA ASN A 193 -17.44 27.43 26.10
C ASN A 193 -17.02 27.09 27.52
N PHE A 194 -17.38 27.94 28.50
CA PHE A 194 -17.25 27.53 29.89
C PHE A 194 -18.25 26.43 30.23
N ARG A 195 -19.51 26.60 29.84
CA ARG A 195 -20.53 25.67 30.31
C ARG A 195 -20.68 24.44 29.43
N THR A 196 -19.69 24.13 28.60
CA THR A 196 -19.71 22.90 27.81
C THR A 196 -19.09 21.76 28.59
N GLY A 197 -18.82 20.66 27.88
CA GLY A 197 -18.11 19.53 28.45
C GLY A 197 -17.35 18.78 27.38
N THR A 198 -16.16 18.28 27.69
CA THR A 198 -15.34 17.62 26.69
C THR A 198 -15.39 16.11 26.86
N VAL A 199 -14.62 15.40 26.03
CA VAL A 199 -14.53 13.95 26.07
C VAL A 199 -13.07 13.57 25.91
N ASN A 200 -12.48 13.02 26.96
CA ASN A 200 -11.07 12.64 26.93
C ASN A 200 -10.86 11.35 26.14
N SER A 203 -11.73 7.41 26.36
CA SER A 203 -12.27 7.51 27.70
C SER A 203 -13.71 8.04 27.67
N SER A 204 -14.26 8.31 28.85
CA SER A 204 -15.63 8.75 28.96
C SER A 204 -15.73 10.27 28.81
N GLU A 205 -16.95 10.74 28.57
CA GLU A 205 -17.20 12.17 28.43
C GLU A 205 -17.21 12.82 29.81
N ILE A 206 -16.26 13.73 30.04
CA ILE A 206 -16.16 14.41 31.33
C ILE A 206 -17.28 15.43 31.44
N ILE A 207 -18.01 15.40 32.56
CA ILE A 207 -19.12 16.32 32.77
C ILE A 207 -18.99 16.97 34.15
N LEU A 208 -17.76 17.04 34.66
CA LEU A 208 -17.50 17.65 35.96
C LEU A 208 -17.26 19.14 35.77
N ASP A 209 -18.27 19.95 36.12
CA ASP A 209 -18.22 21.38 35.80
C ASP A 209 -17.19 22.16 36.61
N PRO A 210 -17.34 22.34 37.94
CA PRO A 210 -16.72 23.52 38.56
C PRO A 210 -15.22 23.43 38.75
N LYS A 211 -14.63 22.25 38.63
CA LYS A 211 -13.20 22.09 38.76
C LYS A 211 -12.53 21.55 37.50
N VAL A 212 -13.03 20.43 36.97
CA VAL A 212 -12.30 19.69 35.94
C VAL A 212 -12.36 20.43 34.61
N ILE A 213 -13.57 20.70 34.11
CA ILE A 213 -13.68 21.30 32.79
C ILE A 213 -13.31 22.78 32.85
N LYS A 214 -13.48 23.41 34.02
CA LYS A 214 -13.07 24.80 34.17
C LYS A 214 -11.56 24.92 34.16
N MET A 215 -10.87 24.01 34.85
CA MET A 215 -9.41 24.01 34.86
C MET A 215 -8.85 23.63 33.50
N ASN A 216 -9.47 22.65 32.83
CA ASN A 216 -8.97 22.21 31.52
C ASN A 216 -9.17 23.29 30.46
N TYR A 217 -10.33 23.96 30.48
CA TYR A 217 -10.57 25.01 29.49
C TYR A 217 -9.75 26.26 29.79
N LEU A 218 -9.59 26.60 31.08
CA LEU A 218 -8.79 27.76 31.43
C LEU A 218 -7.30 27.52 31.23
N LYS A 219 -6.88 26.26 31.16
CA LYS A 219 -5.51 25.95 30.77
C LYS A 219 -5.35 25.72 29.27
N SER A 220 -6.44 25.54 28.52
CA SER A 220 -6.31 25.18 27.12
C SER A 220 -6.36 26.39 26.20
N TRP A 221 -7.47 27.12 26.17
CA TRP A 221 -7.71 28.10 25.11
C TRP A 221 -8.26 29.44 25.58
N PHE A 222 -8.24 29.74 26.88
CA PHE A 222 -8.96 30.90 27.36
C PHE A 222 -8.28 32.20 26.97
N VAL A 223 -6.95 32.21 26.87
CA VAL A 223 -6.26 33.43 26.45
C VAL A 223 -6.53 33.70 24.97
N VAL A 224 -6.36 32.67 24.14
CA VAL A 224 -6.59 32.80 22.71
C VAL A 224 -8.06 32.92 22.33
N ASP A 225 -8.97 32.83 23.28
CA ASP A 225 -10.35 33.26 23.02
C ASP A 225 -10.68 34.62 23.65
N PHE A 226 -10.15 34.92 24.82
CA PHE A 226 -10.48 36.16 25.51
C PHE A 226 -9.82 37.37 24.89
N ILE A 227 -8.72 37.18 24.14
CA ILE A 227 -8.22 38.29 23.35
C ILE A 227 -9.20 38.62 22.23
N SER A 228 -9.69 37.61 21.53
CA SER A 228 -10.53 37.82 20.35
C SER A 228 -11.98 38.11 20.68
N SER A 229 -12.38 37.96 21.94
CA SER A 229 -13.79 38.18 22.25
C SER A 229 -14.17 39.64 22.36
N ILE A 230 -13.61 40.33 23.35
CA ILE A 230 -14.11 41.63 23.76
C ILE A 230 -13.50 42.67 22.82
N PRO A 231 -14.19 43.76 22.50
CA PRO A 231 -13.61 44.78 21.64
C PRO A 231 -12.56 45.63 22.32
N VAL A 232 -11.30 45.19 22.27
CA VAL A 232 -10.18 45.97 22.82
C VAL A 232 -9.98 47.31 22.13
N ASP A 233 -10.58 47.52 20.96
CA ASP A 233 -10.38 48.74 20.21
C ASP A 233 -11.14 49.92 20.77
N TYR A 234 -12.19 49.69 21.54
CA TYR A 234 -12.96 50.76 22.15
C TYR A 234 -12.52 50.99 23.60
N ILE A 235 -12.05 49.93 24.25
CA ILE A 235 -11.53 50.03 25.61
C ILE A 235 -10.26 50.87 25.63
N PHE A 236 -9.32 50.56 24.74
CA PHE A 236 -8.07 51.33 24.66
C PHE A 236 -8.33 52.75 24.21
N LEU A 237 -9.33 52.94 23.35
CA LEU A 237 -9.70 54.28 22.90
C LEU A 237 -10.28 55.12 24.04
N ILE A 238 -11.13 54.54 24.89
CA ILE A 238 -11.70 55.32 25.98
C ILE A 238 -10.67 55.48 27.10
N VAL A 239 -9.67 54.61 27.15
CA VAL A 239 -8.55 54.82 28.08
C VAL A 239 -7.72 56.02 27.64
N GLU A 240 -7.38 56.08 26.35
CA GLU A 240 -6.58 57.20 25.84
C GLU A 240 -7.40 58.49 25.76
N LYS A 241 -8.73 58.38 25.73
CA LYS A 241 -9.57 59.57 25.83
C LYS A 241 -9.73 60.02 27.28
N GLY A 242 -9.64 59.09 28.22
CA GLY A 242 -9.74 59.43 29.63
C GLY A 242 -8.39 59.68 30.28
N ALA A 253 -2.44 62.97 17.58
CA ALA A 253 -3.08 61.71 17.97
C ALA A 253 -3.07 60.72 16.81
N LEU A 254 -2.26 61.02 15.79
CA LEU A 254 -2.19 60.18 14.61
C LEU A 254 -1.57 58.82 14.94
N ARG A 255 -0.66 58.80 15.90
CA ARG A 255 -0.14 57.51 16.37
C ARG A 255 -1.22 56.70 17.07
N ILE A 256 -2.15 57.37 17.75
CA ILE A 256 -3.25 56.65 18.41
C ILE A 256 -4.25 56.14 17.37
N VAL A 257 -4.46 56.89 16.30
CA VAL A 257 -5.31 56.39 15.21
C VAL A 257 -4.66 55.19 14.52
N ARG A 258 -3.33 55.22 14.37
CA ARG A 258 -2.61 54.05 13.87
C ARG A 258 -2.79 52.86 14.80
N PHE A 259 -2.68 53.10 16.12
CA PHE A 259 -2.74 52.01 17.08
C PHE A 259 -4.14 51.42 17.20
N THR A 260 -5.17 52.24 16.96
CA THR A 260 -6.53 51.68 16.97
C THR A 260 -6.91 51.09 15.62
N LYS A 261 -6.13 51.38 14.57
CA LYS A 261 -6.27 50.57 13.37
C LYS A 261 -5.56 49.23 13.51
N ILE A 262 -4.53 49.15 14.35
CA ILE A 262 -3.83 47.88 14.47
C ILE A 262 -4.64 46.87 15.25
N LEU A 263 -5.11 47.24 16.45
CA LEU A 263 -5.54 46.25 17.44
C LEU A 263 -6.83 45.53 17.05
N SER A 264 -7.57 46.07 16.07
CA SER A 264 -8.71 45.36 15.52
C SER A 264 -8.32 44.05 14.87
N LEU A 265 -7.08 43.92 14.37
CA LEU A 265 -6.63 42.64 13.83
C LEU A 265 -6.48 41.58 14.90
N LEU A 266 -6.56 41.94 16.18
CA LEU A 266 -6.66 40.95 17.24
C LEU A 266 -7.92 40.12 17.12
N ARG A 267 -8.94 40.59 16.43
CA ARG A 267 -10.11 39.76 16.17
C ARG A 267 -9.85 38.68 15.12
N LEU A 268 -8.70 38.71 14.43
CA LEU A 268 -8.36 37.58 13.56
C LEU A 268 -8.06 36.32 14.36
N LEU A 269 -7.78 36.44 15.66
CA LEU A 269 -7.71 35.28 16.54
C LEU A 269 -9.06 34.66 16.84
N ARG A 270 -10.14 35.10 16.18
CA ARG A 270 -11.34 34.29 16.10
C ARG A 270 -11.17 33.11 15.16
N LEU A 271 -10.04 33.04 14.45
CA LEU A 271 -9.83 31.96 13.48
C LEU A 271 -9.69 30.59 14.15
N SER A 272 -9.04 30.52 15.32
CA SER A 272 -8.75 29.22 15.94
C SER A 272 -10.02 28.52 16.38
N ARG A 273 -11.04 29.30 16.73
CA ARG A 273 -12.34 28.72 17.04
C ARG A 273 -12.97 28.07 15.82
N LEU A 274 -12.69 28.61 14.62
CA LEU A 274 -13.28 28.05 13.41
C LEU A 274 -12.70 26.68 13.08
N ILE A 275 -11.39 26.52 13.18
CA ILE A 275 -10.80 25.22 12.88
C ILE A 275 -11.11 24.24 14.00
N ARG A 276 -11.14 24.73 15.25
CA ARG A 276 -11.46 23.87 16.38
C ARG A 276 -12.90 23.37 16.34
N TYR A 277 -13.80 24.14 15.73
CA TYR A 277 -15.16 23.68 15.57
C TYR A 277 -15.33 22.83 14.31
N ILE A 278 -14.59 23.16 13.25
CA ILE A 278 -14.77 22.46 11.99
C ILE A 278 -14.18 21.06 12.06
N HIS A 279 -13.28 20.81 13.02
CA HIS A 279 -12.82 19.44 13.27
C HIS A 279 -13.98 18.52 13.64
N GLN A 280 -14.72 18.89 14.69
CA GLN A 280 -15.89 18.14 15.13
C GLN A 280 -16.97 18.12 14.06
N TRP A 281 -17.22 19.25 13.41
CA TRP A 281 -18.33 19.33 12.46
C TRP A 281 -18.07 18.47 11.23
N GLU A 282 -16.84 18.49 10.69
CA GLU A 282 -16.55 17.66 9.53
C GLU A 282 -16.47 16.19 9.90
N GLU A 283 -15.98 15.85 11.09
CA GLU A 283 -15.94 14.43 11.43
C GLU A 283 -17.34 13.90 11.75
N ILE A 284 -18.27 14.79 12.10
CA ILE A 284 -19.65 14.36 12.25
C ILE A 284 -20.31 14.19 10.90
N PHE A 285 -20.28 15.22 10.05
CA PHE A 285 -21.08 15.24 8.83
C PHE A 285 -20.28 14.95 7.56
N HIS A 286 -19.15 14.24 7.67
CA HIS A 286 -18.42 13.84 6.48
C HIS A 286 -18.06 12.35 6.46
N MET A 287 -18.62 11.55 7.37
CA MET A 287 -18.39 10.12 7.35
C MET A 287 -19.39 9.37 6.50
N THR A 288 -20.01 10.01 5.51
CA THR A 288 -21.07 9.38 4.75
C THR A 288 -20.51 8.47 3.65
N ASP A 289 -19.78 9.04 2.70
CA ASP A 289 -19.38 8.29 1.51
C ASP A 289 -17.97 8.69 1.09
N ASP A 290 -17.55 8.20 -0.07
CA ASP A 290 -16.20 8.45 -0.55
C ASP A 290 -16.12 9.73 -1.34
N LEU A 291 -17.11 10.01 -2.20
CA LEU A 291 -17.07 11.19 -3.05
C LEU A 291 -17.35 12.45 -2.25
N ALA A 292 -18.33 12.39 -1.33
CA ALA A 292 -18.78 13.58 -0.60
C ALA A 292 -17.70 14.07 0.37
N SER A 293 -17.05 13.14 1.08
CA SER A 293 -15.99 13.51 2.00
C SER A 293 -14.80 14.12 1.27
N ALA A 294 -14.44 13.55 0.12
CA ALA A 294 -13.33 14.05 -0.67
C ALA A 294 -13.62 15.45 -1.23
N VAL A 295 -14.84 15.65 -1.74
CA VAL A 295 -15.18 16.93 -2.34
C VAL A 295 -15.32 18.00 -1.27
N VAL A 296 -15.84 17.66 -0.09
CA VAL A 296 -15.91 18.67 0.96
C VAL A 296 -14.51 18.95 1.53
N ARG A 297 -13.58 17.98 1.44
CA ARG A 297 -12.22 18.25 1.91
C ARG A 297 -11.47 19.16 0.94
N ILE A 298 -11.61 18.93 -0.37
CA ILE A 298 -10.92 19.78 -1.32
C ILE A 298 -11.54 21.18 -1.34
N PHE A 299 -12.85 21.28 -1.13
CA PHE A 299 -13.44 22.61 -1.08
C PHE A 299 -13.15 23.30 0.25
N ASN A 300 -12.93 22.53 1.32
CA ASN A 300 -12.41 23.07 2.57
C ASN A 300 -11.04 23.70 2.34
N LEU A 301 -10.17 23.00 1.62
CA LEU A 301 -8.82 23.52 1.42
C LEU A 301 -8.82 24.73 0.49
N ILE A 302 -9.65 24.72 -0.56
CA ILE A 302 -9.64 25.88 -1.44
C ILE A 302 -10.35 27.07 -0.79
N GLY A 303 -11.25 26.83 0.16
CA GLY A 303 -11.78 27.92 0.94
C GLY A 303 -10.73 28.52 1.86
N MET A 304 -9.88 27.67 2.44
CA MET A 304 -8.78 28.17 3.26
C MET A 304 -7.79 28.98 2.42
N MET A 305 -7.52 28.54 1.20
CA MET A 305 -6.59 29.27 0.34
C MET A 305 -7.15 30.61 -0.08
N LEU A 306 -8.45 30.69 -0.36
CA LEU A 306 -9.02 31.98 -0.70
C LEU A 306 -9.08 32.91 0.51
N LEU A 307 -9.23 32.35 1.70
CA LEU A 307 -9.18 33.18 2.89
C LEU A 307 -7.79 33.76 3.11
N LEU A 308 -6.75 32.97 2.86
CA LEU A 308 -5.40 33.51 3.00
C LEU A 308 -5.08 34.52 1.92
N CYS A 309 -5.58 34.31 0.70
CA CYS A 309 -5.41 35.30 -0.36
C CYS A 309 -6.09 36.60 0.00
N HIS A 310 -7.26 36.52 0.62
CA HIS A 310 -7.97 37.73 1.00
C HIS A 310 -7.25 38.47 2.13
N TRP A 311 -6.74 37.73 3.13
CA TRP A 311 -6.02 38.36 4.23
C TRP A 311 -4.74 39.02 3.75
N ASP A 312 -4.01 38.34 2.85
CA ASP A 312 -2.80 38.92 2.31
C ASP A 312 -3.11 40.15 1.46
N GLY A 313 -4.23 40.12 0.75
CA GLY A 313 -4.63 41.28 -0.02
C GLY A 313 -5.00 42.47 0.85
N CYS A 314 -5.50 42.21 2.04
CA CYS A 314 -5.65 43.35 2.93
C CYS A 314 -4.33 43.80 3.53
N LEU A 315 -3.37 42.88 3.69
CA LEU A 315 -2.09 43.23 4.31
C LEU A 315 -1.27 44.15 3.40
N GLN A 316 -1.28 43.85 2.09
CA GLN A 316 -0.45 44.59 1.14
C GLN A 316 -0.90 46.02 0.98
N PHE A 317 -2.11 46.34 1.44
CA PHE A 317 -2.52 47.73 1.49
C PHE A 317 -2.42 48.27 2.91
N LEU A 318 -2.47 47.38 3.91
CA LEU A 318 -2.43 47.86 5.28
C LEU A 318 -1.08 48.47 5.61
N VAL A 319 0.01 47.86 5.19
CA VAL A 319 1.33 48.36 5.57
C VAL A 319 1.73 49.62 4.81
N PRO A 320 1.39 49.82 3.52
CA PRO A 320 1.49 51.18 2.98
C PRO A 320 0.48 52.17 3.55
N LEU A 321 -0.48 51.73 4.35
CA LEU A 321 -1.42 52.66 4.95
C LEU A 321 -0.89 53.20 6.27
N LEU A 322 -0.24 52.33 7.06
CA LEU A 322 0.24 52.74 8.36
C LEU A 322 1.44 53.66 8.28
N GLN A 323 2.10 53.76 7.14
CA GLN A 323 3.18 54.69 6.95
C GLN A 323 2.74 55.93 6.17
N ASP A 324 1.42 56.13 6.04
CA ASP A 324 0.81 57.28 5.39
C ASP A 324 1.24 57.44 3.94
N PHE A 325 1.41 56.31 3.24
CA PHE A 325 1.71 56.22 1.81
C PHE A 325 2.99 56.95 1.43
N PRO A 326 4.15 56.39 1.74
CA PRO A 326 5.43 57.04 1.38
C PRO A 326 5.60 57.10 -0.13
N PRO A 327 6.42 58.03 -0.64
CA PRO A 327 6.42 58.27 -2.09
C PRO A 327 7.15 57.24 -2.91
N ASP A 328 7.49 56.07 -2.38
CA ASP A 328 8.11 55.04 -3.17
C ASP A 328 7.43 53.69 -3.07
N CYS A 329 6.40 53.53 -2.24
CA CYS A 329 5.69 52.27 -2.18
C CYS A 329 4.76 52.15 -3.37
N TRP A 330 4.19 50.94 -3.53
CA TRP A 330 3.51 50.61 -4.79
C TRP A 330 2.25 51.43 -4.97
N VAL A 331 1.62 51.87 -3.88
CA VAL A 331 0.37 52.60 -4.00
C VAL A 331 0.62 53.97 -4.58
N SER A 332 1.60 54.70 -4.04
CA SER A 332 1.84 56.01 -4.62
C SER A 332 2.73 55.93 -5.85
N LEU A 333 3.22 54.76 -6.23
CA LEU A 333 3.82 54.63 -7.55
C LEU A 333 2.75 54.44 -8.61
N ASN A 334 1.76 53.60 -8.32
CA ASN A 334 0.70 53.38 -9.29
C ASN A 334 -0.31 54.52 -9.27
N GLU A 335 -0.18 55.43 -8.30
CA GLU A 335 -1.00 56.62 -8.14
C GLU A 335 -2.47 56.24 -7.95
N MET A 336 -2.73 55.51 -6.89
CA MET A 336 -4.09 55.13 -6.56
C MET A 336 -4.36 55.34 -5.09
N VAL A 337 -3.86 56.44 -4.53
CA VAL A 337 -4.30 56.82 -3.20
C VAL A 337 -5.69 57.41 -3.26
N ASN A 338 -6.07 57.98 -4.41
CA ASN A 338 -7.34 58.67 -4.56
C ASN A 338 -8.44 57.82 -5.18
N ASP A 339 -8.10 56.66 -5.75
CA ASP A 339 -9.11 55.84 -6.38
C ASP A 339 -10.01 55.21 -5.34
N SER A 340 -11.28 55.00 -5.71
CA SER A 340 -12.29 54.53 -4.77
C SER A 340 -12.03 53.07 -4.40
N TRP A 341 -12.56 52.68 -3.23
CA TRP A 341 -12.02 51.53 -2.50
C TRP A 341 -12.20 50.21 -3.22
N GLY A 342 -13.14 50.14 -4.16
CA GLY A 342 -13.26 48.94 -4.98
C GLY A 342 -12.03 48.71 -5.82
N LYS A 343 -11.47 49.79 -6.36
CA LYS A 343 -10.29 49.66 -7.20
C LYS A 343 -9.06 49.29 -6.38
N GLN A 344 -8.92 49.89 -5.20
CA GLN A 344 -7.79 49.58 -4.35
C GLN A 344 -7.86 48.16 -3.85
N TYR A 345 -9.06 47.69 -3.51
CA TYR A 345 -9.17 46.32 -3.04
C TYR A 345 -8.94 45.32 -4.15
N SER A 346 -9.43 45.62 -5.36
CA SER A 346 -9.20 44.71 -6.47
C SER A 346 -7.72 44.62 -6.81
N TYR A 347 -7.01 45.74 -6.76
CA TYR A 347 -5.60 45.67 -7.08
C TYR A 347 -4.81 45.00 -5.98
N ALA A 348 -5.17 45.24 -4.73
CA ALA A 348 -4.42 44.63 -3.64
C ALA A 348 -4.65 43.12 -3.59
N LEU A 349 -5.87 42.69 -3.90
CA LEU A 349 -6.14 41.26 -3.95
C LEU A 349 -5.47 40.63 -5.14
N PHE A 350 -5.37 41.34 -6.26
CA PHE A 350 -4.69 40.79 -7.42
C PHE A 350 -3.20 40.66 -7.17
N LYS A 351 -2.63 41.62 -6.44
CA LYS A 351 -1.21 41.53 -6.13
C LYS A 351 -0.93 40.38 -5.19
N ALA A 352 -1.80 40.16 -4.21
CA ALA A 352 -1.57 39.05 -3.30
C ALA A 352 -1.83 37.71 -3.96
N MET A 353 -2.75 37.67 -4.92
CA MET A 353 -3.00 36.41 -5.59
C MET A 353 -1.90 36.09 -6.59
N SER A 354 -1.27 37.12 -7.15
CA SER A 354 -0.17 36.86 -8.05
C SER A 354 1.07 36.44 -7.29
N HIS A 355 1.26 36.95 -6.08
CA HIS A 355 2.33 36.42 -5.24
C HIS A 355 2.03 35.01 -4.78
N MET A 356 0.75 34.72 -4.52
CA MET A 356 0.40 33.45 -3.90
C MET A 356 0.59 32.27 -4.85
N LEU A 357 0.20 32.43 -6.10
CA LEU A 357 0.31 31.36 -7.08
C LEU A 357 1.61 31.39 -7.83
N CYS A 358 2.46 32.36 -7.44
CA CYS A 358 3.79 32.65 -7.99
C CYS A 358 3.81 33.20 -9.42
N ILE A 359 2.72 33.76 -9.91
CA ILE A 359 2.75 34.27 -11.27
C ILE A 359 3.69 35.45 -11.56
N GLY A 360 3.67 36.48 -10.73
CA GLY A 360 4.55 37.62 -10.92
C GLY A 360 4.22 38.80 -10.03
N TYR A 361 5.15 39.74 -9.93
CA TYR A 361 4.94 40.94 -9.12
C TYR A 361 3.83 41.75 -9.76
N GLY A 362 3.01 42.39 -8.94
CA GLY A 362 1.93 43.23 -9.45
C GLY A 362 2.53 44.31 -10.34
N ALA A 363 3.46 45.05 -9.76
CA ALA A 363 4.21 46.09 -10.47
C ALA A 363 5.45 45.47 -11.08
N GLN A 364 6.29 46.27 -11.73
CA GLN A 364 7.49 45.68 -12.33
C GLN A 364 8.38 45.06 -11.24
N ALA A 365 8.54 45.78 -10.14
CA ALA A 365 9.34 45.31 -9.02
C ALA A 365 8.97 46.09 -7.77
N PRO A 366 9.38 45.59 -6.60
CA PRO A 366 9.11 46.28 -5.34
C PRO A 366 10.39 47.02 -4.99
N VAL A 367 10.30 48.32 -4.74
CA VAL A 367 11.50 49.10 -4.45
C VAL A 367 11.72 49.43 -2.98
N SER A 368 10.67 49.82 -2.27
CA SER A 368 10.82 50.16 -0.87
C SER A 368 11.02 48.91 -0.04
N MET A 369 11.63 49.09 1.12
CA MET A 369 12.06 47.97 1.94
C MET A 369 10.88 47.22 2.53
N SER A 370 9.84 47.96 2.91
CA SER A 370 8.64 47.35 3.49
C SER A 370 7.93 46.49 2.46
N ASP A 371 7.74 47.03 1.26
CA ASP A 371 7.14 46.27 0.16
C ASP A 371 7.99 45.06 -0.19
N LEU A 372 9.30 45.20 -0.09
CA LEU A 372 10.19 44.10 -0.44
C LEU A 372 10.04 42.94 0.54
N TRP A 373 10.03 43.24 1.83
CA TRP A 373 9.97 42.16 2.80
C TRP A 373 8.58 41.54 2.86
N ILE A 374 7.54 42.34 2.66
CA ILE A 374 6.19 41.79 2.63
C ILE A 374 6.00 40.91 1.42
N THR A 375 6.58 41.31 0.28
CA THR A 375 6.54 40.49 -0.92
C THR A 375 7.22 39.15 -0.69
N MET A 376 8.35 39.14 0.02
CA MET A 376 9.06 37.89 0.23
C MET A 376 8.31 36.96 1.18
N LEU A 377 7.73 37.52 2.25
CA LEU A 377 6.96 36.69 3.17
C LEU A 377 5.71 36.12 2.49
N SER A 378 5.07 36.93 1.65
CA SER A 378 3.91 36.46 0.92
C SER A 378 4.28 35.37 -0.07
N MET A 379 5.47 35.46 -0.67
CA MET A 379 5.91 34.44 -1.59
C MET A 379 6.13 33.11 -0.89
N ILE A 380 6.72 33.16 0.31
CA ILE A 380 6.96 31.93 1.08
C ILE A 380 5.65 31.26 1.46
N VAL A 381 4.70 32.06 1.95
CA VAL A 381 3.41 31.52 2.37
C VAL A 381 2.64 30.95 1.18
N GLY A 382 2.76 31.59 0.02
CA GLY A 382 2.08 31.10 -1.17
C GLY A 382 2.66 29.79 -1.68
N ALA A 383 3.99 29.68 -1.70
CA ALA A 383 4.61 28.45 -2.17
C ALA A 383 4.29 27.29 -1.24
N THR A 384 4.25 27.54 0.07
CA THR A 384 3.93 26.48 1.02
C THR A 384 2.48 26.03 0.89
N CYS A 385 1.56 26.98 0.77
CA CYS A 385 0.15 26.63 0.65
C CYS A 385 -0.15 25.92 -0.66
N TYR A 386 0.55 26.30 -1.73
CA TYR A 386 0.35 25.61 -2.99
C TYR A 386 0.94 24.20 -2.96
N ALA A 387 2.03 24.00 -2.22
CA ALA A 387 2.58 22.65 -2.09
C ALA A 387 1.61 21.76 -1.31
N MET A 388 0.99 22.31 -0.26
CA MET A 388 0.00 21.54 0.49
C MET A 388 -1.21 21.21 -0.36
N PHE A 389 -1.60 22.14 -1.24
CA PHE A 389 -2.75 21.89 -2.10
C PHE A 389 -2.45 20.79 -3.11
N VAL A 390 -1.23 20.78 -3.66
CA VAL A 390 -0.86 19.73 -4.60
C VAL A 390 -0.81 18.37 -3.92
N GLY A 391 -0.33 18.35 -2.67
CA GLY A 391 -0.33 17.11 -1.91
C GLY A 391 -1.72 16.57 -1.65
N HIS A 392 -2.66 17.46 -1.29
CA HIS A 392 -4.01 17.01 -1.03
C HIS A 392 -4.71 16.55 -2.30
N ALA A 393 -4.40 17.18 -3.43
CA ALA A 393 -4.98 16.74 -4.70
C ALA A 393 -4.47 15.35 -5.07
N THR A 394 -3.19 15.09 -4.80
CA THR A 394 -2.63 13.78 -5.08
C THR A 394 -3.26 12.70 -4.20
N ALA A 395 -3.44 13.01 -2.91
CA ALA A 395 -4.03 12.05 -1.99
C ALA A 395 -5.48 11.76 -2.34
N LEU A 396 -6.21 12.79 -2.80
CA LEU A 396 -7.60 12.60 -3.23
C LEU A 396 -7.68 11.72 -4.46
N ILE A 397 -6.75 11.93 -5.41
CA ILE A 397 -6.79 11.14 -6.65
C ILE A 397 -6.47 9.68 -6.37
N GLN A 398 -5.45 9.44 -5.52
CA GLN A 398 -5.12 8.06 -5.19
C GLN A 398 -6.21 7.41 -4.35
N SER A 399 -6.96 8.20 -3.59
CA SER A 399 -8.09 7.61 -2.90
C SER A 399 -9.24 7.29 -3.84
N LEU A 400 -9.40 8.03 -4.93
CA LEU A 400 -10.47 7.70 -5.86
C LEU A 400 -10.12 6.50 -6.72
N ASP A 401 -8.84 6.34 -7.04
CA ASP A 401 -8.46 5.32 -8.02
C ASP A 401 -7.98 4.02 -7.39
N SER A 402 -8.63 3.55 -6.30
CA SER A 402 -8.05 2.47 -5.51
C SER A 402 -8.35 1.10 -6.10
N SER A 403 -9.60 0.88 -6.48
CA SER A 403 -10.07 -0.47 -6.79
C SER A 403 -9.45 -1.01 -8.08
N ARG A 404 -9.41 -0.16 -9.12
CA ARG A 404 -8.77 -0.54 -10.37
C ARG A 404 -7.28 -0.77 -10.17
N ARG A 405 -6.67 0.01 -9.27
CA ARG A 405 -5.27 -0.17 -8.95
C ARG A 405 -5.02 -1.54 -8.33
N GLN A 406 -5.84 -1.92 -7.34
CA GLN A 406 -5.65 -3.19 -6.66
C GLN A 406 -5.89 -4.37 -7.60
N TYR A 407 -6.87 -4.24 -8.50
CA TYR A 407 -7.11 -5.28 -9.48
C TYR A 407 -5.92 -5.42 -10.42
N GLN A 408 -5.30 -4.30 -10.79
CA GLN A 408 -4.12 -4.40 -11.63
C GLN A 408 -2.93 -4.98 -10.87
N GLU A 409 -2.87 -4.79 -9.56
CA GLU A 409 -1.81 -5.41 -8.76
C GLU A 409 -1.92 -6.92 -8.79
N LYS A 410 -3.14 -7.44 -8.56
CA LYS A 410 -3.33 -8.88 -8.59
C LYS A 410 -3.07 -9.44 -9.98
N TYR A 411 -3.47 -8.70 -11.01
CA TYR A 411 -3.25 -9.15 -12.38
C TYR A 411 -1.77 -9.20 -12.73
N LYS A 412 -1.00 -8.20 -12.26
CA LYS A 412 0.43 -8.22 -12.50
C LYS A 412 1.11 -9.34 -11.74
N GLN A 413 0.57 -9.70 -10.56
CA GLN A 413 1.15 -10.80 -9.80
C GLN A 413 0.96 -12.13 -10.53
N VAL A 414 -0.25 -12.39 -11.04
CA VAL A 414 -0.46 -13.66 -11.73
C VAL A 414 0.27 -13.66 -13.07
N GLU A 415 0.48 -12.47 -13.65
CA GLU A 415 1.27 -12.39 -14.86
C GLU A 415 2.73 -12.74 -14.58
N GLN A 416 3.23 -12.32 -13.42
CA GLN A 416 4.60 -12.64 -13.05
C GLN A 416 4.76 -14.12 -12.76
N TYR A 417 3.72 -14.74 -12.20
CA TYR A 417 3.76 -16.18 -11.97
C TYR A 417 3.82 -16.95 -13.28
N MET A 418 2.98 -16.56 -14.24
CA MET A 418 2.97 -17.21 -15.54
C MET A 418 4.26 -16.94 -16.30
N SER A 419 4.88 -15.80 -16.05
CA SER A 419 6.16 -15.52 -16.68
C SER A 419 7.27 -16.35 -16.07
N PHE A 420 7.20 -16.58 -14.76
CA PHE A 420 8.25 -17.35 -14.09
C PHE A 420 8.21 -18.81 -14.51
N HIS A 421 7.02 -19.37 -14.70
CA HIS A 421 7.02 -20.75 -15.15
C HIS A 421 7.21 -20.90 -16.65
N LYS A 422 7.19 -19.78 -17.41
CA LYS A 422 7.33 -19.76 -18.87
C LYS A 422 6.27 -20.64 -19.55
N LEU A 423 5.03 -20.41 -19.17
CA LEU A 423 3.90 -21.12 -19.77
C LEU A 423 3.66 -20.59 -21.19
N PRO A 424 3.13 -21.41 -22.09
CA PRO A 424 2.83 -20.93 -23.43
C PRO A 424 1.66 -19.95 -23.40
N ALA A 425 1.58 -19.14 -24.47
CA ALA A 425 0.54 -18.12 -24.54
C ALA A 425 -0.85 -18.72 -24.71
N ASP A 426 -0.92 -19.94 -25.25
CA ASP A 426 -2.17 -20.70 -25.30
C ASP A 426 -2.75 -20.92 -23.91
N MET A 427 -1.89 -21.18 -22.94
CA MET A 427 -2.38 -21.40 -21.59
C MET A 427 -2.66 -20.09 -20.89
N ARG A 428 -1.88 -19.04 -21.18
CA ARG A 428 -2.12 -17.74 -20.57
C ARG A 428 -3.45 -17.16 -21.01
N GLN A 429 -3.84 -17.45 -22.25
CA GLN A 429 -5.15 -17.00 -22.71
C GLN A 429 -6.28 -17.69 -21.95
N LYS A 430 -6.12 -18.99 -21.67
CA LYS A 430 -7.14 -19.70 -20.91
C LYS A 430 -7.19 -19.24 -19.46
N ILE A 431 -6.03 -18.87 -18.88
CA ILE A 431 -6.02 -18.41 -17.49
C ILE A 431 -6.68 -17.05 -17.37
N HIS A 432 -6.37 -16.14 -18.30
CA HIS A 432 -7.01 -14.83 -18.24
C HIS A 432 -8.49 -14.92 -18.56
N ASP A 433 -8.87 -15.86 -19.42
CA ASP A 433 -10.28 -16.13 -19.66
C ASP A 433 -10.97 -16.63 -18.40
N TYR A 434 -10.29 -17.48 -17.62
CA TYR A 434 -10.89 -17.98 -16.40
C TYR A 434 -11.04 -16.89 -15.36
N TYR A 435 -10.01 -16.04 -15.21
CA TYR A 435 -10.10 -14.96 -14.22
C TYR A 435 -11.18 -13.96 -14.56
N GLU A 436 -11.35 -13.67 -15.84
CA GLU A 436 -12.46 -12.82 -16.24
C GLU A 436 -13.78 -13.50 -15.93
N HIS A 437 -13.92 -14.77 -16.32
CA HIS A 437 -15.19 -15.47 -16.18
C HIS A 437 -15.52 -15.82 -14.74
N ARG A 438 -14.57 -15.70 -13.83
CA ARG A 438 -14.83 -16.00 -12.43
C ARG A 438 -14.96 -14.75 -11.58
N TYR A 439 -13.98 -13.85 -11.63
CA TYR A 439 -14.06 -12.69 -10.76
C TYR A 439 -14.80 -11.52 -11.38
N GLN A 440 -14.96 -11.51 -12.71
CA GLN A 440 -15.64 -10.45 -13.46
C GLN A 440 -15.03 -9.07 -13.18
N GLY A 441 -13.72 -9.04 -13.02
CA GLY A 441 -13.01 -7.80 -12.80
C GLY A 441 -13.27 -7.15 -11.47
N LYS A 442 -13.66 -7.93 -10.47
CA LYS A 442 -13.93 -7.41 -9.14
C LYS A 442 -13.02 -8.12 -8.14
N ILE A 443 -12.16 -7.36 -7.50
CA ILE A 443 -11.25 -7.92 -6.51
C ILE A 443 -11.91 -7.86 -5.14
N PHE A 444 -12.00 -9.01 -4.48
CA PHE A 444 -12.62 -9.17 -3.17
C PHE A 444 -12.22 -10.53 -2.65
N ASP A 445 -12.09 -10.61 -1.33
CA ASP A 445 -11.79 -11.88 -0.68
C ASP A 445 -13.06 -12.39 -0.03
N GLU A 446 -13.44 -13.62 -0.37
CA GLU A 446 -14.74 -14.15 0.03
C GLU A 446 -14.71 -14.84 1.39
N GLU A 447 -13.69 -15.66 1.64
CA GLU A 447 -13.62 -16.41 2.88
C GLU A 447 -13.43 -15.48 4.07
N ASN A 448 -12.71 -14.38 3.88
CA ASN A 448 -12.48 -13.44 4.97
C ASN A 448 -13.76 -12.70 5.35
N ILE A 449 -14.54 -12.29 4.35
CA ILE A 449 -15.78 -11.57 4.63
C ILE A 449 -16.80 -12.49 5.25
N LEU A 450 -16.96 -13.70 4.68
CA LEU A 450 -17.89 -14.65 5.25
C LEU A 450 -17.43 -15.19 6.59
N ASN A 451 -16.15 -15.04 6.92
CA ASN A 451 -15.72 -15.33 8.28
C ASN A 451 -16.03 -14.17 9.20
N GLU A 452 -16.01 -12.94 8.69
CA GLU A 452 -16.28 -11.80 9.56
C GLU A 452 -17.75 -11.69 9.92
N LEU A 453 -18.65 -12.08 9.04
CA LEU A 453 -20.06 -12.02 9.38
C LEU A 453 -20.44 -13.16 10.32
N ASN A 454 -21.58 -13.02 10.98
CA ASN A 454 -22.03 -14.01 11.94
C ASN A 454 -22.99 -15.01 11.29
N ASP A 455 -23.63 -15.82 12.13
CA ASP A 455 -24.36 -16.99 11.62
C ASP A 455 -25.64 -16.65 10.87
N PRO A 456 -26.56 -15.79 11.34
CA PRO A 456 -27.75 -15.54 10.53
C PRO A 456 -27.48 -14.69 9.31
N LEU A 457 -26.44 -13.86 9.33
CA LEU A 457 -26.08 -13.13 8.12
C LEU A 457 -25.53 -14.08 7.07
N ARG A 458 -24.72 -15.05 7.50
CA ARG A 458 -24.22 -16.05 6.56
C ARG A 458 -25.35 -16.91 6.01
N GLU A 459 -26.31 -17.26 6.86
CA GLU A 459 -27.45 -18.07 6.42
C GLU A 459 -28.33 -17.31 5.43
N GLU A 460 -28.54 -16.02 5.67
CA GLU A 460 -29.37 -15.24 4.78
C GLU A 460 -28.68 -14.97 3.44
N ILE A 461 -27.37 -14.72 3.46
CA ILE A 461 -26.63 -14.49 2.23
C ILE A 461 -26.59 -15.77 1.38
N VAL A 462 -26.40 -16.91 2.03
CA VAL A 462 -26.34 -18.18 1.31
C VAL A 462 -27.70 -18.52 0.73
N ASN A 463 -28.77 -18.28 1.48
CA ASN A 463 -30.10 -18.54 0.94
C ASN A 463 -30.44 -17.62 -0.22
N PHE A 464 -29.92 -16.40 -0.22
CA PHE A 464 -30.18 -15.56 -1.38
C PHE A 464 -29.35 -15.99 -2.59
N ASN A 465 -28.10 -16.39 -2.37
CA ASN A 465 -27.28 -16.82 -3.51
C ASN A 465 -27.77 -18.12 -4.11
N CYS A 466 -28.44 -18.95 -3.32
CA CYS A 466 -28.94 -20.22 -3.84
C CYS A 466 -30.46 -20.30 -3.78
N ARG A 467 -31.16 -19.18 -3.93
CA ARG A 467 -32.63 -19.21 -3.99
C ARG A 467 -33.16 -19.94 -5.21
N LYS A 468 -32.38 -20.00 -6.30
CA LYS A 468 -32.86 -20.66 -7.50
C LYS A 468 -32.71 -22.17 -7.39
N LEU A 469 -31.64 -22.60 -6.74
CA LEU A 469 -31.33 -24.02 -6.65
C LEU A 469 -32.27 -24.73 -5.67
N VAL A 470 -32.69 -24.04 -4.61
CA VAL A 470 -33.60 -24.64 -3.64
C VAL A 470 -34.99 -24.78 -4.23
N ALA A 471 -35.31 -23.97 -5.24
CA ALA A 471 -36.61 -24.12 -5.88
C ALA A 471 -36.56 -25.17 -6.98
N THR A 472 -35.47 -25.19 -7.75
CA THR A 472 -35.39 -26.07 -8.91
C THR A 472 -35.13 -27.52 -8.50
N MET A 473 -34.38 -27.75 -7.43
CA MET A 473 -34.20 -29.15 -7.03
C MET A 473 -35.40 -29.60 -6.20
N PRO A 474 -35.93 -30.78 -6.44
CA PRO A 474 -37.13 -31.21 -5.70
C PRO A 474 -36.80 -31.64 -4.29
N LEU A 475 -35.58 -32.15 -4.13
CA LEU A 475 -35.08 -32.57 -2.82
C LEU A 475 -35.05 -31.39 -1.84
N PHE A 476 -34.51 -30.26 -2.30
CA PHE A 476 -34.43 -29.07 -1.45
C PHE A 476 -35.82 -28.51 -1.19
N ALA A 477 -36.72 -28.65 -2.17
CA ALA A 477 -38.08 -28.14 -2.00
C ALA A 477 -38.85 -28.95 -0.97
N ASN A 478 -38.55 -30.25 -0.87
CA ASN A 478 -39.34 -31.10 0.01
C ASN A 478 -38.64 -31.42 1.33
N ALA A 479 -37.39 -31.03 1.51
CA ALA A 479 -36.69 -31.40 2.73
C ALA A 479 -36.97 -30.40 3.86
N ASP A 480 -36.51 -30.76 5.07
CA ASP A 480 -36.62 -29.96 6.28
C ASP A 480 -35.69 -28.76 6.20
N PRO A 481 -36.11 -27.59 6.69
CA PRO A 481 -35.30 -26.37 6.49
C PRO A 481 -34.02 -26.33 7.28
N ASN A 482 -33.92 -27.08 8.38
CA ASN A 482 -32.66 -27.10 9.13
C ASN A 482 -31.59 -27.87 8.35
N PHE A 483 -31.98 -29.02 7.78
CA PHE A 483 -31.09 -29.78 6.90
C PHE A 483 -30.69 -28.98 5.68
N VAL A 484 -31.68 -28.31 5.06
CA VAL A 484 -31.43 -27.48 3.89
C VAL A 484 -30.47 -26.36 4.22
N THR A 485 -30.61 -25.77 5.42
CA THR A 485 -29.73 -24.67 5.80
C THR A 485 -28.31 -25.15 6.03
N ALA A 486 -28.14 -26.31 6.68
CA ALA A 486 -26.80 -26.81 6.95
C ALA A 486 -26.09 -27.23 5.66
N MET A 487 -26.79 -27.97 4.80
CA MET A 487 -26.24 -28.39 3.53
C MET A 487 -25.94 -27.19 2.64
N LEU A 488 -26.75 -26.13 2.76
CA LEU A 488 -26.48 -24.93 2.01
C LEU A 488 -25.29 -24.18 2.57
N SER A 489 -25.08 -24.25 3.87
CA SER A 489 -23.97 -23.50 4.45
C SER A 489 -22.65 -24.15 4.10
N LYS A 490 -22.65 -25.45 3.88
CA LYS A 490 -21.40 -26.13 3.51
C LYS A 490 -21.31 -26.35 2.00
N LEU A 491 -21.23 -25.25 1.25
CA LEU A 491 -21.09 -25.30 -0.20
C LEU A 491 -19.93 -24.41 -0.62
N ARG A 492 -19.52 -24.53 -1.88
CA ARG A 492 -18.40 -23.76 -2.40
C ARG A 492 -18.59 -23.47 -3.88
N PHE A 493 -18.30 -22.25 -4.29
CA PHE A 493 -18.48 -21.85 -5.67
C PHE A 493 -17.36 -22.40 -6.56
N GLU A 494 -17.68 -22.63 -7.83
CA GLU A 494 -16.68 -23.04 -8.81
C GLU A 494 -17.15 -22.63 -10.20
N VAL A 495 -16.20 -22.37 -11.09
CA VAL A 495 -16.49 -21.98 -12.46
C VAL A 495 -15.67 -22.86 -13.38
N PHE A 496 -16.33 -23.51 -14.33
CA PHE A 496 -15.67 -24.44 -15.22
C PHE A 496 -15.79 -23.94 -16.65
N GLN A 497 -14.66 -23.93 -17.35
CA GLN A 497 -14.56 -23.47 -18.72
C GLN A 497 -15.07 -24.54 -19.67
N PRO A 498 -15.44 -24.20 -20.91
CA PRO A 498 -16.05 -25.20 -21.77
C PRO A 498 -15.08 -26.25 -22.23
N GLY A 499 -15.46 -27.51 -22.06
CA GLY A 499 -14.73 -28.60 -22.66
C GLY A 499 -13.61 -29.18 -21.83
N ASP A 500 -13.68 -29.11 -20.50
CA ASP A 500 -12.74 -29.84 -19.66
C ASP A 500 -13.49 -30.81 -18.77
N TYR A 501 -12.85 -31.91 -18.44
CA TYR A 501 -13.52 -32.95 -17.69
C TYR A 501 -13.62 -32.52 -16.24
N ILE A 502 -14.84 -32.46 -15.71
CA ILE A 502 -15.02 -32.21 -14.29
C ILE A 502 -14.64 -33.45 -13.50
N ILE A 503 -15.31 -34.54 -13.79
CA ILE A 503 -15.10 -35.82 -13.13
C ILE A 503 -14.66 -36.82 -14.18
N ARG A 504 -13.52 -37.46 -13.95
CA ARG A 504 -13.08 -38.52 -14.84
C ARG A 504 -13.45 -39.86 -14.24
N GLU A 505 -13.66 -40.85 -15.09
CA GLU A 505 -14.13 -42.15 -14.65
C GLU A 505 -13.00 -42.93 -14.02
N GLY A 506 -13.33 -43.71 -12.99
CA GLY A 506 -12.39 -44.61 -12.37
C GLY A 506 -11.52 -44.00 -11.29
N ALA A 507 -11.46 -42.69 -11.18
CA ALA A 507 -10.67 -42.05 -10.13
C ALA A 507 -11.40 -42.13 -8.80
N VAL A 508 -10.68 -41.78 -7.74
CA VAL A 508 -11.31 -41.79 -6.42
C VAL A 508 -12.16 -40.55 -6.26
N GLY A 509 -13.30 -40.70 -5.59
CA GLY A 509 -14.27 -39.63 -5.45
C GLY A 509 -14.10 -38.89 -4.13
N LYS A 510 -14.18 -37.56 -4.21
CA LYS A 510 -13.95 -36.76 -3.02
C LYS A 510 -14.93 -35.60 -2.84
N LYS A 511 -15.86 -35.38 -3.76
CA LYS A 511 -16.85 -34.30 -3.64
C LYS A 511 -17.99 -34.55 -4.61
N MET A 512 -19.06 -33.77 -4.46
CA MET A 512 -20.17 -33.76 -5.40
C MET A 512 -20.49 -32.33 -5.82
N TYR A 513 -21.16 -32.18 -6.94
CA TYR A 513 -21.37 -30.89 -7.55
C TYR A 513 -22.85 -30.62 -7.79
N PHE A 514 -23.29 -29.40 -7.49
CA PHE A 514 -24.64 -28.95 -7.80
C PHE A 514 -24.54 -27.97 -8.96
N ILE A 515 -25.20 -28.29 -10.08
CA ILE A 515 -25.17 -27.40 -11.22
C ILE A 515 -26.03 -26.19 -10.92
N GLN A 516 -25.48 -25.00 -11.15
CA GLN A 516 -26.28 -23.80 -11.09
C GLN A 516 -26.51 -23.17 -12.46
N HIS A 517 -25.49 -23.11 -13.30
CA HIS A 517 -25.67 -22.43 -14.57
C HIS A 517 -24.86 -23.10 -15.67
N GLY A 518 -25.52 -23.46 -16.76
CA GLY A 518 -24.79 -24.01 -17.87
C GLY A 518 -24.80 -25.53 -17.88
N VAL A 519 -25.06 -26.09 -19.05
CA VAL A 519 -25.32 -27.51 -19.21
C VAL A 519 -24.00 -28.26 -19.20
N ALA A 520 -23.98 -29.42 -18.56
CA ALA A 520 -22.83 -30.32 -18.56
C ALA A 520 -23.31 -31.72 -18.87
N GLY A 521 -22.46 -32.50 -19.53
CA GLY A 521 -22.85 -33.79 -20.06
C GLY A 521 -22.18 -34.94 -19.33
N VAL A 522 -22.90 -36.04 -19.21
CA VAL A 522 -22.36 -37.30 -18.73
C VAL A 522 -21.97 -38.12 -19.94
N ILE A 523 -20.71 -38.52 -20.03
CA ILE A 523 -20.25 -39.32 -21.16
C ILE A 523 -19.95 -40.73 -20.69
N THR A 524 -20.94 -41.61 -20.79
CA THR A 524 -20.71 -42.99 -20.46
C THR A 524 -20.51 -43.80 -21.74
N LYS A 525 -19.57 -44.74 -21.67
CA LYS A 525 -19.35 -45.66 -22.79
C LYS A 525 -20.53 -46.61 -22.90
N SER A 526 -20.89 -46.92 -24.15
CA SER A 526 -22.11 -47.64 -24.54
C SER A 526 -23.38 -46.90 -24.11
N SER A 527 -23.30 -45.58 -23.95
CA SER A 527 -24.44 -44.70 -23.86
C SER A 527 -24.14 -43.52 -24.78
N LYS A 528 -25.18 -42.93 -25.37
CA LYS A 528 -24.96 -41.88 -26.35
C LYS A 528 -24.33 -40.64 -25.71
N GLU A 529 -25.11 -39.95 -24.88
CA GLU A 529 -24.72 -38.80 -24.08
C GLU A 529 -25.94 -38.45 -23.25
N MET A 530 -25.71 -37.74 -22.16
CA MET A 530 -26.83 -37.33 -21.31
C MET A 530 -26.55 -35.92 -20.84
N LYS A 531 -27.41 -34.98 -21.19
CA LYS A 531 -27.20 -33.60 -20.82
C LYS A 531 -27.88 -33.34 -19.49
N LEU A 532 -27.35 -32.37 -18.74
CA LEU A 532 -27.90 -32.00 -17.44
C LEU A 532 -28.05 -30.49 -17.42
N THR A 533 -29.27 -30.01 -17.24
CA THR A 533 -29.52 -28.58 -17.25
C THR A 533 -29.16 -27.96 -15.91
N ASP A 534 -29.60 -26.72 -15.71
CA ASP A 534 -29.47 -26.11 -14.40
C ASP A 534 -30.36 -26.82 -13.39
N GLY A 535 -29.94 -26.80 -12.13
CA GLY A 535 -30.66 -27.53 -11.10
C GLY A 535 -30.56 -29.02 -11.21
N SER A 536 -29.40 -29.61 -10.99
CA SER A 536 -29.19 -31.05 -10.90
C SER A 536 -27.88 -31.31 -10.20
N TYR A 537 -27.60 -32.57 -9.90
CA TYR A 537 -26.42 -32.91 -9.12
C TYR A 537 -25.84 -34.23 -9.61
N PHE A 538 -24.53 -34.28 -9.73
CA PHE A 538 -23.82 -35.54 -9.89
C PHE A 538 -22.81 -35.70 -8.77
N GLY A 539 -22.31 -36.92 -8.62
CA GLY A 539 -21.46 -37.22 -7.50
C GLY A 539 -22.19 -37.85 -6.34
N GLU A 540 -23.38 -38.37 -6.55
CA GLU A 540 -24.09 -39.03 -5.49
C GLU A 540 -23.47 -40.39 -5.19
N ILE A 541 -23.43 -41.26 -6.19
CA ILE A 541 -23.18 -42.67 -5.94
C ILE A 541 -21.72 -42.97 -5.58
N CYS A 542 -20.78 -42.11 -5.96
CA CYS A 542 -19.40 -42.31 -5.54
C CYS A 542 -19.25 -42.11 -4.05
N LEU A 543 -19.87 -41.05 -3.52
CA LEU A 543 -19.80 -40.83 -2.09
C LEU A 543 -20.67 -41.81 -1.31
N LEU A 544 -21.74 -42.31 -1.92
CA LEU A 544 -22.57 -43.25 -1.18
C LEU A 544 -22.00 -44.66 -1.18
N THR A 545 -21.21 -45.03 -2.19
CA THR A 545 -20.66 -46.38 -2.27
C THR A 545 -19.18 -46.47 -1.93
N LYS A 546 -18.52 -45.32 -1.69
CA LYS A 546 -17.12 -45.23 -1.27
C LYS A 546 -16.18 -45.88 -2.27
N GLY A 547 -16.46 -45.68 -3.56
CA GLY A 547 -15.69 -46.32 -4.60
C GLY A 547 -15.33 -45.44 -5.77
N ARG A 548 -15.13 -46.04 -6.94
CA ARG A 548 -14.63 -45.32 -8.09
C ARG A 548 -15.77 -44.65 -8.84
N ARG A 549 -15.45 -43.57 -9.55
CA ARG A 549 -16.44 -42.80 -10.29
C ARG A 549 -17.02 -43.61 -11.42
N THR A 550 -18.32 -43.48 -11.62
CA THR A 550 -19.07 -44.36 -12.52
C THR A 550 -18.88 -43.99 -13.99
N ALA A 551 -19.02 -42.71 -14.33
CA ALA A 551 -18.89 -42.28 -15.71
C ALA A 551 -18.46 -40.83 -15.74
N SER A 552 -17.59 -40.49 -16.68
CA SER A 552 -16.99 -39.16 -16.72
C SER A 552 -18.01 -38.10 -17.10
N VAL A 553 -17.69 -36.85 -16.80
CA VAL A 553 -18.59 -35.71 -17.01
C VAL A 553 -17.78 -34.61 -17.67
N ARG A 554 -18.23 -34.15 -18.83
CA ARG A 554 -17.56 -33.09 -19.57
C ARG A 554 -18.37 -31.83 -19.54
N ALA A 555 -17.71 -30.72 -19.23
CA ALA A 555 -18.39 -29.43 -19.12
C ALA A 555 -18.61 -28.86 -20.52
N ASP A 556 -19.86 -28.85 -20.98
CA ASP A 556 -20.15 -28.40 -22.33
C ASP A 556 -20.11 -26.88 -22.43
N THR A 557 -20.98 -26.20 -21.70
CA THR A 557 -21.00 -24.75 -21.69
C THR A 557 -20.16 -24.23 -20.54
N TYR A 558 -20.21 -22.92 -20.33
CA TYR A 558 -19.47 -22.32 -19.22
C TYR A 558 -20.18 -22.63 -17.91
N CYS A 559 -19.81 -23.70 -17.24
CA CYS A 559 -20.57 -24.11 -16.06
C CYS A 559 -20.22 -23.25 -14.86
N ARG A 560 -21.23 -22.94 -14.06
CA ARG A 560 -21.07 -22.31 -12.76
C ARG A 560 -21.69 -23.29 -11.78
N LEU A 561 -20.84 -23.95 -11.01
CA LEU A 561 -21.21 -25.09 -10.19
C LEU A 561 -21.04 -24.78 -8.72
N TYR A 562 -21.77 -25.50 -7.89
CA TYR A 562 -21.63 -25.46 -6.45
C TYR A 562 -21.21 -26.83 -6.00
N SER A 563 -20.08 -26.91 -5.29
CA SER A 563 -19.48 -28.17 -4.90
C SER A 563 -19.55 -28.34 -3.39
N LEU A 564 -19.57 -29.60 -2.97
CA LEU A 564 -19.71 -29.99 -1.58
C LEU A 564 -18.76 -31.14 -1.31
N SER A 565 -17.93 -31.00 -0.29
CA SER A 565 -16.88 -31.97 -0.01
C SER A 565 -17.45 -33.19 0.70
N VAL A 566 -16.63 -34.23 0.83
CA VAL A 566 -17.14 -35.53 1.27
C VAL A 566 -17.32 -35.55 2.79
N ASP A 567 -16.48 -34.84 3.55
CA ASP A 567 -16.57 -34.91 5.00
C ASP A 567 -17.81 -34.18 5.50
N ASN A 568 -18.09 -33.01 4.92
CA ASN A 568 -19.31 -32.29 5.27
C ASN A 568 -20.54 -33.05 4.83
N PHE A 569 -20.46 -33.72 3.69
CA PHE A 569 -21.59 -34.51 3.20
C PHE A 569 -21.86 -35.68 4.12
N ASN A 570 -20.80 -36.30 4.64
CA ASN A 570 -20.98 -37.41 5.57
C ASN A 570 -21.51 -36.93 6.90
N GLU A 571 -21.09 -35.73 7.35
CA GLU A 571 -21.57 -35.21 8.62
C GLU A 571 -23.06 -34.87 8.56
N VAL A 572 -23.47 -34.19 7.50
CA VAL A 572 -24.87 -33.82 7.34
C VAL A 572 -25.75 -35.05 7.14
N LEU A 573 -25.31 -35.96 6.27
CA LEU A 573 -26.14 -37.12 5.99
C LEU A 573 -26.06 -38.17 7.07
N GLU A 574 -25.12 -38.05 8.02
CA GLU A 574 -25.18 -38.87 9.21
C GLU A 574 -26.02 -38.20 10.29
N GLU A 575 -26.18 -36.88 10.22
CA GLU A 575 -27.12 -36.22 11.11
C GLU A 575 -28.56 -36.59 10.77
N TYR A 576 -28.93 -36.52 9.49
CA TYR A 576 -30.31 -36.81 9.08
C TYR A 576 -30.31 -37.86 7.98
N PRO A 577 -30.80 -39.07 8.24
CA PRO A 577 -30.60 -40.16 7.28
C PRO A 577 -31.73 -40.36 6.27
N MET A 578 -32.83 -39.62 6.43
CA MET A 578 -33.93 -39.74 5.47
C MET A 578 -33.52 -39.23 4.08
N MET A 579 -32.71 -38.16 4.06
CA MET A 579 -32.15 -37.71 2.80
C MET A 579 -31.16 -38.71 2.23
N ARG A 580 -30.52 -39.51 3.09
CA ARG A 580 -29.64 -40.56 2.58
C ARG A 580 -30.46 -41.67 1.94
N ARG A 581 -31.62 -41.97 2.49
CA ARG A 581 -32.53 -42.92 1.82
C ARG A 581 -32.97 -42.38 0.47
N ALA A 582 -33.23 -41.07 0.40
CA ALA A 582 -33.61 -40.45 -0.86
C ALA A 582 -32.49 -40.53 -1.90
N PHE A 583 -31.27 -40.18 -1.50
CA PHE A 583 -30.12 -40.26 -2.39
C PHE A 583 -29.83 -41.68 -2.84
N GLU A 584 -30.02 -42.66 -1.93
CA GLU A 584 -29.83 -44.06 -2.30
C GLU A 584 -30.81 -44.48 -3.38
N THR A 585 -32.07 -44.06 -3.25
CA THR A 585 -33.07 -44.46 -4.24
C THR A 585 -32.84 -43.79 -5.60
N VAL A 586 -32.55 -42.49 -5.60
CA VAL A 586 -32.28 -41.79 -6.86
C VAL A 586 -31.02 -42.32 -7.52
N ALA A 587 -30.02 -42.65 -6.71
CA ALA A 587 -28.80 -43.24 -7.26
C ALA A 587 -29.05 -44.62 -7.84
N ILE A 588 -29.96 -45.39 -7.24
CA ILE A 588 -30.31 -46.70 -7.76
C ILE A 588 -30.94 -46.56 -9.14
N ASP A 589 -31.89 -45.63 -9.28
CA ASP A 589 -32.54 -45.44 -10.57
C ASP A 589 -31.57 -44.94 -11.64
N ARG A 590 -30.68 -44.02 -11.25
CA ARG A 590 -29.74 -43.44 -12.21
C ARG A 590 -28.72 -44.47 -12.66
N LEU A 591 -28.31 -45.35 -11.75
CA LEU A 591 -27.38 -46.41 -12.13
C LEU A 591 -28.05 -47.45 -13.01
N ASP A 592 -29.32 -47.76 -12.73
CA ASP A 592 -30.04 -48.72 -13.56
C ASP A 592 -30.23 -48.19 -14.97
N ARG A 593 -30.39 -46.88 -15.10
CA ARG A 593 -30.48 -46.29 -16.43
C ARG A 593 -29.12 -46.25 -17.11
N ILE A 594 -28.05 -46.07 -16.35
CA ILE A 594 -26.72 -45.97 -16.95
C ILE A 594 -26.29 -47.32 -17.52
N GLY A 595 -26.34 -48.37 -16.69
CA GLY A 595 -26.00 -49.70 -17.15
C GLY A 595 -25.20 -50.51 -16.15
N LYS A 596 -24.40 -49.83 -15.34
CA LYS A 596 -23.66 -50.48 -14.27
C LYS A 596 -24.55 -50.57 -13.03
N LYS A 597 -24.21 -51.46 -12.11
CA LYS A 597 -24.98 -51.62 -10.88
C LYS A 597 -24.07 -51.87 -9.70
N ASN A 598 -24.48 -51.38 -8.53
CA ASN A 598 -23.70 -51.48 -7.31
C ASN A 598 -24.45 -52.36 -6.32
N SER A 599 -23.90 -53.56 -6.10
CA SER A 599 -24.54 -54.54 -5.23
C SER A 599 -24.52 -54.12 -3.77
N ILE A 600 -23.57 -53.27 -3.38
CA ILE A 600 -23.50 -52.78 -2.00
C ILE A 600 -24.72 -51.94 -1.68
N LEU A 601 -25.00 -50.96 -2.53
CA LEU A 601 -26.18 -50.12 -2.34
C LEU A 601 -27.45 -50.92 -2.56
N LEU A 602 -27.41 -51.91 -3.48
CA LEU A 602 -28.56 -52.76 -3.72
C LEU A 602 -28.94 -53.56 -2.49
N GLN A 603 -27.96 -54.19 -1.84
CA GLN A 603 -28.22 -54.96 -0.63
C GLN A 603 -28.56 -54.06 0.55
N LYS A 604 -27.95 -52.88 0.62
CA LYS A 604 -28.27 -51.94 1.69
C LYS A 604 -29.69 -51.44 1.57
N PHE A 605 -30.18 -51.25 0.34
CA PHE A 605 -31.56 -50.82 0.17
C PHE A 605 -32.54 -51.98 0.35
N GLN A 606 -32.15 -53.19 -0.07
CA GLN A 606 -33.02 -54.35 0.11
C GLN A 606 -33.15 -54.72 1.58
N LYS A 607 -32.12 -54.42 2.37
CA LYS A 607 -32.26 -54.54 3.82
C LYS A 607 -32.95 -53.31 4.41
N ASP A 608 -32.86 -52.17 3.71
CA ASP A 608 -33.45 -50.94 4.23
C ASP A 608 -34.96 -50.90 3.96
N LEU A 609 -35.36 -51.23 2.73
CA LEU A 609 -36.78 -51.13 2.38
C LEU A 609 -37.60 -52.24 3.03
N ASN A 610 -37.01 -53.42 3.18
CA ASN A 610 -37.72 -54.52 3.82
C ASN A 610 -37.78 -54.35 5.34
N THR A 611 -36.98 -53.44 5.90
CA THR A 611 -37.02 -53.19 7.34
C THR A 611 -38.29 -52.49 7.78
N GLY A 612 -39.03 -51.87 6.87
CA GLY A 612 -40.28 -51.23 7.21
C GLY A 612 -40.15 -49.80 7.69
N VAL A 613 -38.98 -49.17 7.54
CA VAL A 613 -38.83 -47.79 7.97
C VAL A 613 -39.49 -46.84 6.98
N PHE A 614 -39.70 -47.28 5.74
CA PHE A 614 -40.32 -46.43 4.74
C PHE A 614 -41.83 -46.34 4.98
N ASN A 615 -42.40 -45.22 4.58
CA ASN A 615 -43.82 -44.94 4.76
C ASN A 615 -44.47 -44.64 3.42
N ASN A 616 -45.80 -44.47 3.47
CA ASN A 616 -46.57 -44.18 2.27
C ASN A 616 -46.25 -42.80 1.72
N GLN A 617 -46.19 -41.80 2.61
CA GLN A 617 -45.75 -40.47 2.19
C GLN A 617 -44.30 -40.49 1.76
N GLU A 618 -43.49 -41.35 2.38
CA GLU A 618 -42.07 -41.45 2.04
C GLU A 618 -41.88 -41.96 0.62
N ASN A 619 -42.50 -43.08 0.25
CA ASN A 619 -42.24 -43.58 -1.09
C ASN A 619 -43.10 -42.87 -2.13
N GLU A 620 -44.15 -42.14 -1.72
CA GLU A 620 -44.83 -41.24 -2.65
C GLU A 620 -43.93 -40.07 -3.03
N ILE A 621 -43.27 -39.47 -2.02
CA ILE A 621 -42.28 -38.43 -2.26
C ILE A 621 -41.12 -38.97 -3.10
N LEU A 622 -40.71 -40.21 -2.82
CA LEU A 622 -39.62 -40.85 -3.57
C LEU A 622 -40.00 -41.08 -5.02
N LYS A 623 -41.25 -41.49 -5.27
CA LYS A 623 -41.72 -41.66 -6.64
C LYS A 623 -41.78 -40.33 -7.38
N GLN A 624 -42.21 -39.27 -6.68
CA GLN A 624 -42.21 -37.93 -7.25
C GLN A 624 -40.78 -37.50 -7.60
N ILE A 625 -39.83 -37.81 -6.72
CA ILE A 625 -38.44 -37.40 -6.93
C ILE A 625 -37.83 -38.16 -8.09
N VAL A 626 -38.15 -39.45 -8.23
CA VAL A 626 -37.49 -40.20 -9.31
C VAL A 626 -38.12 -39.87 -10.67
N LYS A 627 -39.43 -39.57 -10.70
CA LYS A 627 -39.96 -39.11 -11.98
C LYS A 627 -39.47 -37.71 -12.29
N HIS A 628 -39.23 -36.88 -11.26
CA HIS A 628 -38.61 -35.59 -11.47
C HIS A 628 -37.19 -35.74 -11.99
N ASP A 629 -36.47 -36.76 -11.51
CA ASP A 629 -35.10 -37.00 -11.96
C ASP A 629 -35.09 -37.49 -13.40
N ARG A 630 -36.09 -38.28 -13.79
CA ARG A 630 -36.22 -38.66 -15.19
C ARG A 630 -36.52 -37.44 -16.05
N GLU A 631 -37.27 -36.48 -15.51
CA GLU A 631 -37.56 -35.26 -16.25
C GLU A 631 -36.30 -34.40 -16.42
N MET A 632 -35.54 -34.19 -15.34
CA MET A 632 -34.32 -33.41 -15.44
C MET A 632 -33.10 -34.22 -15.88
N VAL A 633 -33.29 -35.45 -16.39
CA VAL A 633 -32.26 -36.10 -17.19
C VAL A 633 -32.68 -36.21 -18.65
N GLN A 634 -33.99 -36.21 -18.94
CA GLN A 634 -34.43 -36.08 -20.31
C GLN A 634 -34.20 -34.66 -20.81
N ALA A 635 -34.56 -33.69 -20.00
CA ALA A 635 -34.26 -32.29 -20.29
C ALA A 635 -32.88 -31.95 -19.74
N MET B 94 -33.96 -5.06 -44.07
CA MET B 94 -33.31 -3.88 -43.51
C MET B 94 -33.75 -3.64 -42.07
N GLN B 95 -35.05 -3.76 -41.84
CA GLN B 95 -35.59 -3.57 -40.49
C GLN B 95 -35.16 -4.69 -39.55
N ARG B 96 -34.93 -5.90 -40.09
CA ARG B 96 -34.35 -6.97 -39.27
C ARG B 96 -32.93 -6.63 -38.87
N GLN B 97 -32.16 -6.00 -39.77
CA GLN B 97 -30.82 -5.53 -39.42
C GLN B 97 -30.89 -4.43 -38.38
N PHE B 98 -31.91 -3.57 -38.45
CA PHE B 98 -32.09 -2.52 -37.46
C PHE B 98 -32.42 -3.11 -36.09
N THR B 99 -33.26 -4.15 -36.06
CA THR B 99 -33.61 -4.79 -34.80
C THR B 99 -32.42 -5.53 -34.21
N SER B 100 -31.62 -6.16 -35.07
CA SER B 100 -30.43 -6.86 -34.58
C SER B 100 -29.36 -5.88 -34.11
N MET B 101 -29.35 -4.67 -34.68
CA MET B 101 -28.45 -3.64 -34.19
C MET B 101 -28.92 -3.12 -32.84
N LEU B 102 -30.23 -2.91 -32.70
CA LEU B 102 -30.75 -2.34 -31.46
C LEU B 102 -30.69 -3.33 -30.31
N GLN B 103 -30.81 -4.62 -30.58
CA GLN B 103 -30.65 -5.63 -29.56
C GLN B 103 -29.18 -5.73 -29.15
N PRO B 104 -28.89 -6.17 -27.92
CA PRO B 104 -27.48 -6.33 -27.53
C PRO B 104 -26.83 -7.47 -28.29
N GLY B 105 -25.58 -7.27 -28.67
CA GLY B 105 -24.84 -8.25 -29.41
C GLY B 105 -23.84 -8.97 -28.52
N VAL B 106 -23.45 -10.16 -28.97
CA VAL B 106 -22.45 -10.95 -28.25
C VAL B 106 -21.10 -10.25 -28.45
N ASN B 107 -20.55 -9.79 -27.34
CA ASN B 107 -19.23 -9.18 -27.32
C ASN B 107 -18.54 -9.55 -26.02
N LYS B 108 -17.31 -9.07 -25.86
CA LYS B 108 -16.51 -9.41 -24.68
C LYS B 108 -17.10 -8.77 -23.44
N PHE B 109 -17.51 -7.50 -23.56
CA PHE B 109 -18.20 -6.83 -22.46
C PHE B 109 -19.56 -7.47 -22.20
N SER B 110 -20.20 -7.98 -23.26
CA SER B 110 -21.48 -8.65 -23.10
C SER B 110 -21.32 -9.95 -22.32
N LEU B 111 -20.25 -10.68 -22.61
CA LEU B 111 -20.00 -11.93 -21.89
C LEU B 111 -19.57 -11.66 -20.45
N ARG B 112 -18.80 -10.59 -20.24
CA ARG B 112 -18.39 -10.22 -18.89
C ARG B 112 -19.58 -9.75 -18.06
N MET B 113 -20.57 -9.15 -18.72
CA MET B 113 -21.77 -8.74 -18.00
C MET B 113 -22.69 -9.93 -17.73
N PHE B 114 -22.86 -10.81 -18.72
CA PHE B 114 -23.99 -11.73 -18.70
C PHE B 114 -23.62 -13.17 -18.32
N GLY B 115 -22.36 -13.53 -18.38
CA GLY B 115 -21.98 -14.91 -18.03
C GLY B 115 -22.10 -15.85 -19.23
N SER B 116 -23.22 -16.57 -19.29
CA SER B 116 -23.44 -17.50 -20.38
C SER B 116 -24.21 -16.84 -21.53
N GLN B 117 -24.12 -17.46 -22.70
CA GLN B 117 -24.79 -16.94 -23.89
C GLN B 117 -26.31 -17.03 -23.78
N LYS B 118 -26.81 -17.88 -22.89
CA LYS B 118 -28.25 -17.94 -22.63
C LYS B 118 -28.76 -16.63 -22.06
N ALA B 119 -27.93 -15.93 -21.28
CA ALA B 119 -28.33 -14.61 -20.80
C ALA B 119 -28.33 -13.59 -21.93
N VAL B 120 -27.47 -13.76 -22.94
CA VAL B 120 -27.48 -12.88 -24.10
C VAL B 120 -28.74 -13.10 -24.93
N GLU B 121 -29.15 -14.37 -25.08
CA GLU B 121 -30.41 -14.65 -25.77
C GLU B 121 -31.61 -14.15 -24.97
N LYS B 122 -31.53 -14.24 -23.64
CA LYS B 122 -32.56 -13.71 -22.77
C LYS B 122 -32.70 -12.20 -22.91
N GLU B 123 -31.55 -11.50 -22.98
CA GLU B 123 -31.57 -10.05 -23.18
C GLU B 123 -32.09 -9.69 -24.57
N GLN B 124 -31.78 -10.54 -25.56
CA GLN B 124 -32.27 -10.29 -26.92
C GLN B 124 -33.80 -10.39 -26.97
N GLU B 125 -34.37 -11.38 -26.31
CA GLU B 125 -35.83 -11.46 -26.25
C GLU B 125 -36.43 -10.35 -25.39
N ARG B 126 -35.72 -9.97 -24.32
CA ARG B 126 -36.18 -8.88 -23.44
C ARG B 126 -36.24 -7.55 -24.17
N VAL B 127 -35.31 -7.32 -25.10
CA VAL B 127 -35.39 -6.17 -25.99
C VAL B 127 -36.49 -6.38 -27.04
N LYS B 128 -36.65 -7.62 -27.50
CA LYS B 128 -37.67 -7.93 -28.51
C LYS B 128 -39.09 -7.90 -27.98
N THR B 129 -39.29 -7.66 -26.68
CA THR B 129 -40.64 -7.46 -26.14
C THR B 129 -41.32 -6.25 -26.78
N ALA B 130 -40.74 -5.06 -26.58
CA ALA B 130 -41.35 -3.84 -27.10
C ALA B 130 -41.09 -3.70 -28.60
N GLY B 131 -41.88 -2.83 -29.25
CA GLY B 131 -41.90 -2.79 -30.69
C GLY B 131 -41.21 -1.58 -31.29
N PHE B 132 -40.20 -1.85 -32.13
CA PHE B 132 -39.58 -0.94 -33.09
C PHE B 132 -38.90 0.28 -32.46
N TRP B 133 -38.78 0.33 -31.13
CA TRP B 133 -38.33 1.55 -30.47
C TRP B 133 -37.04 1.35 -29.69
N ILE B 134 -36.97 0.36 -28.83
CA ILE B 134 -36.02 0.38 -27.72
C ILE B 134 -34.64 -0.07 -28.19
N ILE B 135 -33.62 0.60 -27.67
CA ILE B 135 -32.22 0.27 -27.94
C ILE B 135 -31.55 0.01 -26.60
N HIS B 136 -30.61 -0.91 -26.61
CA HIS B 136 -30.04 -1.33 -25.35
C HIS B 136 -28.70 -0.65 -25.11
N PRO B 137 -28.36 -0.33 -23.86
CA PRO B 137 -27.12 0.41 -23.58
C PRO B 137 -25.84 -0.38 -23.80
N TYR B 138 -25.90 -1.62 -24.30
CA TYR B 138 -24.71 -2.31 -24.75
C TYR B 138 -24.74 -2.60 -26.24
N SER B 139 -25.73 -2.09 -26.96
CA SER B 139 -25.88 -2.43 -28.36
C SER B 139 -24.87 -1.66 -29.20
N ASP B 140 -24.54 -2.23 -30.36
CA ASP B 140 -23.60 -1.59 -31.28
C ASP B 140 -24.16 -0.30 -31.84
N PHE B 141 -25.48 -0.17 -31.90
CA PHE B 141 -26.09 1.08 -32.31
C PHE B 141 -25.82 2.19 -31.31
N ARG B 142 -25.98 1.91 -30.03
CA ARG B 142 -25.70 2.91 -29.01
C ARG B 142 -24.21 3.19 -28.92
N PHE B 143 -23.37 2.20 -29.21
CA PHE B 143 -21.93 2.44 -29.21
C PHE B 143 -21.52 3.36 -30.37
N TYR B 144 -22.05 3.11 -31.56
CA TYR B 144 -21.68 3.94 -32.69
C TYR B 144 -22.31 5.33 -32.59
N TRP B 145 -23.49 5.44 -31.98
CA TRP B 145 -24.07 6.76 -31.77
C TRP B 145 -23.30 7.55 -30.73
N ASP B 146 -22.82 6.86 -29.68
CA ASP B 146 -21.90 7.44 -28.73
C ASP B 146 -20.66 8.01 -29.41
N LEU B 147 -20.06 7.22 -30.32
CA LEU B 147 -18.81 7.66 -30.95
C LEU B 147 -19.04 8.84 -31.91
N ILE B 148 -20.12 8.78 -32.70
CA ILE B 148 -20.40 9.86 -33.64
C ILE B 148 -20.73 11.16 -32.90
N MET B 149 -21.48 11.05 -31.80
CA MET B 149 -21.79 12.24 -31.03
C MET B 149 -20.56 12.77 -30.30
N LEU B 150 -19.62 11.90 -29.99
CA LEU B 150 -18.41 12.39 -29.34
C LEU B 150 -17.52 13.15 -30.31
N ILE B 151 -17.43 12.66 -31.56
CA ILE B 151 -16.66 13.36 -32.58
C ILE B 151 -17.28 14.73 -32.86
N MET B 152 -18.61 14.75 -33.01
CA MET B 152 -19.29 16.01 -33.28
C MET B 152 -19.20 16.96 -32.09
N MET B 153 -19.16 16.42 -30.87
CA MET B 153 -19.08 17.27 -29.69
C MET B 153 -17.72 17.94 -29.57
N VAL B 154 -16.64 17.18 -29.78
CA VAL B 154 -15.33 17.80 -29.63
C VAL B 154 -15.07 18.78 -30.77
N GLY B 155 -15.64 18.50 -31.95
CA GLY B 155 -15.58 19.44 -33.05
C GLY B 155 -16.30 20.74 -32.73
N ASN B 156 -17.50 20.64 -32.18
CA ASN B 156 -18.30 21.84 -31.93
C ASN B 156 -17.75 22.65 -30.76
N LEU B 157 -17.23 21.97 -29.74
CA LEU B 157 -16.70 22.68 -28.58
C LEU B 157 -15.33 23.27 -28.86
N VAL B 158 -14.66 22.82 -29.92
CA VAL B 158 -13.49 23.57 -30.35
C VAL B 158 -13.90 24.77 -31.20
N ILE B 159 -14.83 24.57 -32.12
CA ILE B 159 -15.23 25.66 -33.03
C ILE B 159 -16.37 26.59 -32.55
N ILE B 160 -17.00 26.35 -31.42
CA ILE B 160 -18.09 27.28 -31.02
C ILE B 160 -17.64 28.65 -30.43
N PRO B 161 -16.86 28.61 -29.34
CA PRO B 161 -16.39 29.81 -28.67
C PRO B 161 -15.54 30.70 -29.57
N VAL B 162 -14.67 30.11 -30.37
CA VAL B 162 -13.83 30.89 -31.28
C VAL B 162 -14.69 31.62 -32.30
N GLY B 163 -15.71 30.95 -32.79
CA GLY B 163 -16.64 31.54 -33.73
C GLY B 163 -17.37 32.71 -33.10
N ILE B 164 -17.76 32.58 -31.84
CA ILE B 164 -18.48 33.68 -31.18
C ILE B 164 -17.74 35.03 -31.03
N THR B 165 -16.56 35.00 -30.41
CA THR B 165 -15.75 36.17 -30.13
C THR B 165 -15.23 36.82 -31.40
N PHE B 166 -14.39 36.12 -32.17
CA PHE B 166 -13.67 36.84 -33.20
C PHE B 166 -14.45 37.00 -34.50
N PHE B 167 -15.70 36.55 -34.58
CA PHE B 167 -16.43 36.74 -35.83
C PHE B 167 -17.64 37.62 -35.59
N THR B 168 -17.45 38.93 -35.74
CA THR B 168 -18.53 39.88 -35.53
C THR B 168 -19.56 39.87 -36.65
N GLU B 169 -19.29 39.17 -37.75
CA GLU B 169 -20.28 38.94 -38.80
C GLU B 169 -20.68 37.48 -38.72
N GLN B 170 -21.67 37.19 -37.87
CA GLN B 170 -22.08 35.81 -37.60
C GLN B 170 -23.42 35.46 -38.23
N THR B 171 -23.72 36.07 -39.38
CA THR B 171 -24.97 35.82 -40.07
C THR B 171 -24.74 35.28 -41.48
N THR B 172 -23.52 34.84 -41.75
CA THR B 172 -23.17 34.30 -43.05
C THR B 172 -23.85 32.96 -43.29
N THR B 173 -24.11 32.63 -44.55
CA THR B 173 -24.78 31.39 -44.90
C THR B 173 -23.97 30.17 -44.48
N PRO B 174 -22.65 30.22 -44.65
CA PRO B 174 -21.81 29.08 -44.25
C PRO B 174 -21.90 28.83 -42.74
N TRP B 175 -21.93 29.91 -41.96
CA TRP B 175 -22.00 29.80 -40.51
C TRP B 175 -23.37 29.33 -40.01
N ILE B 176 -24.44 29.75 -40.69
CA ILE B 176 -25.78 29.35 -40.29
C ILE B 176 -26.04 27.90 -40.65
N ILE B 177 -25.46 27.45 -41.76
CA ILE B 177 -25.64 26.06 -42.22
C ILE B 177 -24.99 25.10 -41.24
N PHE B 178 -23.79 25.43 -40.77
CA PHE B 178 -23.11 24.62 -39.77
C PHE B 178 -23.88 24.63 -38.45
N ASN B 179 -24.42 25.79 -38.06
CA ASN B 179 -25.14 25.89 -36.79
C ASN B 179 -26.42 25.05 -36.80
N VAL B 180 -27.19 25.10 -37.89
CA VAL B 180 -28.42 24.32 -37.89
C VAL B 180 -28.11 22.83 -38.10
N ALA B 181 -26.97 22.51 -38.73
CA ALA B 181 -26.56 21.12 -38.84
C ALA B 181 -26.27 20.52 -37.48
N SER B 182 -25.43 21.19 -36.69
CA SER B 182 -25.13 20.68 -35.36
C SER B 182 -26.34 20.72 -34.45
N ASP B 183 -27.25 21.68 -34.68
CA ASP B 183 -28.48 21.76 -33.90
C ASP B 183 -29.37 20.56 -34.13
N THR B 184 -29.63 20.21 -35.39
CA THR B 184 -30.50 19.07 -35.65
C THR B 184 -29.81 17.76 -35.29
N VAL B 185 -28.48 17.72 -35.32
CA VAL B 185 -27.75 16.53 -34.87
C VAL B 185 -27.94 16.32 -33.37
N PHE B 186 -27.88 17.40 -32.60
CA PHE B 186 -28.04 17.17 -31.17
C PHE B 186 -29.50 17.07 -30.74
N LEU B 187 -30.43 17.54 -31.56
CA LEU B 187 -31.83 17.21 -31.29
C LEU B 187 -32.10 15.74 -31.57
N LEU B 188 -31.47 15.18 -32.60
CA LEU B 188 -31.51 13.74 -32.81
C LEU B 188 -30.95 12.99 -31.62
N ASP B 189 -29.83 13.47 -31.08
CA ASP B 189 -29.25 12.81 -29.92
C ASP B 189 -30.11 12.95 -28.67
N LEU B 190 -30.88 14.03 -28.56
CA LEU B 190 -31.76 14.15 -27.40
C LEU B 190 -32.97 13.22 -27.50
N ILE B 191 -33.53 13.06 -28.70
CA ILE B 191 -34.64 12.14 -28.84
C ILE B 191 -34.17 10.70 -28.66
N MET B 192 -32.96 10.39 -29.12
CA MET B 192 -32.42 9.06 -28.83
C MET B 192 -32.06 8.92 -27.35
N ASN B 193 -31.80 10.04 -26.67
CA ASN B 193 -31.62 10.00 -25.22
C ASN B 193 -32.94 9.71 -24.52
N PHE B 194 -34.07 10.10 -25.13
CA PHE B 194 -35.36 9.59 -24.65
C PHE B 194 -35.50 8.10 -24.89
N ARG B 195 -35.17 7.65 -26.11
CA ARG B 195 -35.48 6.26 -26.47
C ARG B 195 -34.38 5.28 -26.08
N THR B 196 -33.48 5.67 -25.18
CA THR B 196 -32.46 4.76 -24.69
C THR B 196 -32.98 3.99 -23.47
N GLY B 197 -32.07 3.32 -22.78
CA GLY B 197 -32.38 2.64 -21.53
C GLY B 197 -31.16 2.57 -20.64
N THR B 198 -31.34 2.72 -19.33
CA THR B 198 -30.20 2.75 -18.43
C THR B 198 -30.07 1.42 -17.68
N VAL B 199 -29.10 1.36 -16.77
CA VAL B 199 -28.85 0.18 -15.96
C VAL B 199 -28.57 0.64 -14.53
N ASN B 200 -29.48 0.33 -13.63
CA ASN B 200 -29.34 0.74 -12.23
C ASN B 200 -28.31 -0.12 -11.51
N SER B 203 -27.76 -3.92 -10.23
CA SER B 203 -29.11 -4.32 -10.59
C SER B 203 -29.22 -4.62 -12.08
N SER B 204 -30.45 -4.86 -12.53
CA SER B 204 -30.68 -5.22 -13.93
C SER B 204 -30.84 -3.96 -14.78
N GLU B 205 -30.72 -4.17 -16.09
CA GLU B 205 -30.89 -3.07 -17.05
C GLU B 205 -32.36 -2.74 -17.21
N ILE B 206 -32.75 -1.52 -16.83
CA ILE B 206 -34.13 -1.11 -16.93
C ILE B 206 -34.47 -0.84 -18.39
N ILE B 207 -35.58 -1.42 -18.85
CA ILE B 207 -36.01 -1.25 -20.23
C ILE B 207 -37.47 -0.85 -20.28
N LEU B 208 -37.96 -0.24 -19.21
CA LEU B 208 -39.36 0.21 -19.12
C LEU B 208 -39.45 1.62 -19.69
N ASP B 209 -39.98 1.72 -20.93
CA ASP B 209 -39.95 2.99 -21.64
C ASP B 209 -40.87 4.06 -21.06
N PRO B 210 -42.21 3.92 -21.09
CA PRO B 210 -43.04 5.15 -21.09
C PRO B 210 -43.17 5.82 -19.73
N LYS B 211 -42.80 5.14 -18.66
CA LYS B 211 -42.86 5.73 -17.32
C LYS B 211 -41.50 5.82 -16.65
N VAL B 212 -40.78 4.70 -16.58
CA VAL B 212 -39.60 4.61 -15.72
C VAL B 212 -38.44 5.42 -16.30
N ILE B 213 -38.04 5.09 -17.53
CA ILE B 213 -36.87 5.75 -18.09
C ILE B 213 -37.21 7.18 -18.51
N LYS B 214 -38.48 7.44 -18.83
CA LYS B 214 -38.90 8.80 -19.16
C LYS B 214 -38.86 9.69 -17.93
N MET B 215 -39.35 9.16 -16.79
CA MET B 215 -39.32 9.92 -15.54
C MET B 215 -37.88 10.11 -15.05
N ASN B 216 -37.05 9.07 -15.17
CA ASN B 216 -35.68 9.15 -14.69
C ASN B 216 -34.86 10.12 -15.53
N TYR B 217 -35.03 10.08 -16.85
CA TYR B 217 -34.28 11.00 -17.71
C TYR B 217 -34.80 12.42 -17.59
N LEU B 218 -36.12 12.59 -17.48
CA LEU B 218 -36.69 13.92 -17.33
C LEU B 218 -36.40 14.53 -15.97
N LYS B 219 -36.06 13.70 -14.97
CA LYS B 219 -35.59 14.21 -13.70
C LYS B 219 -34.07 14.33 -13.63
N SER B 220 -33.34 13.73 -14.57
CA SER B 220 -31.88 13.72 -14.45
C SER B 220 -31.22 14.86 -15.21
N TRP B 221 -31.37 14.90 -16.55
CA TRP B 221 -30.53 15.76 -17.37
C TRP B 221 -31.27 16.53 -18.45
N PHE B 222 -32.60 16.58 -18.42
CA PHE B 222 -33.32 17.13 -19.57
C PHE B 222 -33.18 18.63 -19.69
N VAL B 223 -33.06 19.34 -18.57
CA VAL B 223 -32.86 20.79 -18.64
C VAL B 223 -31.47 21.10 -19.20
N VAL B 224 -30.45 20.45 -18.65
CA VAL B 224 -29.07 20.68 -19.07
C VAL B 224 -28.77 20.07 -20.44
N ASP B 225 -29.71 19.37 -21.06
CA ASP B 225 -29.58 19.06 -22.48
C ASP B 225 -30.46 19.93 -23.36
N PHE B 226 -31.66 20.28 -22.92
CA PHE B 226 -32.59 21.04 -23.74
C PHE B 226 -32.21 22.50 -23.86
N ILE B 227 -31.42 23.03 -22.93
CA ILE B 227 -30.83 24.34 -23.15
C ILE B 227 -29.83 24.29 -24.30
N SER B 228 -28.96 23.29 -24.29
CA SER B 228 -27.88 23.22 -25.26
C SER B 228 -28.29 22.66 -26.61
N SER B 229 -29.50 22.12 -26.73
CA SER B 229 -29.89 21.53 -28.00
C SER B 229 -30.29 22.56 -29.04
N ILE B 230 -31.38 23.27 -28.79
CA ILE B 230 -32.06 24.04 -29.82
C ILE B 230 -31.33 25.37 -29.93
N PRO B 231 -31.25 25.97 -31.12
CA PRO B 231 -30.58 27.28 -31.25
C PRO B 231 -31.40 28.43 -30.69
N VAL B 232 -31.23 28.73 -29.39
CA VAL B 232 -31.89 29.87 -28.76
C VAL B 232 -31.48 31.21 -29.35
N ASP B 233 -30.39 31.26 -30.11
CA ASP B 233 -29.88 32.50 -30.66
C ASP B 233 -30.70 33.02 -31.83
N TYR B 234 -31.43 32.15 -32.51
CA TYR B 234 -32.26 32.56 -33.63
C TYR B 234 -33.71 32.75 -33.20
N ILE B 235 -34.12 32.01 -32.17
CA ILE B 235 -35.46 32.16 -31.61
C ILE B 235 -35.62 33.51 -30.95
N PHE B 236 -34.66 33.88 -30.09
CA PHE B 236 -34.70 35.18 -29.42
C PHE B 236 -34.54 36.32 -30.42
N LEU B 237 -33.76 36.09 -31.48
CA LEU B 237 -33.61 37.09 -32.52
C LEU B 237 -34.90 37.32 -33.30
N ILE B 238 -35.63 36.26 -33.62
CA ILE B 238 -36.88 36.45 -34.36
C ILE B 238 -37.98 36.95 -33.44
N VAL B 239 -37.84 36.73 -32.13
CA VAL B 239 -38.75 37.34 -31.17
C VAL B 239 -38.54 38.85 -31.11
N GLU B 240 -37.28 39.28 -31.01
CA GLU B 240 -36.99 40.71 -30.96
C GLU B 240 -37.18 41.38 -32.31
N LYS B 241 -37.16 40.60 -33.40
CA LYS B 241 -37.53 41.15 -34.70
C LYS B 241 -39.03 41.22 -34.89
N GLY B 242 -39.77 40.35 -34.22
CA GLY B 242 -41.23 40.35 -34.31
C GLY B 242 -41.87 41.15 -33.20
N ALA B 253 -29.92 48.99 -31.36
CA ALA B 253 -30.06 47.55 -31.22
C ALA B 253 -28.75 46.89 -30.85
N LEU B 254 -27.78 47.73 -30.44
CA LEU B 254 -26.45 47.23 -30.11
C LEU B 254 -26.48 46.37 -28.85
N ARG B 255 -27.41 46.67 -27.94
CA ARG B 255 -27.60 45.79 -26.79
C ARG B 255 -28.15 44.43 -27.22
N ILE B 256 -28.97 44.40 -28.27
CA ILE B 256 -29.50 43.13 -28.76
C ILE B 256 -28.42 42.34 -29.49
N VAL B 257 -27.51 43.03 -30.18
CA VAL B 257 -26.37 42.35 -30.79
C VAL B 257 -25.44 41.78 -29.71
N ARG B 258 -25.26 42.51 -28.61
CA ARG B 258 -24.53 41.98 -27.47
C ARG B 258 -25.21 40.74 -26.90
N PHE B 259 -26.53 40.80 -26.77
CA PHE B 259 -27.27 39.69 -26.15
C PHE B 259 -27.31 38.46 -27.04
N THR B 260 -27.25 38.64 -28.36
CA THR B 260 -27.20 37.48 -29.24
C THR B 260 -25.77 36.99 -29.43
N LYS B 261 -24.78 37.81 -29.05
CA LYS B 261 -23.44 37.24 -28.91
C LYS B 261 -23.29 36.46 -27.62
N ILE B 262 -24.08 36.79 -26.59
CA ILE B 262 -23.92 36.07 -25.33
C ILE B 262 -24.51 34.67 -25.42
N LEU B 263 -25.76 34.56 -25.86
CA LEU B 263 -26.55 33.35 -25.60
C LEU B 263 -26.06 32.13 -26.40
N SER B 264 -25.23 32.36 -27.42
CA SER B 264 -24.58 31.26 -28.11
C SER B 264 -23.66 30.46 -27.20
N LEU B 265 -23.12 31.07 -26.14
CA LEU B 265 -22.32 30.31 -25.18
C LEU B 265 -23.16 29.32 -24.37
N LEU B 266 -24.50 29.39 -24.47
CA LEU B 266 -25.34 28.35 -23.92
C LEU B 266 -25.09 27.00 -24.59
N ARG B 267 -24.53 26.98 -25.79
CA ARG B 267 -24.14 25.72 -26.40
C ARG B 267 -22.89 25.12 -25.77
N LEU B 268 -22.19 25.84 -24.89
CA LEU B 268 -21.12 25.20 -24.14
C LEU B 268 -21.63 24.16 -23.14
N LEU B 269 -22.92 24.22 -22.81
CA LEU B 269 -23.56 23.14 -22.04
C LEU B 269 -23.75 21.87 -22.85
N ARG B 270 -23.23 21.79 -24.09
CA ARG B 270 -23.03 20.50 -24.71
C ARG B 270 -21.86 19.74 -24.09
N LEU B 271 -21.12 20.37 -23.17
CA LEU B 271 -19.95 19.72 -22.57
C LEU B 271 -20.33 18.54 -21.69
N SER B 272 -21.44 18.64 -20.95
CA SER B 272 -21.80 17.60 -19.97
C SER B 272 -22.13 16.28 -20.64
N ARG B 273 -22.64 16.35 -21.87
CA ARG B 273 -22.87 15.14 -22.64
C ARG B 273 -21.56 14.46 -23.02
N LEU B 274 -20.49 15.24 -23.19
CA LEU B 274 -19.20 14.67 -23.56
C LEU B 274 -18.60 13.86 -22.43
N ILE B 275 -18.62 14.39 -21.20
CA ILE B 275 -18.06 13.64 -20.09
C ILE B 275 -18.98 12.48 -19.71
N ARG B 276 -20.29 12.68 -19.84
CA ARG B 276 -21.24 11.63 -19.53
C ARG B 276 -21.12 10.47 -20.51
N TYR B 277 -20.72 10.75 -21.75
CA TYR B 277 -20.50 9.67 -22.70
C TYR B 277 -19.12 9.07 -22.58
N ILE B 278 -18.11 9.89 -22.24
CA ILE B 278 -16.73 9.41 -22.20
C ILE B 278 -16.51 8.52 -20.98
N HIS B 279 -17.38 8.63 -19.97
CA HIS B 279 -17.35 7.68 -18.86
C HIS B 279 -17.56 6.24 -19.35
N GLN B 280 -18.68 6.01 -20.03
CA GLN B 280 -18.99 4.70 -20.59
C GLN B 280 -17.97 4.28 -21.64
N TRP B 281 -17.56 5.22 -22.50
CA TRP B 281 -16.68 4.86 -23.61
C TRP B 281 -15.29 4.47 -23.11
N GLU B 282 -14.74 5.20 -22.13
CA GLU B 282 -13.43 4.83 -21.62
C GLU B 282 -13.49 3.58 -20.76
N GLU B 283 -14.59 3.37 -20.02
CA GLU B 283 -14.64 2.14 -19.23
C GLU B 283 -14.88 0.92 -20.12
N ILE B 284 -15.42 1.14 -21.32
CA ILE B 284 -15.52 0.03 -22.27
C ILE B 284 -14.18 -0.25 -22.92
N PHE B 285 -13.55 0.77 -23.51
CA PHE B 285 -12.39 0.56 -24.35
C PHE B 285 -11.07 0.92 -23.68
N HIS B 286 -11.00 0.90 -22.35
CA HIS B 286 -9.73 1.12 -21.67
C HIS B 286 -9.41 0.07 -20.62
N MET B 287 -10.16 -1.03 -20.59
CA MET B 287 -9.85 -2.12 -19.66
C MET B 287 -8.89 -3.14 -20.25
N THR B 288 -8.07 -2.75 -21.22
CA THR B 288 -7.22 -3.73 -21.90
C THR B 288 -5.95 -4.02 -21.11
N ASP B 289 -5.12 -3.02 -20.89
CA ASP B 289 -3.79 -3.26 -20.32
C ASP B 289 -3.42 -2.13 -19.37
N ASP B 290 -2.17 -2.15 -18.90
CA ASP B 290 -1.72 -1.17 -17.93
C ASP B 290 -1.19 0.09 -18.61
N LEU B 291 -0.44 -0.07 -19.70
CA LEU B 291 0.16 1.08 -20.38
C LEU B 291 -0.88 1.88 -21.15
N ALA B 292 -1.79 1.17 -21.83
CA ALA B 292 -2.75 1.83 -22.72
C ALA B 292 -3.77 2.65 -21.94
N SER B 293 -4.26 2.10 -20.83
CA SER B 293 -5.22 2.81 -19.98
C SER B 293 -4.58 4.05 -19.36
N ALA B 294 -3.34 3.94 -18.92
CA ALA B 294 -2.63 5.06 -18.31
C ALA B 294 -2.38 6.16 -19.34
N VAL B 295 -1.95 5.78 -20.54
CA VAL B 295 -1.62 6.77 -21.56
C VAL B 295 -2.88 7.45 -22.09
N VAL B 296 -3.99 6.71 -22.21
CA VAL B 296 -5.22 7.36 -22.65
C VAL B 296 -5.79 8.22 -21.52
N ARG B 297 -5.49 7.90 -20.25
CA ARG B 297 -5.97 8.76 -19.17
C ARG B 297 -5.18 10.07 -19.10
N ILE B 298 -3.86 10.00 -19.26
CA ILE B 298 -3.07 11.24 -19.22
C ILE B 298 -3.34 12.09 -20.46
N PHE B 299 -3.60 11.46 -21.61
CA PHE B 299 -3.93 12.28 -22.77
C PHE B 299 -5.36 12.80 -22.71
N ASN B 300 -6.25 12.09 -22.00
CA ASN B 300 -7.57 12.62 -21.66
C ASN B 300 -7.44 13.89 -20.84
N LEU B 301 -6.57 13.87 -19.84
CA LEU B 301 -6.43 15.04 -18.97
C LEU B 301 -5.77 16.20 -19.69
N ILE B 302 -4.76 15.93 -20.53
CA ILE B 302 -4.13 17.05 -21.21
C ILE B 302 -5.02 17.58 -22.33
N GLY B 303 -5.92 16.75 -22.86
CA GLY B 303 -6.93 17.28 -23.78
C GLY B 303 -7.91 18.18 -23.07
N MET B 304 -8.29 17.81 -21.84
CA MET B 304 -9.15 18.67 -21.04
C MET B 304 -8.48 20.00 -20.71
N MET B 305 -7.18 19.97 -20.41
CA MET B 305 -6.46 21.18 -20.09
C MET B 305 -6.33 22.10 -21.30
N LEU B 306 -6.10 21.52 -22.49
CA LEU B 306 -6.04 22.38 -23.66
C LEU B 306 -7.41 22.94 -24.03
N LEU B 307 -8.48 22.20 -23.72
CA LEU B 307 -9.81 22.73 -23.95
C LEU B 307 -10.10 23.92 -23.04
N LEU B 308 -9.67 23.83 -21.77
CA LEU B 308 -9.87 24.96 -20.87
C LEU B 308 -9.01 26.15 -21.25
N CYS B 309 -7.78 25.90 -21.72
CA CYS B 309 -6.94 26.98 -22.20
C CYS B 309 -7.56 27.68 -23.39
N HIS B 310 -8.20 26.90 -24.27
CA HIS B 310 -8.83 27.49 -25.44
C HIS B 310 -10.05 28.31 -25.06
N TRP B 311 -10.87 27.80 -24.13
CA TRP B 311 -12.05 28.54 -23.69
C TRP B 311 -11.69 29.82 -22.98
N ASP B 312 -10.65 29.77 -22.14
CA ASP B 312 -10.20 30.98 -21.46
C ASP B 312 -9.63 31.97 -22.45
N GLY B 313 -8.96 31.47 -23.49
CA GLY B 313 -8.44 32.36 -24.51
C GLY B 313 -9.53 33.03 -25.31
N CYS B 314 -10.67 32.38 -25.45
CA CYS B 314 -11.78 33.11 -26.06
C CYS B 314 -12.41 34.08 -25.08
N LEU B 315 -12.36 33.78 -23.77
CA LEU B 315 -13.00 34.64 -22.78
C LEU B 315 -12.26 35.97 -22.64
N GLN B 316 -10.93 35.94 -22.67
CA GLN B 316 -10.12 37.13 -22.45
C GLN B 316 -10.26 38.13 -23.59
N PHE B 317 -10.80 37.70 -24.72
CA PHE B 317 -11.15 38.65 -25.75
C PHE B 317 -12.63 38.93 -25.76
N LEU B 318 -13.44 38.00 -25.24
CA LEU B 318 -14.88 38.22 -25.27
C LEU B 318 -15.29 39.38 -24.39
N VAL B 319 -14.72 39.49 -23.20
CA VAL B 319 -15.15 40.54 -22.27
C VAL B 319 -14.65 41.93 -22.66
N PRO B 320 -13.44 42.11 -23.21
CA PRO B 320 -13.18 43.39 -23.88
C PRO B 320 -13.96 43.62 -25.17
N LEU B 321 -14.68 42.61 -25.67
CA LEU B 321 -15.48 42.83 -26.87
C LEU B 321 -16.86 43.33 -26.52
N LEU B 322 -17.44 42.82 -25.44
CA LEU B 322 -18.80 43.21 -25.07
C LEU B 322 -18.87 44.62 -24.51
N GLN B 323 -17.74 45.22 -24.14
CA GLN B 323 -17.71 46.61 -23.71
C GLN B 323 -17.21 47.53 -24.80
N ASP B 324 -17.16 47.05 -26.04
CA ASP B 324 -16.77 47.79 -27.23
C ASP B 324 -15.37 48.38 -27.13
N PHE B 325 -14.44 47.63 -26.51
CA PHE B 325 -13.02 47.94 -26.38
C PHE B 325 -12.77 49.27 -25.70
N PRO B 326 -12.91 49.35 -24.37
CA PRO B 326 -12.67 50.61 -23.66
C PRO B 326 -11.19 50.99 -23.73
N PRO B 327 -10.86 52.27 -23.57
CA PRO B 327 -9.48 52.70 -23.87
C PRO B 327 -8.45 52.34 -22.82
N ASP B 328 -8.74 51.45 -21.88
CA ASP B 328 -7.74 51.03 -20.93
C ASP B 328 -7.59 49.53 -20.82
N CYS B 329 -8.39 48.73 -21.53
CA CYS B 329 -8.23 47.28 -21.48
C CYS B 329 -7.06 46.88 -22.36
N TRP B 330 -6.67 45.61 -22.26
CA TRP B 330 -5.40 45.18 -22.83
C TRP B 330 -5.42 45.23 -24.35
N VAL B 331 -6.58 45.12 -24.97
CA VAL B 331 -6.65 45.10 -26.43
C VAL B 331 -6.34 46.48 -26.97
N SER B 332 -6.99 47.50 -26.44
CA SER B 332 -6.68 48.81 -26.96
C SER B 332 -5.43 49.41 -26.32
N LEU B 333 -4.82 48.74 -25.35
CA LEU B 333 -3.48 49.15 -24.95
C LEU B 333 -2.43 48.60 -25.88
N ASN B 334 -2.57 47.33 -26.28
CA ASN B 334 -1.61 46.75 -27.21
C ASN B 334 -1.88 47.18 -28.63
N GLU B 335 -3.01 47.87 -28.85
CA GLU B 335 -3.42 48.42 -30.13
C GLU B 335 -3.57 47.31 -31.18
N MET B 336 -4.48 46.39 -30.90
CA MET B 336 -4.75 45.31 -31.83
C MET B 336 -6.25 45.12 -31.98
N VAL B 337 -7.00 46.22 -32.04
CA VAL B 337 -8.39 46.11 -32.44
C VAL B 337 -8.48 45.89 -33.94
N ASN B 338 -7.49 46.35 -34.69
CA ASN B 338 -7.50 46.29 -36.14
C ASN B 338 -6.76 45.11 -36.73
N ASP B 339 -5.96 44.41 -35.94
CA ASP B 339 -5.20 43.28 -36.46
C ASP B 339 -6.13 42.12 -36.79
N SER B 340 -5.76 41.35 -37.81
CA SER B 340 -6.61 40.28 -38.31
C SER B 340 -6.68 39.14 -37.32
N TRP B 341 -7.76 38.35 -37.41
CA TRP B 341 -8.23 37.55 -36.29
C TRP B 341 -7.27 36.45 -35.88
N GLY B 342 -6.36 36.05 -36.76
CA GLY B 342 -5.33 35.11 -36.35
C GLY B 342 -4.42 35.69 -35.29
N LYS B 343 -4.09 36.97 -35.43
CA LYS B 343 -3.20 37.60 -34.46
C LYS B 343 -3.91 37.80 -33.12
N GLN B 344 -5.18 38.20 -33.16
CA GLN B 344 -5.93 38.39 -31.92
C GLN B 344 -6.14 37.07 -31.20
N TYR B 345 -6.41 36.00 -31.95
CA TYR B 345 -6.60 34.71 -31.30
C TYR B 345 -5.30 34.18 -30.75
N SER B 346 -4.19 34.36 -31.46
CA SER B 346 -2.92 33.89 -30.94
C SER B 346 -2.52 34.63 -29.68
N TYR B 347 -2.77 35.94 -29.63
CA TYR B 347 -2.41 36.66 -28.43
C TYR B 347 -3.34 36.34 -27.27
N ALA B 348 -4.63 36.16 -27.55
CA ALA B 348 -5.55 35.85 -26.46
C ALA B 348 -5.31 34.46 -25.90
N LEU B 349 -4.94 33.51 -26.76
CA LEU B 349 -4.63 32.18 -26.27
C LEU B 349 -3.31 32.17 -25.53
N PHE B 350 -2.35 33.00 -25.95
CA PHE B 350 -1.09 33.08 -25.23
C PHE B 350 -1.28 33.70 -23.86
N LYS B 351 -2.16 34.69 -23.76
CA LYS B 351 -2.41 35.31 -22.48
C LYS B 351 -3.09 34.33 -21.53
N ALA B 352 -4.03 33.54 -22.04
CA ALA B 352 -4.71 32.59 -21.18
C ALA B 352 -3.78 31.43 -20.81
N MET B 353 -2.87 31.07 -21.69
CA MET B 353 -1.97 29.98 -21.35
C MET B 353 -0.90 30.44 -20.38
N SER B 354 -0.53 31.72 -20.43
CA SER B 354 0.43 32.22 -19.47
C SER B 354 -0.20 32.38 -18.10
N HIS B 355 -1.48 32.72 -18.04
CA HIS B 355 -2.18 32.70 -16.75
C HIS B 355 -2.36 31.28 -16.25
N MET B 356 -2.59 30.33 -17.15
CA MET B 356 -2.96 28.98 -16.74
C MET B 356 -1.79 28.25 -16.10
N LEU B 357 -0.60 28.37 -16.68
CA LEU B 357 0.57 27.68 -16.17
C LEU B 357 1.34 28.51 -15.17
N CYS B 358 0.78 29.68 -14.87
CA CYS B 358 1.31 30.71 -13.96
C CYS B 358 2.59 31.41 -14.40
N ILE B 359 2.93 31.40 -15.68
CA ILE B 359 4.17 32.05 -16.07
C ILE B 359 4.24 33.57 -15.90
N GLY B 360 3.22 34.30 -16.33
CA GLY B 360 3.21 35.73 -16.17
C GLY B 360 2.10 36.42 -16.94
N TYR B 361 1.84 37.68 -16.60
CA TYR B 361 0.80 38.46 -17.28
C TYR B 361 1.24 38.67 -18.72
N GLY B 362 0.28 38.65 -19.65
CA GLY B 362 0.60 38.87 -21.06
C GLY B 362 1.26 40.23 -21.20
N ALA B 363 0.58 41.25 -20.69
CA ALA B 363 1.08 42.62 -20.67
C ALA B 363 1.84 42.84 -19.37
N GLN B 364 2.34 44.05 -19.13
CA GLN B 364 3.07 44.27 -17.89
C GLN B 364 2.16 44.04 -16.69
N ALA B 365 0.93 44.55 -16.77
CA ALA B 365 -0.05 44.39 -15.71
C ALA B 365 -1.44 44.65 -16.26
N PRO B 366 -2.48 44.27 -15.52
CA PRO B 366 -3.85 44.52 -15.93
C PRO B 366 -4.31 45.75 -15.17
N VAL B 367 -4.82 46.77 -15.86
CA VAL B 367 -5.22 47.99 -15.19
C VAL B 367 -6.72 48.15 -15.00
N SER B 368 -7.51 47.82 -16.01
CA SER B 368 -8.95 47.96 -15.87
C SER B 368 -9.51 46.89 -14.97
N MET B 369 -10.68 47.17 -14.39
CA MET B 369 -11.24 46.32 -13.36
C MET B 369 -11.71 44.99 -13.92
N SER B 370 -12.25 45.02 -15.13
CA SER B 370 -12.73 43.79 -15.76
C SER B 370 -11.57 42.86 -16.08
N ASP B 371 -10.50 43.41 -16.67
CA ASP B 371 -9.30 42.63 -16.92
C ASP B 371 -8.69 42.10 -15.65
N LEU B 372 -8.78 42.89 -14.57
CA LEU B 372 -8.19 42.48 -13.31
C LEU B 372 -8.92 41.27 -12.74
N TRP B 373 -10.25 41.32 -12.73
CA TRP B 373 -10.99 40.23 -12.12
C TRP B 373 -10.97 38.98 -12.98
N ILE B 374 -10.95 39.15 -14.30
CA ILE B 374 -10.86 37.98 -15.17
C ILE B 374 -9.49 37.33 -15.05
N THR B 375 -8.44 38.15 -14.90
CA THR B 375 -7.11 37.62 -14.67
C THR B 375 -7.05 36.81 -13.38
N MET B 376 -7.72 37.29 -12.33
CA MET B 376 -7.65 36.57 -11.06
C MET B 376 -8.42 35.24 -11.12
N LEU B 377 -9.58 35.25 -11.76
CA LEU B 377 -10.35 34.01 -11.90
C LEU B 377 -9.61 32.99 -12.75
N SER B 378 -8.95 33.47 -13.81
CA SER B 378 -8.18 32.58 -14.66
C SER B 378 -6.98 32.02 -13.92
N MET B 379 -6.39 32.80 -13.03
CA MET B 379 -5.26 32.31 -12.24
C MET B 379 -5.69 31.20 -11.30
N ILE B 380 -6.85 31.35 -10.67
CA ILE B 380 -7.35 30.33 -9.75
C ILE B 380 -7.63 29.03 -10.49
N VAL B 381 -8.30 29.14 -11.65
CA VAL B 381 -8.64 27.94 -12.42
C VAL B 381 -7.38 27.26 -12.94
N GLY B 382 -6.36 28.04 -13.30
CA GLY B 382 -5.11 27.46 -13.77
C GLY B 382 -4.34 26.74 -12.70
N ALA B 383 -4.26 27.34 -11.51
CA ALA B 383 -3.54 26.69 -10.42
C ALA B 383 -4.24 25.40 -9.98
N THR B 384 -5.57 25.40 -9.98
CA THR B 384 -6.30 24.19 -9.61
C THR B 384 -6.11 23.08 -10.63
N CYS B 385 -6.21 23.42 -11.93
CA CYS B 385 -6.07 22.42 -12.96
C CYS B 385 -4.65 21.88 -13.02
N TYR B 386 -3.65 22.72 -12.75
CA TYR B 386 -2.29 22.23 -12.72
C TYR B 386 -2.03 21.34 -11.51
N ALA B 387 -2.68 21.63 -10.38
CA ALA B 387 -2.53 20.75 -9.23
C ALA B 387 -3.14 19.38 -9.50
N MET B 388 -4.30 19.35 -10.18
CA MET B 388 -4.90 18.07 -10.54
C MET B 388 -4.03 17.32 -11.52
N PHE B 389 -3.38 18.02 -12.43
CA PHE B 389 -2.50 17.36 -13.39
C PHE B 389 -1.29 16.75 -12.71
N VAL B 390 -0.72 17.45 -11.73
CA VAL B 390 0.42 16.91 -11.01
C VAL B 390 0.02 15.69 -10.20
N GLY B 391 -1.19 15.72 -9.62
CA GLY B 391 -1.68 14.56 -8.90
C GLY B 391 -1.88 13.34 -9.79
N HIS B 392 -2.42 13.56 -10.99
CA HIS B 392 -2.62 12.43 -11.89
C HIS B 392 -1.31 11.88 -12.41
N ALA B 393 -0.31 12.75 -12.62
CA ALA B 393 0.99 12.27 -13.04
C ALA B 393 1.65 11.43 -11.95
N THR B 394 1.47 11.83 -10.69
CA THR B 394 2.03 11.06 -9.58
C THR B 394 1.35 9.69 -9.47
N ALA B 395 0.03 9.66 -9.62
CA ALA B 395 -0.70 8.40 -9.53
C ALA B 395 -0.34 7.46 -10.67
N LEU B 396 -0.11 8.02 -11.87
CA LEU B 396 0.31 7.21 -13.00
C LEU B 396 1.69 6.62 -12.78
N ILE B 397 2.60 7.41 -12.22
CA ILE B 397 3.96 6.94 -12.01
C ILE B 397 4.00 5.83 -10.96
N GLN B 398 3.24 6.02 -9.87
CA GLN B 398 3.19 4.98 -8.84
C GLN B 398 2.48 3.74 -9.34
N SER B 399 1.56 3.89 -10.30
CA SER B 399 0.96 2.70 -10.87
C SER B 399 1.92 1.99 -11.81
N LEU B 400 2.83 2.71 -12.46
CA LEU B 400 3.77 2.01 -13.32
C LEU B 400 4.87 1.33 -12.52
N ASP B 401 5.25 1.89 -11.39
CA ASP B 401 6.42 1.39 -10.68
C ASP B 401 6.07 0.44 -9.54
N SER B 402 5.09 -0.46 -9.71
CA SER B 402 4.54 -1.18 -8.57
C SER B 402 5.38 -2.41 -8.22
N SER B 403 5.76 -3.19 -9.23
CA SER B 403 6.33 -4.51 -8.99
C SER B 403 7.70 -4.44 -8.35
N ARG B 404 8.56 -3.56 -8.87
CA ARG B 404 9.87 -3.34 -8.29
C ARG B 404 9.77 -2.78 -6.88
N ARG B 405 8.75 -1.96 -6.63
CA ARG B 405 8.50 -1.44 -5.30
C ARG B 405 8.17 -2.55 -4.32
N GLN B 406 7.27 -3.45 -4.71
CA GLN B 406 6.86 -4.53 -3.82
C GLN B 406 8.00 -5.50 -3.54
N TYR B 407 8.82 -5.76 -4.57
CA TYR B 407 10.00 -6.60 -4.36
C TYR B 407 10.97 -5.97 -3.40
N GLN B 408 11.13 -4.64 -3.48
CA GLN B 408 12.01 -3.98 -2.52
C GLN B 408 11.41 -3.96 -1.12
N GLU B 409 10.09 -3.98 -1.01
CA GLU B 409 9.46 -4.09 0.32
C GLU B 409 9.78 -5.40 0.98
N LYS B 410 9.62 -6.50 0.23
CA LYS B 410 9.93 -7.81 0.78
C LYS B 410 11.42 -7.94 1.12
N TYR B 411 12.27 -7.36 0.28
CA TYR B 411 13.70 -7.40 0.52
C TYR B 411 14.08 -6.63 1.76
N LYS B 412 13.45 -5.46 1.97
CA LYS B 412 13.73 -4.70 3.18
C LYS B 412 13.23 -5.42 4.42
N GLN B 413 12.13 -6.17 4.29
CA GLN B 413 11.62 -6.92 5.43
C GLN B 413 12.58 -8.02 5.85
N VAL B 414 13.10 -8.79 4.88
CA VAL B 414 14.02 -9.86 5.25
C VAL B 414 15.36 -9.27 5.71
N GLU B 415 15.69 -8.08 5.22
CA GLU B 415 16.90 -7.40 5.71
C GLU B 415 16.72 -6.98 7.16
N GLN B 416 15.52 -6.56 7.52
CA GLN B 416 15.26 -6.18 8.90
C GLN B 416 15.26 -7.38 9.82
N TYR B 417 14.82 -8.53 9.31
CA TYR B 417 14.87 -9.76 10.10
C TYR B 417 16.31 -10.17 10.38
N MET B 418 17.15 -10.12 9.34
CA MET B 418 18.55 -10.48 9.51
C MET B 418 19.28 -9.46 10.38
N SER B 419 18.83 -8.21 10.37
CA SER B 419 19.43 -7.22 11.24
C SER B 419 19.02 -7.44 12.68
N PHE B 420 17.78 -7.87 12.90
CA PHE B 420 17.31 -8.08 14.26
C PHE B 420 18.00 -9.26 14.91
N HIS B 421 18.27 -10.32 14.15
CA HIS B 421 18.99 -11.40 14.80
C HIS B 421 20.50 -11.20 14.85
N LYS B 422 21.01 -10.16 14.17
CA LYS B 422 22.44 -9.84 14.09
C LYS B 422 23.25 -11.02 13.55
N LEU B 423 22.81 -11.53 12.42
CA LEU B 423 23.51 -12.61 11.74
C LEU B 423 24.77 -12.07 11.08
N PRO B 424 25.81 -12.90 10.94
CA PRO B 424 27.02 -12.44 10.27
C PRO B 424 26.77 -12.22 8.78
N ALA B 425 27.65 -11.43 8.16
CA ALA B 425 27.49 -11.09 6.75
C ALA B 425 27.74 -12.29 5.85
N ASP B 426 28.51 -13.27 6.35
CA ASP B 426 28.68 -14.54 5.64
C ASP B 426 27.35 -15.25 5.43
N MET B 427 26.46 -15.17 6.42
CA MET B 427 25.17 -15.82 6.28
C MET B 427 24.21 -14.97 5.46
N ARG B 428 24.31 -13.65 5.57
CA ARG B 428 23.45 -12.76 4.78
C ARG B 428 23.73 -12.89 3.30
N GLN B 429 25.00 -13.14 2.95
CA GLN B 429 25.33 -13.38 1.55
C GLN B 429 24.68 -14.66 1.04
N LYS B 430 24.67 -15.71 1.86
CA LYS B 430 24.04 -16.96 1.44
C LYS B 430 22.53 -16.82 1.35
N ILE B 431 21.92 -16.02 2.22
CA ILE B 431 20.47 -15.83 2.17
C ILE B 431 20.07 -15.04 0.94
N HIS B 432 20.81 -13.97 0.62
CA HIS B 432 20.47 -13.22 -0.57
C HIS B 432 20.76 -14.01 -1.84
N ASP B 433 21.78 -14.86 -1.79
CA ASP B 433 22.03 -15.79 -2.89
C ASP B 433 20.87 -16.76 -3.07
N TYR B 434 20.30 -17.24 -1.97
CA TYR B 434 19.19 -18.17 -2.06
C TYR B 434 17.94 -17.48 -2.62
N TYR B 435 17.65 -16.26 -2.14
CA TYR B 435 16.47 -15.56 -2.64
C TYR B 435 16.58 -15.22 -4.11
N GLU B 436 17.78 -14.85 -4.56
CA GLU B 436 17.97 -14.66 -5.99
C GLU B 436 17.77 -15.97 -6.75
N HIS B 437 18.39 -17.05 -6.27
CA HIS B 437 18.36 -18.31 -6.99
C HIS B 437 17.00 -19.00 -6.91
N ARG B 438 16.12 -18.55 -6.03
CA ARG B 438 14.80 -19.16 -5.94
C ARG B 438 13.72 -18.30 -6.57
N TYR B 439 13.62 -17.04 -6.20
CA TYR B 439 12.53 -16.24 -6.74
C TYR B 439 12.88 -15.54 -8.04
N GLN B 440 14.19 -15.40 -8.34
CA GLN B 440 14.69 -14.74 -9.56
C GLN B 440 14.16 -13.32 -9.69
N GLY B 441 14.02 -12.64 -8.56
CA GLY B 441 13.60 -11.26 -8.56
C GLY B 441 12.14 -11.06 -8.94
N LYS B 442 11.31 -12.07 -8.75
CA LYS B 442 9.90 -11.98 -9.09
C LYS B 442 9.10 -12.25 -7.84
N ILE B 443 8.33 -11.28 -7.39
CA ILE B 443 7.50 -11.43 -6.21
C ILE B 443 6.12 -11.94 -6.63
N PHE B 444 5.71 -13.05 -6.05
CA PHE B 444 4.45 -13.72 -6.34
C PHE B 444 4.20 -14.74 -5.24
N ASP B 445 2.93 -14.93 -4.92
CA ASP B 445 2.55 -15.96 -3.95
C ASP B 445 1.99 -17.15 -4.70
N GLU B 446 2.55 -18.32 -4.45
CA GLU B 446 2.23 -19.50 -5.24
C GLU B 446 1.04 -20.27 -4.70
N GLU B 447 0.98 -20.47 -3.39
CA GLU B 447 -0.09 -21.26 -2.79
C GLU B 447 -1.44 -20.57 -2.94
N ASN B 448 -1.45 -19.25 -2.90
CA ASN B 448 -2.69 -18.51 -3.05
C ASN B 448 -3.24 -18.61 -4.47
N ILE B 449 -2.36 -18.51 -5.47
CA ILE B 449 -2.82 -18.58 -6.86
C ILE B 449 -3.27 -20.00 -7.19
N LEU B 450 -2.48 -21.00 -6.79
CA LEU B 450 -2.86 -22.37 -7.03
C LEU B 450 -4.07 -22.79 -6.20
N ASN B 451 -4.38 -22.06 -5.14
CA ASN B 451 -5.65 -22.28 -4.46
C ASN B 451 -6.79 -21.61 -5.18
N GLU B 452 -6.53 -20.50 -5.86
CA GLU B 452 -7.61 -19.81 -6.56
C GLU B 452 -8.04 -20.52 -7.82
N LEU B 453 -7.11 -21.19 -8.50
CA LEU B 453 -7.50 -21.92 -9.70
C LEU B 453 -8.21 -23.23 -9.33
N ASN B 454 -8.90 -23.81 -10.30
CA ASN B 454 -9.65 -25.02 -10.06
C ASN B 454 -8.84 -26.25 -10.46
N ASP B 455 -9.53 -27.40 -10.49
CA ASP B 455 -8.82 -28.68 -10.59
C ASP B 455 -8.18 -28.94 -11.95
N PRO B 456 -8.84 -28.77 -13.10
CA PRO B 456 -8.12 -29.05 -14.36
C PRO B 456 -7.09 -28.00 -14.70
N LEU B 457 -7.25 -26.77 -14.24
CA LEU B 457 -6.20 -25.78 -14.44
C LEU B 457 -4.97 -26.13 -13.62
N ARG B 458 -5.17 -26.58 -12.39
CA ARG B 458 -4.04 -27.03 -11.58
C ARG B 458 -3.36 -28.25 -12.19
N GLU B 459 -4.16 -29.17 -12.72
CA GLU B 459 -3.60 -30.38 -13.34
C GLU B 459 -2.80 -30.04 -14.59
N GLU B 460 -3.30 -29.10 -15.39
CA GLU B 460 -2.59 -28.73 -16.62
C GLU B 460 -1.32 -27.95 -16.32
N ILE B 461 -1.36 -27.05 -15.33
CA ILE B 461 -0.17 -26.28 -14.96
C ILE B 461 0.91 -27.21 -14.39
N VAL B 462 0.50 -28.17 -13.57
CA VAL B 462 1.47 -29.10 -12.97
C VAL B 462 2.07 -30.00 -14.03
N ASN B 463 1.26 -30.47 -14.98
CA ASN B 463 1.80 -31.30 -16.06
C ASN B 463 2.75 -30.52 -16.95
N PHE B 464 2.52 -29.22 -17.12
CA PHE B 464 3.49 -28.47 -17.90
C PHE B 464 4.78 -28.20 -17.14
N ASN B 465 4.68 -27.93 -15.83
CA ASN B 465 5.90 -27.68 -15.06
C ASN B 465 6.72 -28.94 -14.89
N CYS B 466 6.10 -30.11 -14.96
CA CYS B 466 6.84 -31.35 -14.83
C CYS B 466 6.78 -32.22 -16.07
N ARG B 467 6.67 -31.62 -17.25
CA ARG B 467 6.70 -32.39 -18.50
C ARG B 467 8.04 -33.09 -18.74
N LYS B 468 9.13 -32.57 -18.17
CA LYS B 468 10.42 -33.18 -18.39
C LYS B 468 10.61 -34.39 -17.50
N LEU B 469 10.09 -34.31 -16.28
CA LEU B 469 10.29 -35.36 -15.30
C LEU B 469 9.45 -36.59 -15.62
N VAL B 470 8.26 -36.38 -16.19
CA VAL B 470 7.40 -37.52 -16.55
C VAL B 470 7.98 -38.27 -17.74
N ALA B 471 8.79 -37.59 -18.55
CA ALA B 471 9.42 -38.29 -19.66
C ALA B 471 10.71 -38.98 -19.22
N THR B 472 11.49 -38.30 -18.37
CA THR B 472 12.81 -38.83 -18.01
C THR B 472 12.71 -39.97 -17.01
N MET B 473 11.72 -39.94 -16.11
CA MET B 473 11.60 -41.09 -15.22
C MET B 473 10.85 -42.22 -15.91
N PRO B 474 11.31 -43.46 -15.79
CA PRO B 474 10.63 -44.55 -16.51
C PRO B 474 9.35 -44.96 -15.84
N LEU B 475 9.32 -44.78 -14.52
CA LEU B 475 8.13 -45.08 -13.72
C LEU B 475 6.94 -44.23 -14.16
N PHE B 476 7.18 -42.92 -14.33
CA PHE B 476 6.11 -42.03 -14.75
C PHE B 476 5.71 -42.30 -16.19
N ALA B 477 6.68 -42.73 -17.01
CA ALA B 477 6.37 -43.03 -18.40
C ALA B 477 5.52 -44.28 -18.53
N ASN B 478 5.67 -45.24 -17.61
CA ASN B 478 4.95 -46.49 -17.74
C ASN B 478 3.75 -46.61 -16.83
N ALA B 479 3.53 -45.66 -15.92
CA ALA B 479 2.43 -45.81 -14.99
C ALA B 479 1.11 -45.28 -15.59
N ASP B 480 0.01 -45.53 -14.86
CA ASP B 480 -1.34 -45.10 -15.22
C ASP B 480 -1.48 -43.59 -15.02
N PRO B 481 -2.19 -42.91 -15.92
CA PRO B 481 -2.23 -41.44 -15.86
C PRO B 481 -2.98 -40.86 -14.69
N ASN B 482 -3.90 -41.60 -14.09
CA ASN B 482 -4.60 -41.09 -12.90
C ASN B 482 -3.65 -41.06 -11.71
N PHE B 483 -2.87 -42.14 -11.53
CA PHE B 483 -1.84 -42.19 -10.49
C PHE B 483 -0.79 -41.12 -10.72
N VAL B 484 -0.35 -40.97 -11.96
CA VAL B 484 0.64 -39.96 -12.33
C VAL B 484 0.12 -38.57 -12.02
N THR B 485 -1.16 -38.33 -12.29
CA THR B 485 -1.73 -37.02 -12.04
C THR B 485 -1.84 -36.71 -10.56
N ALA B 486 -2.23 -37.71 -9.75
CA ALA B 486 -2.36 -37.47 -8.32
C ALA B 486 -1.00 -37.26 -7.66
N MET B 487 -0.03 -38.11 -8.00
CA MET B 487 1.31 -37.98 -7.47
C MET B 487 1.96 -36.68 -7.93
N LEU B 488 1.61 -36.23 -9.14
CA LEU B 488 2.12 -34.95 -9.60
C LEU B 488 1.46 -33.80 -8.90
N SER B 489 0.19 -33.94 -8.52
CA SER B 489 -0.49 -32.84 -7.87
C SER B 489 0.01 -32.65 -6.46
N LYS B 490 0.48 -33.70 -5.83
CA LYS B 490 1.01 -33.57 -4.48
C LYS B 490 2.54 -33.46 -4.48
N LEU B 491 3.06 -32.39 -5.06
CA LEU B 491 4.49 -32.12 -5.08
C LEU B 491 4.76 -30.71 -4.59
N ARG B 492 6.03 -30.41 -4.35
CA ARG B 492 6.41 -29.10 -3.84
C ARG B 492 7.80 -28.73 -4.32
N PHE B 493 7.97 -27.47 -4.74
CA PHE B 493 9.24 -27.02 -5.28
C PHE B 493 10.24 -26.77 -4.16
N GLU B 494 11.54 -26.93 -4.47
CA GLU B 494 12.60 -26.60 -3.54
C GLU B 494 13.87 -26.28 -4.31
N VAL B 495 14.71 -25.44 -3.74
CA VAL B 495 15.98 -25.04 -4.35
C VAL B 495 17.07 -25.22 -3.32
N PHE B 496 18.11 -25.96 -3.68
CA PHE B 496 19.19 -26.27 -2.76
C PHE B 496 20.49 -25.68 -3.29
N GLN B 497 21.20 -24.98 -2.43
CA GLN B 497 22.45 -24.31 -2.74
C GLN B 497 23.58 -25.33 -2.74
N PRO B 498 24.71 -25.04 -3.40
CA PRO B 498 25.75 -26.06 -3.53
C PRO B 498 26.43 -26.38 -2.21
N GLY B 499 26.50 -27.67 -1.89
CA GLY B 499 27.32 -28.12 -0.79
C GLY B 499 26.66 -28.15 0.56
N ASP B 500 25.34 -28.32 0.64
CA ASP B 500 24.69 -28.59 1.90
C ASP B 500 23.99 -29.93 1.86
N TYR B 501 23.89 -30.58 3.01
CA TYR B 501 23.34 -31.91 3.06
C TYR B 501 21.83 -31.83 2.94
N ILE B 502 21.28 -32.50 1.93
CA ILE B 502 19.83 -32.60 1.83
C ILE B 502 19.31 -33.56 2.87
N ILE B 503 19.80 -34.79 2.82
CA ILE B 503 19.40 -35.85 3.72
C ILE B 503 20.64 -36.30 4.47
N ARG B 504 20.58 -36.29 5.79
CA ARG B 504 21.67 -36.82 6.59
C ARG B 504 21.34 -38.24 7.02
N GLU B 505 22.37 -39.04 7.24
CA GLU B 505 22.18 -40.44 7.54
C GLU B 505 21.74 -40.61 8.98
N GLY B 506 20.88 -41.60 9.21
CA GLY B 506 20.47 -41.96 10.55
C GLY B 506 19.31 -41.18 11.12
N ALA B 507 18.95 -40.05 10.53
CA ALA B 507 17.82 -39.27 11.01
C ALA B 507 16.51 -39.93 10.60
N VAL B 508 15.42 -39.42 11.16
CA VAL B 508 14.11 -39.96 10.80
C VAL B 508 13.69 -39.38 9.47
N GLY B 509 13.04 -40.21 8.65
CA GLY B 509 12.66 -39.83 7.30
C GLY B 509 11.22 -39.32 7.24
N LYS B 510 11.02 -38.24 6.49
CA LYS B 510 9.71 -37.62 6.44
C LYS B 510 9.28 -37.19 5.04
N LYS B 511 10.12 -37.34 4.01
CA LYS B 511 9.76 -36.98 2.64
C LYS B 511 10.73 -37.62 1.68
N MET B 512 10.40 -37.53 0.39
CA MET B 512 11.30 -37.96 -0.69
C MET B 512 11.41 -36.86 -1.73
N TYR B 513 12.47 -36.91 -2.53
CA TYR B 513 12.79 -35.82 -3.44
C TYR B 513 12.94 -36.33 -4.87
N PHE B 514 12.40 -35.58 -5.81
CA PHE B 514 12.56 -35.85 -7.23
C PHE B 514 13.51 -34.79 -7.80
N ILE B 515 14.65 -35.23 -8.33
CA ILE B 515 15.60 -34.29 -8.90
C ILE B 515 15.05 -33.76 -10.20
N GLN B 516 15.05 -32.44 -10.36
CA GLN B 516 14.73 -31.85 -11.64
C GLN B 516 15.95 -31.23 -12.31
N HIS B 517 16.78 -30.52 -11.58
CA HIS B 517 17.89 -29.85 -12.25
C HIS B 517 19.12 -29.83 -11.35
N GLY B 518 20.23 -30.28 -11.88
CA GLY B 518 21.47 -30.21 -11.10
C GLY B 518 21.76 -31.48 -10.35
N VAL B 519 23.01 -31.90 -10.43
CA VAL B 519 23.45 -33.20 -9.97
C VAL B 519 23.62 -33.16 -8.45
N ALA B 520 23.23 -34.22 -7.77
CA ALA B 520 23.43 -34.38 -6.34
C ALA B 520 24.01 -35.76 -6.08
N GLY B 521 24.82 -35.88 -5.04
CA GLY B 521 25.59 -37.08 -4.79
C GLY B 521 25.12 -37.82 -3.55
N VAL B 522 25.20 -39.14 -3.60
CA VAL B 522 25.00 -39.99 -2.44
C VAL B 522 26.36 -40.28 -1.85
N ILE B 523 26.56 -39.95 -0.57
CA ILE B 523 27.83 -40.21 0.07
C ILE B 523 27.67 -41.32 1.10
N THR B 524 27.91 -42.55 0.69
CA THR B 524 27.87 -43.65 1.62
C THR B 524 29.28 -44.03 2.03
N LYS B 525 29.43 -44.35 3.32
CA LYS B 525 30.70 -44.82 3.83
C LYS B 525 30.98 -46.22 3.28
N SER B 526 32.26 -46.47 2.98
CA SER B 526 32.75 -47.65 2.25
C SER B 526 32.14 -47.76 0.84
N SER B 527 31.72 -46.62 0.28
CA SER B 527 31.43 -46.48 -1.14
C SER B 527 32.10 -45.20 -1.59
N LYS B 528 32.54 -45.15 -2.85
CA LYS B 528 33.30 -43.99 -3.31
C LYS B 528 32.44 -42.73 -3.33
N GLU B 529 31.47 -42.68 -4.23
CA GLU B 529 30.47 -41.64 -4.38
C GLU B 529 29.56 -42.10 -5.49
N MET B 530 28.35 -41.56 -5.51
CA MET B 530 27.41 -41.92 -6.56
C MET B 530 26.68 -40.67 -6.98
N LYS B 531 26.82 -40.28 -8.24
CA LYS B 531 26.18 -39.06 -8.70
C LYS B 531 24.81 -39.39 -9.25
N LEU B 532 23.89 -38.43 -9.19
CA LEU B 532 22.54 -38.61 -9.68
C LEU B 532 22.21 -37.42 -10.57
N THR B 533 21.91 -37.67 -11.84
CA THR B 533 21.63 -36.60 -12.77
C THR B 533 20.20 -36.09 -12.60
N ASP B 534 19.75 -35.31 -13.58
CA ASP B 534 18.34 -34.93 -13.62
C ASP B 534 17.47 -36.14 -13.90
N GLY B 535 16.25 -36.11 -13.39
CA GLY B 535 15.37 -37.25 -13.51
C GLY B 535 15.77 -38.45 -12.69
N SER B 536 15.70 -38.37 -11.37
CA SER B 536 15.91 -39.49 -10.46
C SER B 536 15.30 -39.14 -9.11
N TYR B 537 15.27 -40.10 -8.21
CA TYR B 537 14.62 -39.90 -6.93
C TYR B 537 15.35 -40.64 -5.83
N PHE B 538 15.53 -39.98 -4.69
CA PHE B 538 15.95 -40.64 -3.48
C PHE B 538 14.91 -40.42 -2.39
N GLY B 539 15.02 -41.21 -1.34
CA GLY B 539 14.01 -41.21 -0.32
C GLY B 539 12.97 -42.29 -0.48
N GLU B 540 13.25 -43.31 -1.26
CA GLU B 540 12.32 -44.41 -1.40
C GLU B 540 12.31 -45.27 -0.14
N ILE B 541 13.47 -45.83 0.20
CA ILE B 541 13.51 -46.93 1.16
C ILE B 541 13.25 -46.48 2.59
N CYS B 542 13.48 -45.21 2.92
CA CYS B 542 13.15 -44.72 4.25
C CYS B 542 11.65 -44.71 4.46
N LEU B 543 10.89 -44.23 3.48
CA LEU B 543 9.44 -44.22 3.60
C LEU B 543 8.87 -45.62 3.44
N LEU B 544 9.53 -46.51 2.70
CA LEU B 544 8.97 -47.84 2.56
C LEU B 544 9.27 -48.74 3.76
N THR B 545 10.35 -48.47 4.50
CA THR B 545 10.71 -49.31 5.63
C THR B 545 10.43 -48.67 6.99
N LYS B 546 9.99 -47.41 6.99
CA LYS B 546 9.59 -46.67 8.21
C LYS B 546 10.73 -46.57 9.22
N GLY B 547 11.94 -46.34 8.71
CA GLY B 547 13.11 -46.32 9.56
C GLY B 547 14.10 -45.21 9.27
N ARG B 548 15.36 -45.44 9.62
CA ARG B 548 16.36 -44.39 9.53
C ARG B 548 16.94 -44.30 8.13
N ARG B 549 17.42 -43.11 7.77
CA ARG B 549 17.97 -42.86 6.44
C ARG B 549 19.23 -43.67 6.21
N THR B 550 19.36 -44.20 5.00
CA THR B 550 20.39 -45.18 4.70
C THR B 550 21.76 -44.55 4.48
N ALA B 551 21.85 -43.49 3.68
CA ALA B 551 23.12 -42.85 3.41
C ALA B 551 22.86 -41.40 3.04
N SER B 552 23.75 -40.51 3.49
CA SER B 552 23.53 -39.09 3.33
C SER B 552 23.68 -38.67 1.87
N VAL B 553 23.13 -37.49 1.56
CA VAL B 553 23.10 -36.97 0.20
C VAL B 553 23.54 -35.51 0.24
N ARG B 554 24.59 -35.18 -0.51
CA ARG B 554 25.12 -33.84 -0.55
C ARG B 554 24.80 -33.20 -1.90
N ALA B 555 24.30 -31.97 -1.85
CA ALA B 555 23.93 -31.25 -3.05
C ALA B 555 25.18 -30.67 -3.70
N ASP B 556 25.59 -31.23 -4.84
CA ASP B 556 26.82 -30.80 -5.48
C ASP B 556 26.62 -29.48 -6.23
N THR B 557 25.75 -29.47 -7.23
CA THR B 557 25.46 -28.27 -7.97
C THR B 557 24.23 -27.58 -7.38
N TYR B 558 23.77 -26.53 -8.04
CA TYR B 558 22.58 -25.82 -7.58
C TYR B 558 21.35 -26.64 -7.86
N CYS B 559 20.90 -27.47 -6.93
CA CYS B 559 19.81 -28.38 -7.23
C CYS B 559 18.47 -27.67 -7.21
N ARG B 560 17.61 -28.05 -8.13
CA ARG B 560 16.21 -27.65 -8.14
C ARG B 560 15.43 -28.95 -8.06
N LEU B 561 14.83 -29.19 -6.89
CA LEU B 561 14.24 -30.46 -6.55
C LEU B 561 12.74 -30.32 -6.37
N TYR B 562 12.06 -31.45 -6.53
CA TYR B 562 10.64 -31.56 -6.25
C TYR B 562 10.48 -32.58 -5.14
N SER B 563 9.82 -32.17 -4.06
CA SER B 563 9.71 -32.98 -2.86
C SER B 563 8.27 -33.39 -2.64
N LEU B 564 8.11 -34.53 -1.96
CA LEU B 564 6.82 -35.14 -1.72
C LEU B 564 6.81 -35.66 -0.29
N SER B 565 5.79 -35.28 0.47
CA SER B 565 5.74 -35.60 1.90
C SER B 565 5.27 -37.03 2.11
N VAL B 566 5.37 -37.49 3.35
CA VAL B 566 5.18 -38.91 3.62
C VAL B 566 3.69 -39.28 3.67
N ASP B 567 2.84 -38.36 4.12
CA ASP B 567 1.42 -38.68 4.26
C ASP B 567 0.75 -38.78 2.90
N ASN B 568 1.09 -37.86 2.00
CA ASN B 568 0.57 -37.93 0.64
C ASN B 568 1.11 -39.14 -0.09
N PHE B 569 2.37 -39.49 0.17
CA PHE B 569 2.98 -40.67 -0.44
C PHE B 569 2.29 -41.93 0.02
N ASN B 570 1.94 -41.99 1.30
CA ASN B 570 1.25 -43.16 1.82
C ASN B 570 -0.17 -43.23 1.29
N GLU B 571 -0.84 -42.09 1.11
CA GLU B 571 -2.20 -42.09 0.59
C GLU B 571 -2.24 -42.57 -0.86
N VAL B 572 -1.34 -42.04 -1.69
CA VAL B 572 -1.32 -42.43 -3.10
C VAL B 572 -0.89 -43.89 -3.24
N LEU B 573 0.15 -44.29 -2.52
CA LEU B 573 0.64 -45.66 -2.69
C LEU B 573 -0.22 -46.67 -1.95
N GLU B 574 -1.14 -46.22 -1.09
CA GLU B 574 -2.14 -47.14 -0.58
C GLU B 574 -3.36 -47.17 -1.50
N GLU B 575 -3.55 -46.13 -2.31
CA GLU B 575 -4.59 -46.20 -3.34
C GLU B 575 -4.21 -47.21 -4.42
N TYR B 576 -2.99 -47.13 -4.94
CA TYR B 576 -2.57 -48.03 -6.02
C TYR B 576 -1.28 -48.75 -5.63
N PRO B 577 -1.31 -50.06 -5.40
CA PRO B 577 -0.14 -50.73 -4.80
C PRO B 577 0.85 -51.32 -5.80
N MET B 578 0.53 -51.28 -7.10
CA MET B 578 1.46 -51.81 -8.09
C MET B 578 2.72 -50.95 -8.16
N MET B 579 2.56 -49.64 -8.02
CA MET B 579 3.73 -48.76 -7.92
C MET B 579 4.51 -49.00 -6.63
N ARG B 580 3.84 -49.48 -5.59
CA ARG B 580 4.57 -49.83 -4.37
C ARG B 580 5.40 -51.08 -4.58
N ARG B 581 4.88 -52.03 -5.36
CA ARG B 581 5.71 -53.18 -5.75
C ARG B 581 6.92 -52.75 -6.56
N ALA B 582 6.72 -51.78 -7.45
CA ALA B 582 7.82 -51.24 -8.26
C ALA B 582 8.88 -50.58 -7.38
N PHE B 583 8.45 -49.72 -6.47
CA PHE B 583 9.37 -49.05 -5.55
C PHE B 583 10.09 -50.03 -4.64
N GLU B 584 9.40 -51.08 -4.20
CA GLU B 584 10.04 -52.10 -3.38
C GLU B 584 11.15 -52.80 -4.14
N THR B 585 10.92 -53.12 -5.42
CA THR B 585 11.93 -53.82 -6.19
C THR B 585 13.14 -52.93 -6.50
N VAL B 586 12.89 -51.68 -6.90
CA VAL B 586 14.00 -50.75 -7.19
C VAL B 586 14.78 -50.45 -5.93
N ALA B 587 14.08 -50.34 -4.80
CA ALA B 587 14.76 -50.10 -3.54
C ALA B 587 15.60 -51.31 -3.12
N ILE B 588 15.14 -52.52 -3.44
CA ILE B 588 15.91 -53.72 -3.14
C ILE B 588 17.21 -53.72 -3.92
N ASP B 589 17.14 -53.41 -5.22
CA ASP B 589 18.35 -53.38 -6.04
C ASP B 589 19.31 -52.29 -5.59
N ARG B 590 18.78 -51.13 -5.25
CA ARG B 590 19.63 -49.99 -4.86
C ARG B 590 20.30 -50.26 -3.52
N LEU B 591 19.59 -50.93 -2.60
CA LEU B 591 20.20 -51.28 -1.32
C LEU B 591 21.25 -52.36 -1.49
N ASP B 592 21.00 -53.33 -2.38
CA ASP B 592 21.99 -54.38 -2.61
C ASP B 592 23.25 -53.81 -3.23
N ARG B 593 23.12 -52.76 -4.04
CA ARG B 593 24.31 -52.12 -4.58
C ARG B 593 25.01 -51.27 -3.53
N ILE B 594 24.25 -50.68 -2.59
CA ILE B 594 24.86 -49.81 -1.58
C ILE B 594 25.69 -50.64 -0.60
N GLY B 595 25.10 -51.67 -0.02
CA GLY B 595 25.81 -52.55 0.88
C GLY B 595 25.01 -52.97 2.10
N LYS B 596 24.10 -52.11 2.55
CA LYS B 596 23.20 -52.44 3.63
C LYS B 596 21.98 -53.17 3.07
N LYS B 597 21.27 -53.89 3.93
CA LYS B 597 20.08 -54.61 3.50
C LYS B 597 18.99 -54.53 4.56
N ASN B 598 17.74 -54.52 4.10
CA ASN B 598 16.57 -54.39 4.96
C ASN B 598 15.76 -55.67 4.90
N SER B 599 15.79 -56.43 6.00
CA SER B 599 15.12 -57.73 6.05
C SER B 599 13.61 -57.58 6.04
N ILE B 600 13.09 -56.43 6.47
CA ILE B 600 11.64 -56.21 6.46
C ILE B 600 11.13 -56.19 5.04
N LEU B 601 11.76 -55.36 4.19
CA LEU B 601 11.39 -55.30 2.79
C LEU B 601 11.72 -56.61 2.07
N LEU B 602 12.81 -57.26 2.50
CA LEU B 602 13.19 -58.55 1.91
C LEU B 602 12.12 -59.60 2.14
N GLN B 603 11.64 -59.73 3.37
CA GLN B 603 10.61 -60.70 3.69
C GLN B 603 9.26 -60.31 3.09
N LYS B 604 8.98 -59.01 3.03
CA LYS B 604 7.74 -58.55 2.42
C LYS B 604 7.71 -58.84 0.93
N PHE B 605 8.86 -58.75 0.27
CA PHE B 605 8.90 -59.08 -1.15
C PHE B 605 8.94 -60.58 -1.38
N GLN B 606 9.59 -61.33 -0.49
CA GLN B 606 9.63 -62.78 -0.62
C GLN B 606 8.26 -63.39 -0.37
N LYS B 607 7.45 -62.74 0.46
CA LYS B 607 6.05 -63.14 0.58
C LYS B 607 5.22 -62.55 -0.56
N ASP B 608 5.67 -61.44 -1.13
CA ASP B 608 4.92 -60.80 -2.20
C ASP B 608 5.12 -61.49 -3.53
N LEU B 609 6.38 -61.79 -3.88
CA LEU B 609 6.67 -62.39 -5.18
C LEU B 609 6.24 -63.84 -5.24
N ASN B 610 6.34 -64.56 -4.12
CA ASN B 610 5.90 -65.95 -4.09
C ASN B 610 4.38 -66.07 -4.05
N THR B 611 3.67 -64.98 -3.74
CA THR B 611 2.22 -65.01 -3.73
C THR B 611 1.60 -65.15 -5.12
N GLY B 612 2.37 -64.87 -6.17
CA GLY B 612 1.86 -65.03 -7.52
C GLY B 612 1.12 -63.84 -8.07
N VAL B 613 1.17 -62.69 -7.40
CA VAL B 613 0.48 -61.51 -7.91
C VAL B 613 1.24 -60.90 -9.09
N PHE B 614 2.54 -61.18 -9.19
CA PHE B 614 3.34 -60.64 -10.28
C PHE B 614 3.05 -61.38 -11.58
N ASN B 615 3.20 -60.66 -12.69
CA ASN B 615 2.93 -61.19 -14.01
C ASN B 615 4.16 -61.08 -14.90
N ASN B 616 4.05 -61.63 -16.11
CA ASN B 616 5.15 -61.60 -17.06
C ASN B 616 5.41 -60.18 -17.55
N GLN B 617 4.35 -59.45 -17.90
CA GLN B 617 4.50 -58.04 -18.24
C GLN B 617 4.98 -57.23 -17.05
N GLU B 618 4.56 -57.63 -15.85
CA GLU B 618 4.95 -56.94 -14.62
C GLU B 618 6.45 -57.03 -14.38
N ASN B 619 7.01 -58.24 -14.39
CA ASN B 619 8.43 -58.32 -14.09
C ASN B 619 9.29 -58.01 -15.31
N GLU B 620 8.71 -57.99 -16.51
CA GLU B 620 9.44 -57.46 -17.66
C GLU B 620 9.58 -55.94 -17.54
N ILE B 621 8.50 -55.26 -17.15
CA ILE B 621 8.56 -53.82 -16.86
C ILE B 621 9.51 -53.55 -15.69
N LEU B 622 9.50 -54.42 -14.68
CA LEU B 622 10.38 -54.28 -13.52
C LEU B 622 11.85 -54.44 -13.91
N LYS B 623 12.14 -55.39 -14.82
CA LYS B 623 13.50 -55.57 -15.30
C LYS B 623 13.96 -54.37 -16.11
N GLN B 624 13.05 -53.81 -16.93
CA GLN B 624 13.34 -52.59 -17.66
C GLN B 624 13.64 -51.43 -16.71
N ILE B 625 12.86 -51.34 -15.62
CA ILE B 625 13.03 -50.24 -14.68
C ILE B 625 14.34 -50.38 -13.90
N VAL B 626 14.73 -51.62 -13.55
CA VAL B 626 15.94 -51.74 -12.75
C VAL B 626 17.18 -51.57 -13.62
N LYS B 627 17.13 -51.99 -14.88
CA LYS B 627 18.28 -51.69 -15.74
C LYS B 627 18.32 -50.20 -16.07
N HIS B 628 17.15 -49.54 -16.15
CA HIS B 628 17.11 -48.09 -16.30
C HIS B 628 17.69 -47.41 -15.07
N ASP B 629 17.44 -47.96 -13.88
CA ASP B 629 17.96 -47.39 -12.64
C ASP B 629 19.48 -47.57 -12.56
N ARG B 630 19.98 -48.69 -13.07
CA ARG B 630 21.43 -48.86 -13.17
C ARG B 630 22.02 -47.86 -14.15
N GLU B 631 21.28 -47.52 -15.20
CA GLU B 631 21.76 -46.52 -16.15
C GLU B 631 21.78 -45.13 -15.54
N MET B 632 20.71 -44.72 -14.86
CA MET B 632 20.69 -43.41 -14.22
C MET B 632 21.30 -43.41 -12.82
N VAL B 633 22.04 -44.45 -12.43
CA VAL B 633 22.98 -44.35 -11.32
C VAL B 633 24.42 -44.43 -11.81
N GLN B 634 24.68 -45.05 -12.96
CA GLN B 634 25.99 -44.97 -13.57
C GLN B 634 26.21 -43.58 -14.16
N ALA B 635 25.21 -43.06 -14.86
CA ALA B 635 25.21 -41.70 -15.33
C ALA B 635 24.65 -40.78 -14.26
N MET C 94 42.98 -15.38 -32.18
CA MET C 94 42.24 -14.13 -32.14
C MET C 94 40.77 -14.36 -32.45
N GLN C 95 40.51 -15.18 -33.47
CA GLN C 95 39.13 -15.50 -33.85
C GLN C 95 38.44 -16.35 -32.80
N ARG C 96 39.21 -17.17 -32.06
CA ARG C 96 38.64 -17.89 -30.93
C ARG C 96 38.23 -16.93 -29.82
N GLN C 97 39.02 -15.87 -29.61
CA GLN C 97 38.64 -14.84 -28.66
C GLN C 97 37.40 -14.09 -29.13
N PHE C 98 37.28 -13.89 -30.44
CA PHE C 98 36.09 -13.24 -30.99
C PHE C 98 34.84 -14.10 -30.80
N THR C 99 34.99 -15.42 -30.99
CA THR C 99 33.86 -16.32 -30.80
C THR C 99 33.47 -16.42 -29.34
N SER C 100 34.46 -16.41 -28.44
CA SER C 100 34.17 -16.45 -27.01
C SER C 100 33.57 -15.14 -26.52
N MET C 101 33.88 -14.04 -27.20
CA MET C 101 33.23 -12.77 -26.88
C MET C 101 31.80 -12.78 -27.37
N LEU C 102 31.57 -13.30 -28.57
CA LEU C 102 30.22 -13.26 -29.15
C LEU C 102 29.29 -14.23 -28.45
N GLN C 103 29.81 -15.34 -27.94
CA GLN C 103 28.99 -16.26 -27.15
C GLN C 103 28.67 -15.65 -25.80
N PRO C 104 27.56 -16.04 -25.16
CA PRO C 104 27.26 -15.51 -23.83
C PRO C 104 28.26 -16.02 -22.80
N GLY C 105 28.63 -15.15 -21.88
CA GLY C 105 29.58 -15.48 -20.85
C GLY C 105 28.88 -15.70 -19.53
N VAL C 106 29.56 -16.44 -18.65
CA VAL C 106 29.06 -16.70 -17.30
C VAL C 106 29.16 -15.38 -16.53
N ASN C 107 28.01 -14.85 -16.14
CA ASN C 107 27.92 -13.67 -15.33
C ASN C 107 26.74 -13.81 -14.37
N LYS C 108 26.55 -12.78 -13.54
CA LYS C 108 25.49 -12.83 -12.53
C LYS C 108 24.12 -12.77 -13.20
N PHE C 109 23.96 -11.90 -14.20
CA PHE C 109 22.74 -11.86 -14.98
C PHE C 109 22.56 -13.14 -15.78
N SER C 110 23.67 -13.74 -16.21
CA SER C 110 23.59 -14.99 -16.95
C SER C 110 23.08 -16.12 -16.05
N LEU C 111 23.55 -16.14 -14.80
CA LEU C 111 23.10 -17.18 -13.88
C LEU C 111 21.65 -16.93 -13.46
N ARG C 112 21.27 -15.67 -13.31
CA ARG C 112 19.88 -15.34 -12.96
C ARG C 112 18.94 -15.67 -14.11
N MET C 113 19.42 -15.59 -15.34
CA MET C 113 18.59 -15.97 -16.48
C MET C 113 18.53 -17.49 -16.63
N PHE C 114 19.67 -18.17 -16.46
CA PHE C 114 19.78 -19.54 -16.96
C PHE C 114 19.70 -20.61 -15.88
N GLY C 115 19.88 -20.26 -14.62
CA GLY C 115 19.81 -21.27 -13.56
C GLY C 115 21.16 -21.95 -13.35
N SER C 116 21.33 -23.13 -13.96
CA SER C 116 22.57 -23.87 -13.81
C SER C 116 23.53 -23.54 -14.96
N GLN C 117 24.81 -23.85 -14.73
CA GLN C 117 25.84 -23.59 -15.72
C GLN C 117 25.69 -24.46 -16.95
N LYS C 118 24.96 -25.57 -16.84
CA LYS C 118 24.68 -26.40 -18.00
C LYS C 118 23.85 -25.64 -19.02
N ALA C 119 22.97 -24.74 -18.56
CA ALA C 119 22.24 -23.91 -19.50
C ALA C 119 23.14 -22.88 -20.17
N VAL C 120 24.20 -22.43 -19.47
CA VAL C 120 25.17 -21.52 -20.08
C VAL C 120 25.97 -22.25 -21.16
N GLU C 121 26.35 -23.50 -20.90
CA GLU C 121 27.04 -24.30 -21.91
C GLU C 121 26.11 -24.61 -23.09
N LYS C 122 24.82 -24.84 -22.79
CA LYS C 122 23.82 -25.06 -23.83
C LYS C 122 23.68 -23.83 -24.72
N GLU C 123 23.64 -22.64 -24.11
CA GLU C 123 23.56 -21.41 -24.88
C GLU C 123 24.83 -21.16 -25.68
N GLN C 124 25.98 -21.57 -25.13
CA GLN C 124 27.25 -21.43 -25.85
C GLN C 124 27.26 -22.28 -27.11
N GLU C 125 26.77 -23.52 -27.01
CA GLU C 125 26.69 -24.34 -28.21
C GLU C 125 25.60 -23.84 -29.16
N ARG C 126 24.51 -23.31 -28.62
CA ARG C 126 23.42 -22.76 -29.44
C ARG C 126 23.87 -21.56 -30.25
N VAL C 127 24.77 -20.74 -29.69
CA VAL C 127 25.42 -19.70 -30.47
C VAL C 127 26.45 -20.30 -31.43
N LYS C 128 27.14 -21.35 -31.00
CA LYS C 128 28.15 -21.99 -31.85
C LYS C 128 27.57 -22.77 -33.01
N THR C 129 26.24 -22.87 -33.13
CA THR C 129 25.62 -23.47 -34.31
C THR C 129 25.99 -22.72 -35.59
N ALA C 130 25.60 -21.45 -35.67
CA ALA C 130 25.84 -20.65 -36.88
C ALA C 130 27.28 -20.19 -36.92
N GLY C 131 27.73 -19.77 -38.12
CA GLY C 131 29.14 -19.53 -38.35
C GLY C 131 29.51 -18.06 -38.43
N PHE C 132 30.43 -17.66 -37.55
CA PHE C 132 31.22 -16.42 -37.61
C PHE C 132 30.39 -15.13 -37.56
N TRP C 133 29.08 -15.22 -37.31
CA TRP C 133 28.22 -14.06 -37.45
C TRP C 133 27.55 -13.66 -36.14
N ILE C 134 26.89 -14.59 -35.46
CA ILE C 134 25.84 -14.25 -34.52
C ILE C 134 26.43 -13.85 -33.18
N ILE C 135 25.83 -12.82 -32.57
CA ILE C 135 26.21 -12.34 -31.26
C ILE C 135 24.97 -12.41 -30.37
N HIS C 136 25.19 -12.69 -29.11
CA HIS C 136 24.06 -12.94 -28.23
C HIS C 136 23.75 -11.71 -27.41
N PRO C 137 22.47 -11.44 -27.11
CA PRO C 137 22.11 -10.22 -26.37
C PRO C 137 22.53 -10.19 -24.91
N TYR C 138 23.25 -11.18 -24.42
CA TYR C 138 23.86 -11.09 -23.11
C TYR C 138 25.38 -11.12 -23.19
N SER C 139 25.95 -11.12 -24.39
CA SER C 139 27.39 -11.27 -24.53
C SER C 139 28.10 -9.98 -24.17
N ASP C 140 29.36 -10.12 -23.74
CA ASP C 140 30.17 -8.95 -23.38
C ASP C 140 30.44 -8.07 -24.59
N PHE C 141 30.44 -8.64 -25.79
CA PHE C 141 30.58 -7.84 -27.00
C PHE C 141 29.39 -6.91 -27.19
N ARG C 142 28.18 -7.43 -27.02
CA ARG C 142 27.00 -6.58 -27.14
C ARG C 142 26.92 -5.58 -26.01
N PHE C 143 27.41 -5.94 -24.82
CA PHE C 143 27.44 -4.99 -23.71
C PHE C 143 28.40 -3.84 -23.97
N TYR C 144 29.60 -4.15 -24.46
CA TYR C 144 30.56 -3.08 -24.72
C TYR C 144 30.18 -2.26 -25.93
N TRP C 145 29.50 -2.87 -26.91
CA TRP C 145 29.03 -2.09 -28.04
C TRP C 145 27.88 -1.18 -27.65
N ASP C 146 27.01 -1.66 -26.77
CA ASP C 146 25.99 -0.83 -26.13
C ASP C 146 26.60 0.39 -25.45
N LEU C 147 27.67 0.17 -24.66
CA LEU C 147 28.24 1.28 -23.90
C LEU C 147 28.95 2.28 -24.81
N ILE C 148 29.69 1.80 -25.82
CA ILE C 148 30.40 2.70 -26.72
C ILE C 148 29.42 3.51 -27.56
N MET C 149 28.33 2.87 -28.01
CA MET C 149 27.33 3.61 -28.76
C MET C 149 26.56 4.58 -27.89
N LEU C 150 26.45 4.29 -26.58
CA LEU C 150 25.76 5.23 -25.73
C LEU C 150 26.62 6.47 -25.46
N ILE C 151 27.93 6.29 -25.31
CA ILE C 151 28.82 7.43 -25.15
C ILE C 151 28.82 8.29 -26.40
N MET C 152 28.92 7.65 -27.57
CA MET C 152 28.90 8.40 -28.81
C MET C 152 27.55 9.07 -29.07
N MET C 153 26.46 8.46 -28.60
CA MET C 153 25.15 9.04 -28.79
C MET C 153 24.95 10.29 -27.95
N VAL C 154 25.34 10.24 -26.67
CA VAL C 154 25.13 11.44 -25.85
C VAL C 154 26.07 12.55 -26.27
N GLY C 155 27.26 12.20 -26.77
CA GLY C 155 28.15 13.18 -27.34
C GLY C 155 27.57 13.86 -28.56
N ASN C 156 27.00 13.07 -29.47
CA ASN C 156 26.50 13.64 -30.71
C ASN C 156 25.21 14.43 -30.50
N LEU C 157 24.36 13.98 -29.59
CA LEU C 157 23.10 14.68 -29.34
C LEU C 157 23.32 15.93 -28.51
N VAL C 158 24.47 16.05 -27.84
CA VAL C 158 24.80 17.35 -27.27
C VAL C 158 25.37 18.27 -28.34
N ILE C 159 26.29 17.76 -29.16
CA ILE C 159 26.94 18.61 -30.17
C ILE C 159 26.26 18.73 -31.54
N ILE C 160 25.17 18.04 -31.81
CA ILE C 160 24.56 18.20 -33.15
C ILE C 160 23.73 19.49 -33.38
N PRO C 161 22.71 19.71 -32.55
CA PRO C 161 21.82 20.87 -32.66
C PRO C 161 22.56 22.18 -32.50
N VAL C 162 23.51 22.26 -31.57
CA VAL C 162 24.28 23.48 -31.37
C VAL C 162 25.10 23.80 -32.60
N GLY C 163 25.67 22.77 -33.21
CA GLY C 163 26.45 22.93 -34.41
C GLY C 163 25.58 23.44 -35.54
N ILE C 164 24.34 22.94 -35.64
CA ILE C 164 23.46 23.40 -36.73
C ILE C 164 23.08 24.90 -36.75
N THR C 165 22.53 25.39 -35.64
CA THR C 165 22.06 26.77 -35.51
C THR C 165 23.20 27.76 -35.56
N PHE C 166 24.12 27.72 -34.59
CA PHE C 166 25.02 28.86 -34.48
C PHE C 166 26.23 28.78 -35.39
N PHE C 167 26.35 27.77 -36.25
CA PHE C 167 27.51 27.73 -37.12
C PHE C 167 27.05 27.80 -38.57
N THR C 168 26.96 29.02 -39.08
CA THR C 168 26.53 29.23 -40.46
C THR C 168 27.59 28.86 -41.48
N GLU C 169 28.81 28.57 -41.05
CA GLU C 169 29.85 28.02 -41.92
C GLU C 169 30.04 26.57 -41.51
N GLN C 170 29.23 25.68 -42.10
CA GLN C 170 29.21 24.28 -41.72
C GLN C 170 29.85 23.38 -42.78
N THR C 171 30.85 23.90 -43.48
CA THR C 171 31.52 23.14 -44.52
C THR C 171 33.02 23.02 -44.24
N THR C 172 33.41 23.31 -43.01
CA THR C 172 34.81 23.23 -42.60
C THR C 172 35.26 21.78 -42.56
N THR C 173 36.57 21.56 -42.77
CA THR C 173 37.12 20.22 -42.77
C THR C 173 36.97 19.54 -41.41
N PRO C 174 37.18 20.29 -40.32
CA PRO C 174 37.03 19.70 -38.98
C PRO C 174 35.60 19.23 -38.74
N TRP C 175 34.63 20.01 -39.20
CA TRP C 175 33.22 19.67 -39.02
C TRP C 175 32.78 18.49 -39.88
N ILE C 176 33.32 18.39 -41.10
CA ILE C 176 32.95 17.30 -41.99
C ILE C 176 33.58 16.00 -41.53
N ILE C 177 34.79 16.07 -40.95
CA ILE C 177 35.48 14.88 -40.47
C ILE C 177 34.73 14.26 -39.30
N PHE C 178 34.26 15.11 -38.38
CA PHE C 178 33.46 14.62 -37.26
C PHE C 178 32.13 14.04 -37.75
N ASN C 179 31.51 14.69 -38.74
CA ASN C 179 30.23 14.21 -39.25
C ASN C 179 30.34 12.84 -39.91
N VAL C 180 31.37 12.65 -40.75
CA VAL C 180 31.48 11.35 -41.40
C VAL C 180 31.98 10.29 -40.42
N ALA C 181 32.70 10.70 -39.36
CA ALA C 181 33.10 9.74 -38.33
C ALA C 181 31.89 9.20 -37.59
N SER C 182 31.02 10.08 -37.11
CA SER C 182 29.82 9.62 -36.41
C SER C 182 28.87 8.89 -37.36
N ASP C 183 28.88 9.26 -38.64
CA ASP C 183 28.05 8.57 -39.64
C ASP C 183 28.48 7.13 -39.83
N THR C 184 29.78 6.89 -40.04
CA THR C 184 30.22 5.51 -40.23
C THR C 184 30.14 4.71 -38.94
N VAL C 185 30.22 5.38 -37.79
CA VAL C 185 30.04 4.69 -36.52
C VAL C 185 28.61 4.20 -36.37
N PHE C 186 27.64 5.03 -36.77
CA PHE C 186 26.28 4.54 -36.60
C PHE C 186 25.82 3.64 -37.73
N LEU C 187 26.50 3.67 -38.89
CA LEU C 187 26.24 2.63 -39.87
C LEU C 187 26.78 1.28 -39.40
N LEU C 188 27.94 1.29 -38.71
CA LEU C 188 28.42 0.08 -38.05
C LEU C 188 27.41 -0.42 -37.04
N ASP C 189 26.83 0.49 -36.26
CA ASP C 189 25.85 0.05 -35.26
C ASP C 189 24.57 -0.46 -35.91
N LEU C 190 24.22 0.04 -37.10
CA LEU C 190 23.02 -0.49 -37.75
C LEU C 190 23.25 -1.87 -38.34
N ILE C 191 24.44 -2.12 -38.89
CA ILE C 191 24.72 -3.46 -39.41
C ILE C 191 24.84 -4.46 -38.25
N MET C 192 25.39 -4.03 -37.11
CA MET C 192 25.38 -4.90 -35.95
C MET C 192 23.97 -5.05 -35.38
N ASN C 193 23.10 -4.08 -35.63
CA ASN C 193 21.70 -4.22 -35.27
C ASN C 193 21.02 -5.26 -36.16
N PHE C 194 21.50 -5.43 -37.40
CA PHE C 194 21.07 -6.60 -38.18
C PHE C 194 21.59 -7.89 -37.59
N ARG C 195 22.88 -7.93 -37.24
CA ARG C 195 23.48 -9.20 -36.85
C ARG C 195 23.34 -9.51 -35.37
N THR C 196 22.41 -8.85 -34.67
CA THR C 196 22.15 -9.16 -33.28
C THR C 196 21.08 -10.25 -33.18
N GLY C 197 20.57 -10.45 -31.97
CA GLY C 197 19.47 -11.37 -31.73
C GLY C 197 18.65 -10.92 -30.54
N THR C 198 17.34 -11.08 -30.59
CA THR C 198 16.48 -10.59 -29.51
C THR C 198 16.01 -11.75 -28.64
N VAL C 199 15.17 -11.44 -27.66
CA VAL C 199 14.61 -12.41 -26.74
C VAL C 199 13.14 -12.10 -26.55
N ASN C 200 12.28 -12.97 -27.05
CA ASN C 200 10.83 -12.75 -26.95
C ASN C 200 10.32 -13.04 -25.54
N SER C 203 9.83 -16.14 -23.00
CA SER C 203 10.20 -17.13 -23.99
C SER C 203 11.71 -17.22 -24.14
N SER C 204 12.17 -17.99 -25.12
CA SER C 204 13.59 -18.20 -25.32
C SER C 204 14.18 -17.11 -26.20
N GLU C 205 15.52 -17.03 -26.18
CA GLU C 205 16.23 -16.06 -26.99
C GLU C 205 16.27 -16.52 -28.44
N ILE C 206 15.65 -15.74 -29.32
CA ILE C 206 15.61 -16.10 -30.73
C ILE C 206 16.98 -15.83 -31.36
N ILE C 207 17.50 -16.83 -32.07
CA ILE C 207 18.80 -16.71 -32.70
C ILE C 207 18.72 -17.12 -34.16
N LEU C 208 17.52 -17.01 -34.75
CA LEU C 208 17.31 -17.37 -36.15
C LEU C 208 17.59 -16.15 -37.02
N ASP C 209 18.76 -16.17 -37.68
CA ASP C 209 19.22 -14.97 -38.39
C ASP C 209 18.41 -14.64 -39.64
N PRO C 210 18.42 -15.44 -40.72
CA PRO C 210 18.15 -14.84 -42.04
C PRO C 210 16.69 -14.54 -42.31
N LYS C 211 15.77 -15.07 -41.51
CA LYS C 211 14.36 -14.80 -41.69
C LYS C 211 13.72 -14.12 -40.48
N VAL C 212 13.90 -14.70 -39.28
CA VAL C 212 13.11 -14.28 -38.13
C VAL C 212 13.57 -12.93 -37.62
N ILE C 213 14.85 -12.81 -37.27
CA ILE C 213 15.32 -11.57 -36.67
C ILE C 213 15.45 -10.48 -37.74
N LYS C 214 15.66 -10.87 -39.00
CA LYS C 214 15.71 -9.90 -40.08
C LYS C 214 14.32 -9.31 -40.33
N MET C 215 13.30 -10.16 -40.33
CA MET C 215 11.93 -9.69 -40.52
C MET C 215 11.46 -8.87 -39.33
N ASN C 216 11.81 -9.29 -38.11
CA ASN C 216 11.38 -8.58 -36.92
C ASN C 216 12.05 -7.22 -36.81
N TYR C 217 13.34 -7.14 -37.12
CA TYR C 217 14.03 -5.86 -37.06
C TYR C 217 13.63 -4.95 -38.20
N LEU C 218 13.43 -5.51 -39.40
CA LEU C 218 13.00 -4.70 -40.53
C LEU C 218 11.56 -4.24 -40.40
N LYS C 219 10.77 -4.90 -39.57
CA LYS C 219 9.43 -4.41 -39.25
C LYS C 219 9.41 -3.53 -38.01
N SER C 220 10.47 -3.53 -37.21
CA SER C 220 10.41 -2.81 -35.93
C SER C 220 10.96 -1.38 -36.05
N TRP C 221 12.25 -1.23 -36.36
CA TRP C 221 12.93 0.05 -36.20
C TRP C 221 13.81 0.48 -37.35
N PHE C 222 13.71 -0.18 -38.52
CA PHE C 222 14.71 0.07 -39.55
C PHE C 222 14.54 1.43 -40.20
N VAL C 223 13.31 1.94 -40.31
CA VAL C 223 13.11 3.26 -40.87
C VAL C 223 13.64 4.33 -39.93
N VAL C 224 13.27 4.23 -38.65
CA VAL C 224 13.71 5.19 -37.64
C VAL C 224 15.17 5.05 -37.26
N ASP C 225 15.88 4.06 -37.80
CA ASP C 225 17.34 4.07 -37.71
C ASP C 225 18.00 4.48 -39.02
N PHE C 226 17.45 4.08 -40.17
CA PHE C 226 18.08 4.36 -41.45
C PHE C 226 17.93 5.81 -41.86
N ILE C 227 16.93 6.52 -41.34
CA ILE C 227 16.92 7.97 -41.52
C ILE C 227 18.10 8.61 -40.81
N SER C 228 18.32 8.22 -39.55
CA SER C 228 19.32 8.87 -38.71
C SER C 228 20.73 8.37 -38.97
N SER C 229 20.91 7.31 -39.75
CA SER C 229 22.26 6.80 -39.95
C SER C 229 23.07 7.60 -40.95
N ILE C 230 22.64 7.59 -42.20
CA ILE C 230 23.48 8.05 -43.31
C ILE C 230 23.36 9.56 -43.36
N PRO C 231 24.41 10.29 -43.75
CA PRO C 231 24.30 11.75 -43.85
C PRO C 231 23.51 12.21 -45.06
N VAL C 232 22.19 12.37 -44.89
CA VAL C 232 21.32 12.88 -45.95
C VAL C 232 21.65 14.32 -46.35
N ASP C 233 22.43 15.04 -45.54
CA ASP C 233 22.74 16.43 -45.81
C ASP C 233 23.76 16.62 -46.91
N TYR C 234 24.57 15.60 -47.19
CA TYR C 234 25.55 15.68 -48.26
C TYR C 234 25.04 15.03 -49.54
N ILE C 235 24.16 14.03 -49.38
CA ILE C 235 23.54 13.38 -50.52
C ILE C 235 22.62 14.35 -51.25
N PHE C 236 21.75 15.03 -50.51
CA PHE C 236 20.84 16.01 -51.10
C PHE C 236 21.60 17.20 -51.67
N LEU C 237 22.72 17.56 -51.03
CA LEU C 237 23.55 18.64 -51.54
C LEU C 237 24.22 18.28 -52.86
N ILE C 238 24.71 17.04 -53.00
CA ILE C 238 25.37 16.68 -54.25
C ILE C 238 24.31 16.38 -55.33
N VAL C 239 23.07 16.09 -54.92
CA VAL C 239 21.98 15.98 -55.89
C VAL C 239 21.65 17.35 -56.45
N GLU C 240 21.50 18.36 -55.57
CA GLU C 240 21.19 19.71 -56.04
C GLU C 240 22.39 20.37 -56.72
N LYS C 241 23.61 19.88 -56.46
CA LYS C 241 24.76 20.35 -57.21
C LYS C 241 24.86 19.65 -58.57
N GLY C 242 24.36 18.43 -58.67
CA GLY C 242 24.39 17.71 -59.93
C GLY C 242 23.11 17.88 -60.73
N ALA C 253 20.25 30.41 -54.21
CA ALA C 253 20.39 29.10 -53.61
C ALA C 253 20.21 29.18 -52.10
N LEU C 254 19.69 30.32 -51.64
CA LEU C 254 19.50 30.54 -50.21
C LEU C 254 18.43 29.62 -49.64
N ARG C 255 17.44 29.25 -50.45
CA ARG C 255 16.48 28.24 -50.02
C ARG C 255 17.14 26.88 -49.86
N ILE C 256 18.15 26.59 -50.69
CA ILE C 256 18.85 25.31 -50.57
C ILE C 256 19.76 25.31 -49.35
N VAL C 257 20.34 26.46 -49.01
CA VAL C 257 21.11 26.57 -47.77
C VAL C 257 20.20 26.42 -46.56
N ARG C 258 18.98 26.97 -46.63
CA ARG C 258 17.99 26.73 -45.57
C ARG C 258 17.66 25.24 -45.46
N PHE C 259 17.47 24.59 -46.60
CA PHE C 259 17.04 23.19 -46.59
C PHE C 259 18.16 22.26 -46.12
N THR C 260 19.42 22.64 -46.34
CA THR C 260 20.50 21.81 -45.83
C THR C 260 20.84 22.17 -44.39
N LYS C 261 20.34 23.31 -43.90
CA LYS C 261 20.37 23.51 -42.45
C LYS C 261 19.25 22.74 -41.77
N ILE C 262 18.14 22.47 -42.47
CA ILE C 262 17.06 21.75 -41.80
C ILE C 262 17.41 20.28 -41.61
N LEU C 263 17.80 19.59 -42.69
CA LEU C 263 17.76 18.13 -42.72
C LEU C 263 18.79 17.48 -41.79
N SER C 264 19.78 18.25 -41.34
CA SER C 264 20.69 17.75 -40.32
C SER C 264 19.99 17.43 -39.01
N LEU C 265 18.85 18.06 -38.72
CA LEU C 265 18.08 17.70 -37.52
C LEU C 265 17.45 16.33 -37.64
N LEU C 266 17.49 15.70 -38.83
CA LEU C 266 17.12 14.30 -38.95
C LEU C 266 18.04 13.39 -38.15
N ARG C 267 19.25 13.85 -37.82
CA ARG C 267 20.10 13.07 -36.93
C ARG C 267 19.64 13.11 -35.48
N LEU C 268 18.67 13.95 -35.12
CA LEU C 268 18.10 13.87 -33.78
C LEU C 268 17.30 12.58 -33.58
N LEU C 269 16.91 11.91 -34.66
CA LEU C 269 16.35 10.56 -34.57
C LEU C 269 17.38 9.50 -34.20
N ARG C 270 18.62 9.89 -33.87
CA ARG C 270 19.49 9.00 -33.14
C ARG C 270 19.08 8.87 -31.67
N LEU C 271 18.08 9.65 -31.24
CA LEU C 271 17.66 9.63 -29.84
C LEU C 271 17.01 8.31 -29.45
N SER C 272 16.22 7.70 -30.35
CA SER C 272 15.45 6.50 -30.00
C SER C 272 16.35 5.32 -29.70
N ARG C 273 17.52 5.28 -30.35
CA ARG C 273 18.51 4.27 -30.04
C ARG C 273 19.05 4.43 -28.62
N LEU C 274 19.11 5.67 -28.12
CA LEU C 274 19.64 5.90 -26.78
C LEU C 274 18.70 5.36 -25.71
N ILE C 275 17.40 5.63 -25.84
CA ILE C 275 16.47 5.13 -24.84
C ILE C 275 16.28 3.62 -24.99
N ARG C 276 16.33 3.12 -26.22
CA ARG C 276 16.19 1.69 -26.46
C ARG C 276 17.38 0.92 -25.91
N TYR C 277 18.56 1.55 -25.87
CA TYR C 277 19.71 0.89 -25.27
C TYR C 277 19.75 1.09 -23.76
N ILE C 278 19.30 2.24 -23.28
CA ILE C 278 19.41 2.55 -21.85
C ILE C 278 18.40 1.74 -21.07
N HIS C 279 17.34 1.23 -21.73
CA HIS C 279 16.44 0.29 -21.06
C HIS C 279 17.20 -0.96 -20.60
N GLN C 280 17.86 -1.65 -21.52
CA GLN C 280 18.66 -2.82 -21.21
C GLN C 280 19.80 -2.49 -20.26
N TRP C 281 20.48 -1.36 -20.50
CA TRP C 281 21.66 -1.05 -19.70
C TRP C 281 21.30 -0.73 -18.25
N GLU C 282 20.23 0.02 -18.03
CA GLU C 282 19.85 0.33 -16.65
C GLU C 282 19.25 -0.89 -15.96
N GLU C 283 18.51 -1.74 -16.69
CA GLU C 283 17.97 -2.92 -16.01
C GLU C 283 19.07 -3.94 -15.73
N ILE C 284 20.19 -3.87 -16.46
CA ILE C 284 21.34 -4.72 -16.12
C ILE C 284 22.07 -4.16 -14.91
N PHE C 285 22.48 -2.89 -14.96
CA PHE C 285 23.39 -2.34 -13.97
C PHE C 285 22.71 -1.45 -12.94
N HIS C 286 21.41 -1.63 -12.69
CA HIS C 286 20.75 -0.88 -11.64
C HIS C 286 19.93 -1.76 -10.69
N MET C 287 20.09 -3.08 -10.77
CA MET C 287 19.41 -3.97 -9.84
C MET C 287 20.20 -4.25 -8.58
N THR C 288 21.13 -3.36 -8.20
CA THR C 288 22.02 -3.64 -7.09
C THR C 288 21.35 -3.34 -5.74
N ASP C 289 20.96 -2.09 -5.50
CA ASP C 289 20.50 -1.69 -4.18
C ASP C 289 19.36 -0.69 -4.31
N ASP C 290 18.96 -0.13 -3.17
CA ASP C 290 17.84 0.80 -3.15
C ASP C 290 18.28 2.23 -3.41
N LEU C 291 19.41 2.65 -2.84
CA LEU C 291 19.86 4.03 -2.99
C LEU C 291 20.43 4.27 -4.38
N ALA C 292 21.21 3.29 -4.90
CA ALA C 292 21.91 3.48 -6.16
C ALA C 292 20.95 3.53 -7.34
N SER C 293 19.94 2.64 -7.33
CA SER C 293 18.94 2.64 -8.40
C SER C 293 18.12 3.92 -8.41
N ALA C 294 17.76 4.40 -7.23
CA ALA C 294 16.97 5.63 -7.11
C ALA C 294 17.76 6.84 -7.58
N VAL C 295 19.04 6.92 -7.17
CA VAL C 295 19.86 8.07 -7.53
C VAL C 295 20.19 8.06 -9.01
N VAL C 296 20.41 6.88 -9.60
CA VAL C 296 20.67 6.86 -11.04
C VAL C 296 19.38 7.12 -11.82
N ARG C 297 18.22 6.82 -11.23
CA ARG C 297 16.97 7.14 -11.93
C ARG C 297 16.67 8.64 -11.90
N ILE C 298 16.91 9.30 -10.76
CA ILE C 298 16.65 10.73 -10.71
C ILE C 298 17.69 11.50 -11.53
N PHE C 299 18.93 10.99 -11.59
CA PHE C 299 19.89 11.68 -12.43
C PHE C 299 19.68 11.37 -13.90
N ASN C 300 19.09 10.21 -14.22
CA ASN C 300 18.61 9.92 -15.57
C ASN C 300 17.57 10.95 -15.99
N LEU C 301 16.62 11.23 -15.10
CA LEU C 301 15.54 12.16 -15.46
C LEU C 301 16.06 13.59 -15.56
N ILE C 302 16.97 14.01 -14.68
CA ILE C 302 17.45 15.38 -14.79
C ILE C 302 18.40 15.52 -15.96
N GLY C 303 19.06 14.44 -16.39
CA GLY C 303 19.82 14.50 -17.63
C GLY C 303 18.90 14.64 -18.84
N MET C 304 17.75 13.96 -18.81
CA MET C 304 16.77 14.11 -19.88
C MET C 304 16.22 15.54 -19.93
N MET C 305 15.97 16.13 -18.76
CA MET C 305 15.45 17.49 -18.71
C MET C 305 16.47 18.51 -19.22
N LEU C 306 17.75 18.31 -18.90
CA LEU C 306 18.75 19.23 -19.43
C LEU C 306 18.94 19.05 -20.93
N LEU C 307 18.75 17.83 -21.42
CA LEU C 307 18.82 17.62 -22.86
C LEU C 307 17.68 18.34 -23.58
N LEU C 308 16.47 18.30 -23.01
CA LEU C 308 15.36 19.02 -23.63
C LEU C 308 15.54 20.52 -23.54
N CYS C 309 16.10 21.01 -22.43
CA CYS C 309 16.39 22.44 -22.31
C CYS C 309 17.40 22.86 -23.36
N HIS C 310 18.39 22.02 -23.62
CA HIS C 310 19.40 22.36 -24.61
C HIS C 310 18.82 22.36 -26.02
N TRP C 311 17.97 21.37 -26.34
CA TRP C 311 17.36 21.30 -27.66
C TRP C 311 16.43 22.48 -27.90
N ASP C 312 15.65 22.85 -26.89
CA ASP C 312 14.77 24.00 -27.01
C ASP C 312 15.57 25.28 -27.15
N GLY C 313 16.71 25.36 -26.46
CA GLY C 313 17.56 26.53 -26.60
C GLY C 313 18.17 26.64 -27.97
N CYS C 314 18.39 25.53 -28.65
CA CYS C 314 18.81 25.66 -30.03
C CYS C 314 17.63 26.01 -30.93
N LEU C 315 16.42 25.58 -30.57
CA LEU C 315 15.26 25.84 -31.42
C LEU C 315 14.89 27.32 -31.44
N GLN C 316 14.97 27.98 -30.29
CA GLN C 316 14.55 29.37 -30.17
C GLN C 316 15.47 30.31 -30.94
N PHE C 317 16.65 29.83 -31.33
CA PHE C 317 17.46 30.61 -32.24
C PHE C 317 17.36 30.07 -33.65
N LEU C 318 16.99 28.80 -33.81
CA LEU C 318 16.93 28.23 -35.16
C LEU C 318 15.83 28.87 -35.97
N VAL C 319 14.66 29.09 -35.38
CA VAL C 319 13.54 29.61 -36.16
C VAL C 319 13.66 31.10 -36.48
N PRO C 320 14.21 31.96 -35.61
CA PRO C 320 14.63 33.27 -36.12
C PRO C 320 15.82 33.24 -37.06
N LEU C 321 16.48 32.10 -37.24
CA LEU C 321 17.59 32.05 -38.20
C LEU C 321 17.09 31.71 -39.59
N LEU C 322 16.11 30.82 -39.68
CA LEU C 322 15.63 30.39 -40.98
C LEU C 322 14.81 31.46 -41.68
N GLN C 323 14.37 32.49 -40.96
CA GLN C 323 13.68 33.61 -41.58
C GLN C 323 14.59 34.81 -41.76
N ASP C 324 15.90 34.60 -41.63
CA ASP C 324 16.94 35.61 -41.84
C ASP C 324 16.79 36.82 -40.92
N PHE C 325 16.35 36.57 -39.67
CA PHE C 325 16.22 37.54 -38.60
C PHE C 325 15.30 38.70 -38.95
N PRO C 326 13.98 38.50 -38.95
CA PRO C 326 13.05 39.59 -39.28
C PRO C 326 13.10 40.68 -38.22
N PRO C 327 12.70 41.92 -38.55
CA PRO C 327 12.97 43.04 -37.63
C PRO C 327 12.05 43.12 -36.43
N ASP C 328 11.29 42.08 -36.12
CA ASP C 328 10.48 42.10 -34.92
C ASP C 328 10.66 40.89 -34.02
N CYS C 329 11.48 39.91 -34.41
CA CYS C 329 11.72 38.77 -33.53
C CYS C 329 12.71 39.17 -32.45
N TRP C 330 12.87 38.28 -31.46
CA TRP C 330 13.56 38.66 -30.23
C TRP C 330 15.04 38.92 -30.47
N VAL C 331 15.62 38.30 -31.49
CA VAL C 331 17.06 38.46 -31.73
C VAL C 331 17.34 39.87 -32.23
N SER C 332 16.59 40.32 -33.23
CA SER C 332 16.85 41.66 -33.69
C SER C 332 16.16 42.72 -32.85
N LEU C 333 15.36 42.33 -31.86
CA LEU C 333 14.93 43.30 -30.87
C LEU C 333 16.00 43.52 -29.81
N ASN C 334 16.63 42.44 -29.35
CA ASN C 334 17.68 42.58 -28.35
C ASN C 334 19.00 43.02 -29.00
N GLU C 335 19.03 43.04 -30.33
CA GLU C 335 20.17 43.47 -31.13
C GLU C 335 21.40 42.62 -30.83
N MET C 336 21.27 41.33 -31.11
CA MET C 336 22.38 40.41 -30.93
C MET C 336 22.51 39.50 -32.14
N VAL C 337 22.32 40.05 -33.33
CA VAL C 337 22.69 39.30 -34.52
C VAL C 337 24.19 39.28 -34.69
N ASN C 338 24.88 40.29 -34.17
CA ASN C 338 26.31 40.45 -34.34
C ASN C 338 27.14 39.93 -33.19
N ASP C 339 26.53 39.62 -32.05
CA ASP C 339 27.30 39.15 -30.90
C ASP C 339 27.80 37.74 -31.15
N SER C 340 28.96 37.43 -30.59
CA SER C 340 29.63 36.17 -30.84
C SER C 340 28.88 35.02 -30.19
N TRP C 341 29.09 33.82 -30.74
CA TRP C 341 28.12 32.73 -30.59
C TRP C 341 27.96 32.24 -29.16
N GLY C 342 28.94 32.50 -28.30
CA GLY C 342 28.77 32.19 -26.89
C GLY C 342 27.64 32.98 -26.27
N LYS C 343 27.54 34.26 -26.65
CA LYS C 343 26.50 35.11 -26.08
C LYS C 343 25.13 34.71 -26.60
N GLN C 344 25.04 34.40 -27.89
CA GLN C 344 23.77 33.99 -28.47
C GLN C 344 23.30 32.68 -27.88
N TYR C 345 24.23 31.74 -27.68
CA TYR C 345 23.83 30.45 -27.11
C TYR C 345 23.44 30.59 -25.66
N SER C 346 24.14 31.43 -24.90
CA SER C 346 23.78 31.62 -23.51
C SER C 346 22.41 32.25 -23.38
N TYR C 347 22.10 33.22 -24.24
CA TYR C 347 20.80 33.85 -24.13
C TYR C 347 19.70 32.92 -24.61
N ALA C 348 19.95 32.14 -25.65
CA ALA C 348 18.90 31.26 -26.15
C ALA C 348 18.63 30.13 -25.17
N LEU C 349 19.68 29.65 -24.49
CA LEU C 349 19.48 28.62 -23.49
C LEU C 349 18.79 29.18 -22.26
N PHE C 350 19.07 30.43 -21.92
CA PHE C 350 18.41 31.04 -20.78
C PHE C 350 16.94 31.27 -21.07
N LYS C 351 16.62 31.63 -22.31
CA LYS C 351 15.22 31.83 -22.66
C LYS C 351 14.47 30.53 -22.64
N ALA C 352 15.09 29.45 -23.11
CA ALA C 352 14.38 28.16 -23.08
C ALA C 352 14.28 27.62 -21.68
N MET C 353 15.26 27.91 -20.83
CA MET C 353 15.16 27.41 -19.46
C MET C 353 14.17 28.21 -18.65
N SER C 354 13.98 29.49 -18.99
CA SER C 354 12.98 30.27 -18.29
C SER C 354 11.58 29.88 -18.73
N HIS C 355 11.41 29.49 -20.00
CA HIS C 355 10.13 28.93 -20.40
C HIS C 355 9.90 27.56 -19.78
N MET C 356 10.96 26.78 -19.61
CA MET C 356 10.80 25.39 -19.20
C MET C 356 10.36 25.29 -17.74
N LEU C 357 10.95 26.08 -16.86
CA LEU C 357 10.62 26.03 -15.45
C LEU C 357 9.51 26.99 -15.08
N CYS C 358 8.98 27.65 -16.11
CA CYS C 358 7.91 28.65 -16.05
C CYS C 358 8.25 29.97 -15.37
N ILE C 359 9.52 30.32 -15.24
CA ILE C 359 9.82 31.57 -14.57
C ILE C 359 9.36 32.86 -15.24
N GLY C 360 9.61 33.00 -16.54
CA GLY C 360 9.17 34.19 -17.24
C GLY C 360 9.75 34.31 -18.65
N TYR C 361 9.17 35.18 -19.46
CA TYR C 361 9.64 35.39 -20.82
C TYR C 361 11.04 36.01 -20.75
N GLY C 362 11.92 35.64 -21.67
CA GLY C 362 13.26 36.20 -21.70
C GLY C 362 13.16 37.70 -21.83
N ALA C 363 12.44 38.13 -22.86
CA ALA C 363 12.17 39.54 -23.13
C ALA C 363 10.88 39.93 -22.41
N GLN C 364 10.45 41.17 -22.55
CA GLN C 364 9.22 41.56 -21.88
C GLN C 364 8.04 40.72 -22.39
N ALA C 365 7.98 40.53 -23.71
CA ALA C 365 6.92 39.73 -24.32
C ALA C 365 7.37 39.31 -25.71
N PRO C 366 6.67 38.34 -26.32
CA PRO C 366 6.98 37.90 -27.66
C PRO C 366 5.98 38.60 -28.57
N VAL C 367 6.45 39.28 -29.61
CA VAL C 367 5.54 40.01 -30.48
C VAL C 367 5.25 39.33 -31.82
N SER C 368 6.28 38.79 -32.46
CA SER C 368 6.06 38.15 -33.75
C SER C 368 5.36 36.82 -33.56
N MET C 369 4.69 36.37 -34.63
CA MET C 369 3.82 35.22 -34.54
C MET C 369 4.62 33.93 -34.35
N SER C 370 5.78 33.84 -34.99
CA SER C 370 6.62 32.67 -34.86
C SER C 370 7.15 32.52 -33.45
N ASP C 371 7.66 33.62 -32.88
CA ASP C 371 8.11 33.63 -31.49
C ASP C 371 6.98 33.32 -30.54
N LEU C 372 5.77 33.77 -30.87
CA LEU C 372 4.63 33.54 -30.00
C LEU C 372 4.28 32.07 -29.95
N TRP C 373 4.21 31.42 -31.10
CA TRP C 373 3.80 30.02 -31.11
C TRP C 373 4.89 29.11 -30.57
N ILE C 374 6.15 29.46 -30.81
CA ILE C 374 7.23 28.65 -30.26
C ILE C 374 7.28 28.80 -28.76
N THR C 375 7.02 30.00 -28.25
CA THR C 375 6.94 30.22 -26.81
C THR C 375 5.84 29.38 -26.19
N MET C 376 4.69 29.28 -26.85
CA MET C 376 3.59 28.51 -26.27
C MET C 376 3.87 27.02 -26.27
N LEU C 377 4.46 26.51 -27.35
CA LEU C 377 4.80 25.09 -27.41
C LEU C 377 5.86 24.74 -26.37
N SER C 378 6.84 25.64 -26.20
CA SER C 378 7.87 25.41 -25.20
C SER C 378 7.30 25.45 -23.79
N MET C 379 6.29 26.29 -23.56
CA MET C 379 5.66 26.35 -22.25
C MET C 379 4.94 25.05 -21.93
N ILE C 380 4.24 24.48 -22.92
CA ILE C 380 3.52 23.23 -22.71
C ILE C 380 4.49 22.10 -22.40
N VAL C 381 5.58 22.00 -23.16
CA VAL C 381 6.56 20.94 -22.95
C VAL C 381 7.24 21.09 -21.61
N GLY C 382 7.48 22.33 -21.18
CA GLY C 382 8.11 22.55 -19.89
C GLY C 382 7.22 22.20 -18.72
N ALA C 383 5.94 22.57 -18.80
CA ALA C 383 5.02 22.23 -17.72
C ALA C 383 4.82 20.73 -17.60
N THR C 384 4.77 20.03 -18.75
CA THR C 384 4.60 18.57 -18.70
C THR C 384 5.84 17.89 -18.13
N CYS C 385 7.02 18.32 -18.55
CA CYS C 385 8.24 17.69 -18.06
C CYS C 385 8.46 17.98 -16.58
N TYR C 386 8.06 19.17 -16.12
CA TYR C 386 8.18 19.46 -14.70
C TYR C 386 7.19 18.67 -13.88
N ALA C 387 5.99 18.42 -14.42
CA ALA C 387 5.04 17.57 -13.71
C ALA C 387 5.55 16.14 -13.58
N MET C 388 6.17 15.63 -14.64
CA MET C 388 6.76 14.29 -14.56
C MET C 388 7.89 14.23 -13.57
N PHE C 389 8.67 15.31 -13.48
CA PHE C 389 9.78 15.34 -12.53
C PHE C 389 9.27 15.35 -11.10
N VAL C 390 8.19 16.10 -10.83
CA VAL C 390 7.63 16.13 -9.49
C VAL C 390 7.06 14.77 -9.11
N GLY C 391 6.44 14.09 -10.08
CA GLY C 391 5.94 12.75 -9.83
C GLY C 391 7.04 11.76 -9.50
N HIS C 392 8.15 11.83 -10.23
CA HIS C 392 9.25 10.90 -9.95
C HIS C 392 9.92 11.20 -8.62
N ALA C 393 9.99 12.47 -8.23
CA ALA C 393 10.55 12.80 -6.93
C ALA C 393 9.66 12.28 -5.81
N THR C 394 8.35 12.35 -6.00
CA THR C 394 7.43 11.82 -4.99
C THR C 394 7.56 10.30 -4.86
N ALA C 395 7.66 9.61 -6.00
CA ALA C 395 7.78 8.16 -5.97
C ALA C 395 9.10 7.73 -5.34
N LEU C 396 10.17 8.48 -5.59
CA LEU C 396 11.46 8.19 -4.98
C LEU C 396 11.41 8.37 -3.47
N ILE C 397 10.74 9.43 -3.01
CA ILE C 397 10.67 9.71 -1.58
C ILE C 397 9.87 8.64 -0.86
N GLN C 398 8.73 8.24 -1.45
CA GLN C 398 7.92 7.20 -0.84
C GLN C 398 8.62 5.85 -0.90
N SER C 399 9.49 5.64 -1.88
CA SER C 399 10.27 4.42 -1.87
C SER C 399 11.36 4.44 -0.82
N LEU C 400 11.89 5.61 -0.49
CA LEU C 400 12.91 5.65 0.56
C LEU C 400 12.31 5.52 1.95
N ASP C 401 11.10 6.03 2.13
CA ASP C 401 10.53 6.10 3.48
C ASP C 401 9.58 4.96 3.81
N SER C 402 9.90 3.73 3.40
CA SER C 402 8.90 2.66 3.45
C SER C 402 8.81 2.02 4.82
N SER C 403 9.96 1.71 5.41
CA SER C 403 10.01 0.85 6.58
C SER C 403 9.42 1.53 7.81
N ARG C 404 9.80 2.79 8.03
CA ARG C 404 9.24 3.57 9.12
C ARG C 404 7.74 3.78 8.94
N ARG C 405 7.31 3.90 7.69
CA ARG C 405 5.89 4.03 7.38
C ARG C 405 5.14 2.77 7.80
N GLN C 406 5.65 1.60 7.42
CA GLN C 406 4.96 0.34 7.74
C GLN C 406 4.93 0.08 9.23
N TYR C 407 6.01 0.45 9.93
CA TYR C 407 6.02 0.30 11.38
C TYR C 407 4.99 1.21 12.02
N GLN C 408 4.82 2.42 11.49
CA GLN C 408 3.79 3.29 12.03
C GLN C 408 2.39 2.79 11.70
N GLU C 409 2.22 2.07 10.59
CA GLU C 409 0.92 1.48 10.28
C GLU C 409 0.55 0.42 11.30
N LYS C 410 1.48 -0.47 11.63
CA LYS C 410 1.21 -1.50 12.63
C LYS C 410 0.95 -0.89 13.99
N TYR C 411 1.70 0.17 14.31
CA TYR C 411 1.53 0.84 15.60
C TYR C 411 0.18 1.51 15.70
N LYS C 412 -0.29 2.13 14.60
CA LYS C 412 -1.61 2.75 14.61
C LYS C 412 -2.71 1.70 14.71
N GLN C 413 -2.47 0.51 14.13
CA GLN C 413 -3.46 -0.54 14.22
C GLN C 413 -3.62 -1.03 15.66
N VAL C 414 -2.51 -1.27 16.35
CA VAL C 414 -2.64 -1.75 17.73
C VAL C 414 -3.14 -0.63 18.64
N GLU C 415 -2.87 0.62 18.27
CA GLU C 415 -3.44 1.74 19.01
C GLU C 415 -4.95 1.79 18.85
N GLN C 416 -5.43 1.47 17.64
CA GLN C 416 -6.88 1.47 17.42
C GLN C 416 -7.54 0.31 18.15
N TYR C 417 -6.84 -0.81 18.28
CA TYR C 417 -7.38 -1.93 19.04
C TYR C 417 -7.51 -1.57 20.52
N MET C 418 -6.47 -0.95 21.07
CA MET C 418 -6.52 -0.55 22.47
C MET C 418 -7.53 0.56 22.70
N SER C 419 -7.77 1.38 21.68
CA SER C 419 -8.80 2.41 21.81
C SER C 419 -10.19 1.80 21.76
N PHE C 420 -10.36 0.75 20.95
CA PHE C 420 -11.68 0.14 20.83
C PHE C 420 -12.06 -0.60 22.10
N HIS C 421 -11.10 -1.23 22.77
CA HIS C 421 -11.49 -1.87 24.01
C HIS C 421 -11.53 -0.92 25.20
N LYS C 422 -11.05 0.31 25.03
CA LYS C 422 -10.98 1.34 26.07
C LYS C 422 -10.19 0.84 27.28
N LEU C 423 -9.00 0.35 27.02
CA LEU C 423 -8.10 -0.10 28.07
C LEU C 423 -7.52 1.11 28.80
N PRO C 424 -7.17 0.96 30.08
CA PRO C 424 -6.55 2.08 30.79
C PRO C 424 -5.15 2.35 30.27
N ALA C 425 -4.67 3.57 30.55
CA ALA C 425 -3.36 3.97 30.05
C ALA C 425 -2.23 3.22 30.75
N ASP C 426 -2.49 2.72 31.96
CA ASP C 426 -1.56 1.83 32.65
C ASP C 426 -1.26 0.59 31.84
N MET C 427 -2.27 0.05 31.18
CA MET C 427 -2.06 -1.14 30.39
C MET C 427 -1.45 -0.81 29.04
N ARG C 428 -1.82 0.34 28.46
CA ARG C 428 -1.25 0.75 27.19
C ARG C 428 0.24 1.00 27.30
N GLN C 429 0.68 1.50 28.45
CA GLN C 429 2.11 1.68 28.67
C GLN C 429 2.83 0.34 28.70
N LYS C 430 2.24 -0.68 29.32
CA LYS C 430 2.86 -1.98 29.36
C LYS C 430 2.87 -2.64 27.98
N ILE C 431 1.83 -2.40 27.17
CA ILE C 431 1.79 -2.99 25.84
C ILE C 431 2.83 -2.36 24.93
N HIS C 432 2.96 -1.03 24.98
CA HIS C 432 3.98 -0.39 24.16
C HIS C 432 5.37 -0.73 24.64
N ASP C 433 5.54 -0.93 25.95
CA ASP C 433 6.81 -1.42 26.47
C ASP C 433 7.12 -2.80 25.96
N TYR C 434 6.11 -3.67 25.85
CA TYR C 434 6.35 -5.01 25.35
C TYR C 434 6.71 -4.99 23.88
N TYR C 435 6.00 -4.19 23.07
CA TYR C 435 6.29 -4.13 21.65
C TYR C 435 7.68 -3.58 21.38
N GLU C 436 8.10 -2.58 22.16
CA GLU C 436 9.47 -2.11 22.04
C GLU C 436 10.46 -3.21 22.42
N HIS C 437 10.22 -3.86 23.56
CA HIS C 437 11.17 -4.85 24.07
C HIS C 437 11.17 -6.14 23.28
N ARG C 438 10.20 -6.35 22.40
CA ARG C 438 10.18 -7.55 21.59
C ARG C 438 10.58 -7.30 20.15
N TYR C 439 9.97 -6.34 19.48
CA TYR C 439 10.31 -6.15 18.08
C TYR C 439 11.46 -5.19 17.86
N GLN C 440 11.78 -4.35 18.85
CA GLN C 440 12.85 -3.36 18.80
C GLN C 440 12.70 -2.42 17.61
N GLY C 441 11.45 -2.08 17.30
CA GLY C 441 11.18 -1.14 16.24
C GLY C 441 11.45 -1.67 14.87
N LYS C 442 11.43 -2.98 14.68
CA LYS C 442 11.68 -3.59 13.38
C LYS C 442 10.48 -4.42 13.00
N ILE C 443 9.83 -4.05 11.91
CA ILE C 443 8.66 -4.79 11.43
C ILE C 443 9.13 -5.87 10.46
N PHE C 444 8.76 -7.11 10.74
CA PHE C 444 9.11 -8.28 9.96
C PHE C 444 8.24 -9.42 10.40
N ASP C 445 7.90 -10.30 9.46
CA ASP C 445 7.14 -11.49 9.78
C ASP C 445 8.08 -12.68 9.79
N GLU C 446 8.08 -13.42 10.89
CA GLU C 446 9.07 -14.47 11.12
C GLU C 446 8.65 -15.80 10.56
N GLU C 447 7.39 -16.19 10.79
CA GLU C 447 6.93 -17.51 10.34
C GLU C 447 6.89 -17.60 8.83
N ASN C 448 6.60 -16.49 8.16
CA ASN C 448 6.54 -16.49 6.70
C ASN C 448 7.94 -16.66 6.09
N ILE C 449 8.93 -15.97 6.66
CA ILE C 449 10.29 -16.07 6.13
C ILE C 449 10.87 -17.43 6.41
N LEU C 450 10.70 -17.93 7.64
CA LEU C 450 11.19 -19.26 7.97
C LEU C 450 10.41 -20.35 7.27
N ASN C 451 9.22 -20.05 6.77
CA ASN C 451 8.54 -20.99 5.89
C ASN C 451 9.09 -20.92 4.47
N GLU C 452 9.54 -19.75 4.04
CA GLU C 452 10.05 -19.63 2.68
C GLU C 452 11.41 -20.27 2.52
N LEU C 453 12.24 -20.25 3.56
CA LEU C 453 13.54 -20.89 3.43
C LEU C 453 13.40 -22.42 3.53
N ASN C 454 14.44 -23.12 3.11
CA ASN C 454 14.42 -24.57 3.10
C ASN C 454 15.07 -25.13 4.36
N ASP C 455 15.30 -26.44 4.35
CA ASP C 455 15.67 -27.15 5.58
C ASP C 455 17.08 -26.83 6.08
N PRO C 456 18.15 -26.86 5.28
CA PRO C 456 19.46 -26.54 5.87
C PRO C 456 19.64 -25.07 6.18
N LEU C 457 18.94 -24.19 5.48
CA LEU C 457 18.98 -22.77 5.85
C LEU C 457 18.30 -22.55 7.19
N ARG C 458 17.17 -23.23 7.41
CA ARG C 458 16.50 -23.13 8.71
C ARG C 458 17.36 -23.71 9.82
N GLU C 459 18.03 -24.83 9.54
CA GLU C 459 18.89 -25.47 10.53
C GLU C 459 20.08 -24.58 10.88
N GLU C 460 20.67 -23.93 9.88
CA GLU C 460 21.83 -23.08 10.13
C GLU C 460 21.44 -21.79 10.86
N ILE C 461 20.29 -21.21 10.52
CA ILE C 461 19.82 -20.01 11.21
C ILE C 461 19.48 -20.30 12.65
N VAL C 462 18.85 -21.45 12.90
CA VAL C 462 18.47 -21.81 14.26
C VAL C 462 19.71 -22.11 15.10
N ASN C 463 20.71 -22.78 14.51
CA ASN C 463 21.94 -23.05 15.26
C ASN C 463 22.70 -21.77 15.55
N PHE C 464 22.60 -20.76 14.68
CA PHE C 464 23.28 -19.51 15.03
C PHE C 464 22.52 -18.74 16.10
N ASN C 465 21.18 -18.75 16.05
CA ASN C 465 20.42 -18.02 17.07
C ASN C 465 20.53 -18.68 18.43
N CYS C 466 20.80 -19.98 18.48
CA CYS C 466 20.93 -20.66 19.76
C CYS C 466 22.31 -21.25 19.96
N ARG C 467 23.36 -20.61 19.43
CA ARG C 467 24.72 -21.08 19.67
C ARG C 467 25.14 -20.94 21.13
N LYS C 468 24.54 -20.01 21.87
CA LYS C 468 24.92 -19.82 23.26
C LYS C 468 24.28 -20.88 24.15
N LEU C 469 23.05 -21.25 23.82
CA LEU C 469 22.30 -22.18 24.64
C LEU C 469 22.81 -23.60 24.50
N VAL C 470 23.30 -23.96 23.31
CA VAL C 470 23.84 -25.31 23.10
C VAL C 470 25.17 -25.47 23.81
N ALA C 471 25.86 -24.36 24.06
CA ALA C 471 27.11 -24.47 24.80
C ALA C 471 26.85 -24.43 26.30
N THR C 472 25.92 -23.59 26.75
CA THR C 472 25.73 -23.41 28.18
C THR C 472 24.96 -24.57 28.80
N MET C 473 24.03 -25.18 28.07
CA MET C 473 23.38 -26.34 28.66
C MET C 473 24.25 -27.58 28.49
N PRO C 474 24.39 -28.41 29.52
CA PRO C 474 25.27 -29.57 29.40
C PRO C 474 24.64 -30.69 28.60
N LEU C 475 23.31 -30.74 28.66
CA LEU C 475 22.55 -31.72 27.89
C LEU C 475 22.76 -31.56 26.39
N PHE C 476 22.70 -30.31 25.92
CA PHE C 476 22.89 -30.04 24.51
C PHE C 476 24.34 -30.27 24.11
N ALA C 477 25.27 -30.02 25.04
CA ALA C 477 26.68 -30.23 24.74
C ALA C 477 27.01 -31.70 24.62
N ASN C 478 26.30 -32.56 25.36
CA ASN C 478 26.64 -33.97 25.37
C ASN C 478 25.72 -34.83 24.51
N ALA C 479 24.64 -34.27 23.97
CA ALA C 479 23.71 -35.10 23.21
C ALA C 479 24.15 -35.26 21.75
N ASP C 480 23.44 -36.14 21.04
CA ASP C 480 23.66 -36.43 19.62
C ASP C 480 23.18 -35.26 18.78
N PRO C 481 23.89 -34.93 17.69
CA PRO C 481 23.55 -33.70 16.94
C PRO C 481 22.26 -33.78 16.16
N ASN C 482 21.77 -34.98 15.82
CA ASN C 482 20.49 -35.07 15.13
C ASN C 482 19.35 -34.74 16.07
N PHE C 483 19.42 -35.26 17.31
CA PHE C 483 18.45 -34.93 18.35
C PHE C 483 18.50 -33.45 18.68
N VAL C 484 19.71 -32.91 18.82
CA VAL C 484 19.90 -31.50 19.12
C VAL C 484 19.32 -30.63 18.00
N THR C 485 19.48 -31.06 16.76
CA THR C 485 18.97 -30.27 15.64
C THR C 485 17.45 -30.31 15.59
N ALA C 486 16.84 -31.46 15.86
CA ALA C 486 15.38 -31.54 15.82
C ALA C 486 14.75 -30.74 16.96
N MET C 487 15.28 -30.92 18.18
CA MET C 487 14.79 -30.18 19.33
C MET C 487 15.02 -28.68 19.16
N LEU C 488 16.10 -28.31 18.48
CA LEU C 488 16.33 -26.91 18.21
C LEU C 488 15.38 -26.37 17.16
N SER C 489 15.00 -27.21 16.20
CA SER C 489 14.12 -26.73 15.15
C SER C 489 12.72 -26.51 15.66
N LYS C 490 12.32 -27.25 16.68
CA LYS C 490 10.99 -27.06 17.25
C LYS C 490 11.03 -26.18 18.50
N LEU C 491 11.42 -24.91 18.33
CA LEU C 491 11.44 -23.95 19.41
C LEU C 491 10.70 -22.69 19.00
N ARG C 492 10.44 -21.81 19.96
CA ARG C 492 9.71 -20.58 19.70
C ARG C 492 10.16 -19.47 20.63
N PHE C 493 10.34 -18.28 20.10
CA PHE C 493 10.83 -17.16 20.89
C PHE C 493 9.71 -16.58 21.75
N GLU C 494 10.10 -16.01 22.89
CA GLU C 494 9.16 -15.31 23.77
C GLU C 494 9.91 -14.29 24.59
N VAL C 495 9.22 -13.21 24.96
CA VAL C 495 9.79 -12.13 25.76
C VAL C 495 8.86 -11.86 26.92
N PHE C 496 9.39 -11.90 28.13
CA PHE C 496 8.59 -11.73 29.33
C PHE C 496 9.05 -10.48 30.08
N GLN C 497 8.09 -9.65 30.45
CA GLN C 497 8.31 -8.40 31.15
C GLN C 497 8.56 -8.67 32.62
N PRO C 498 9.18 -7.75 33.36
CA PRO C 498 9.55 -8.06 34.73
C PRO C 498 8.34 -8.15 35.65
N GLY C 499 8.28 -9.25 36.40
CA GLY C 499 7.32 -9.37 37.47
C GLY C 499 5.98 -9.94 37.10
N ASP C 500 5.89 -10.78 36.07
CA ASP C 500 4.67 -11.52 35.81
C ASP C 500 4.94 -13.01 35.89
N TYR C 501 3.94 -13.77 36.28
CA TYR C 501 4.14 -15.19 36.48
C TYR C 501 4.18 -15.88 35.14
N ILE C 502 5.27 -16.58 34.87
CA ILE C 502 5.34 -17.41 33.67
C ILE C 502 4.49 -18.65 33.85
N ILE C 503 4.79 -19.42 34.88
CA ILE C 503 4.09 -20.65 35.20
C ILE C 503 3.49 -20.49 36.57
N ARG C 504 2.19 -20.71 36.69
CA ARG C 504 1.55 -20.71 37.99
C ARG C 504 1.39 -22.14 38.47
N GLU C 505 1.37 -22.31 39.79
CA GLU C 505 1.34 -23.63 40.37
C GLU C 505 -0.06 -24.21 40.26
N GLY C 506 -0.13 -25.52 40.06
CA GLY C 506 -1.39 -26.23 40.08
C GLY C 506 -2.15 -26.26 38.77
N ALA C 507 -1.79 -25.41 37.81
CA ALA C 507 -2.46 -25.41 36.52
C ALA C 507 -1.98 -26.58 35.67
N VAL C 508 -2.66 -26.81 34.56
CA VAL C 508 -2.27 -27.88 33.66
C VAL C 508 -1.07 -27.42 32.84
N GLY C 509 -0.14 -28.33 32.59
CA GLY C 509 1.10 -28.01 31.90
C GLY C 509 1.00 -28.31 30.40
N LYS C 510 1.52 -27.40 29.60
CA LYS C 510 1.40 -27.56 28.16
C LYS C 510 2.68 -27.21 27.39
N LYS C 511 3.74 -26.75 28.04
CA LYS C 511 4.99 -26.43 27.37
C LYS C 511 6.11 -26.33 28.40
N MET C 512 7.35 -26.24 27.90
CA MET C 512 8.52 -25.99 28.74
C MET C 512 9.33 -24.85 28.14
N TYR C 513 10.16 -24.22 28.97
CA TYR C 513 10.86 -23.01 28.58
C TYR C 513 12.35 -23.14 28.78
N PHE C 514 13.12 -22.66 27.81
CA PHE C 514 14.57 -22.58 27.90
C PHE C 514 14.95 -21.13 28.11
N ILE C 515 15.60 -20.83 29.22
CA ILE C 515 16.02 -19.46 29.49
C ILE C 515 17.18 -19.11 28.58
N GLN C 516 17.07 -17.97 27.91
CA GLN C 516 18.20 -17.46 27.16
C GLN C 516 18.79 -16.21 27.80
N HIS C 517 17.97 -15.28 28.25
CA HIS C 517 18.53 -14.04 28.78
C HIS C 517 17.70 -13.52 29.93
N GLY C 518 18.34 -13.25 31.05
CA GLY C 518 17.62 -12.66 32.16
C GLY C 518 17.13 -13.69 33.16
N VAL C 519 17.35 -13.38 34.42
CA VAL C 519 17.15 -14.32 35.51
C VAL C 519 15.67 -14.41 35.84
N ALA C 520 15.19 -15.62 36.12
CA ALA C 520 13.83 -15.86 36.57
C ALA C 520 13.86 -16.75 37.79
N GLY C 521 12.89 -16.59 38.68
CA GLY C 521 12.92 -17.23 39.97
C GLY C 521 11.82 -18.28 40.11
N VAL C 522 12.12 -19.34 40.83
CA VAL C 522 11.14 -20.34 41.23
C VAL C 522 10.67 -19.96 42.63
N ILE C 523 9.36 -19.78 42.79
CA ILE C 523 8.83 -19.43 44.10
C ILE C 523 8.02 -20.58 44.65
N THR C 524 8.68 -21.44 45.41
CA THR C 524 7.98 -22.53 46.06
C THR C 524 7.69 -22.17 47.51
N LYS C 525 6.50 -22.55 47.97
CA LYS C 525 6.14 -22.36 49.36
C LYS C 525 6.96 -23.32 50.23
N SER C 526 7.36 -22.82 51.41
CA SER C 526 8.32 -23.46 52.32
C SER C 526 9.69 -23.65 51.68
N SER C 527 10.01 -22.84 50.68
CA SER C 527 11.37 -22.67 50.16
C SER C 527 11.58 -21.17 50.05
N LYS C 528 12.82 -20.71 50.23
CA LYS C 528 13.09 -19.28 50.23
C LYS C 528 12.82 -18.66 48.85
N GLU C 529 13.66 -18.99 47.88
CA GLU C 529 13.56 -18.60 46.49
C GLU C 529 14.71 -19.30 45.79
N MET C 530 14.58 -19.47 44.49
CA MET C 530 15.65 -20.11 43.72
C MET C 530 15.79 -19.37 42.41
N LYS C 531 16.95 -18.79 42.17
CA LYS C 531 17.14 -18.03 40.95
C LYS C 531 17.70 -18.94 39.88
N LEU C 532 17.42 -18.61 38.63
CA LEU C 532 17.89 -19.39 37.49
C LEU C 532 18.51 -18.42 36.50
N THR C 533 19.78 -18.61 36.20
CA THR C 533 20.49 -17.72 35.29
C THR C 533 20.17 -18.06 33.84
N ASP C 534 20.96 -17.49 32.93
CA ASP C 534 20.87 -17.89 31.54
C ASP C 534 21.34 -19.32 31.37
N GLY C 535 20.81 -20.00 30.37
CA GLY C 535 21.10 -21.40 30.18
C GLY C 535 20.55 -22.33 31.23
N SER C 536 19.23 -22.48 31.30
CA SER C 536 18.57 -23.46 32.16
C SER C 536 17.15 -23.67 31.65
N TYR C 537 16.45 -24.63 32.22
CA TYR C 537 15.13 -24.98 31.73
C TYR C 537 14.22 -25.38 32.88
N PHE C 538 12.99 -24.90 32.84
CA PHE C 538 11.94 -25.42 33.70
C PHE C 538 10.80 -25.94 32.84
N GLY C 539 9.92 -26.69 33.46
CA GLY C 539 8.88 -27.37 32.74
C GLY C 539 9.20 -28.79 32.37
N GLU C 540 10.18 -29.40 33.03
CA GLU C 540 10.49 -30.79 32.76
C GLU C 540 9.42 -31.70 33.36
N ILE C 541 9.25 -31.62 34.67
CA ILE C 541 8.52 -32.67 35.38
C ILE C 541 7.01 -32.63 35.12
N CYS C 542 6.46 -31.48 34.73
CA CYS C 542 5.04 -31.45 34.38
C CYS C 542 4.78 -32.24 33.11
N LEU C 543 5.63 -32.08 32.10
CA LEU C 543 5.45 -32.84 30.87
C LEU C 543 5.85 -34.30 31.06
N LEU C 544 6.77 -34.59 31.98
CA LEU C 544 7.15 -35.98 32.15
C LEU C 544 6.16 -36.75 33.01
N THR C 545 5.42 -36.08 33.90
CA THR C 545 4.48 -36.77 34.78
C THR C 545 3.03 -36.57 34.40
N LYS C 546 2.75 -35.73 33.38
CA LYS C 546 1.41 -35.50 32.84
C LYS C 546 0.44 -34.97 33.90
N GLY C 547 0.95 -34.08 34.75
CA GLY C 547 0.15 -33.58 35.85
C GLY C 547 0.25 -32.09 36.09
N ARG C 548 0.01 -31.67 37.33
CA ARG C 548 -0.07 -30.26 37.65
C ARG C 548 1.30 -29.69 37.92
N ARG C 549 1.44 -28.38 37.68
CA ARG C 549 2.72 -27.69 37.84
C ARG C 549 3.15 -27.68 39.30
N THR C 550 4.44 -27.89 39.52
CA THR C 550 4.97 -28.14 40.85
C THR C 550 5.11 -26.87 41.68
N ALA C 551 5.69 -25.82 41.11
CA ALA C 551 5.89 -24.57 41.83
C ALA C 551 5.95 -23.42 40.84
N SER C 552 5.38 -22.30 41.21
CA SER C 552 5.25 -21.18 40.29
C SER C 552 6.60 -20.54 40.01
N VAL C 553 6.66 -19.77 38.92
CA VAL C 553 7.90 -19.15 38.44
C VAL C 553 7.59 -17.71 38.09
N ARG C 554 8.31 -16.78 38.72
CA ARG C 554 8.11 -15.36 38.49
C ARG C 554 9.29 -14.79 37.73
N ALA C 555 9.00 -14.03 36.69
CA ALA C 555 10.02 -13.44 35.85
C ALA C 555 10.59 -12.20 36.53
N ASP C 556 11.83 -12.30 37.01
CA ASP C 556 12.42 -11.20 37.77
C ASP C 556 12.89 -10.09 36.84
N THR C 557 13.83 -10.39 35.96
CA THR C 557 14.32 -9.41 35.00
C THR C 557 13.56 -9.55 33.70
N TYR C 558 13.99 -8.81 32.68
CA TYR C 558 13.35 -8.90 31.38
C TYR C 558 13.75 -10.19 30.69
N CYS C 559 12.97 -11.25 30.85
CA CYS C 559 13.40 -12.54 30.34
C CYS C 559 13.18 -12.64 28.84
N ARG C 560 14.14 -13.28 28.17
CA ARG C 560 14.01 -13.66 26.77
C ARG C 560 14.15 -15.17 26.77
N LEU C 561 13.04 -15.85 26.53
CA LEU C 561 12.92 -17.28 26.71
C LEU C 561 12.66 -17.97 25.38
N TYR C 562 13.01 -19.25 25.35
CA TYR C 562 12.71 -20.12 24.23
C TYR C 562 11.81 -21.22 24.74
N SER C 563 10.64 -21.37 24.13
CA SER C 563 9.62 -22.29 24.60
C SER C 563 9.44 -23.41 23.60
N LEU C 564 8.98 -24.55 24.11
CA LEU C 564 8.81 -25.78 23.36
C LEU C 564 7.51 -26.43 23.80
N SER C 565 6.65 -26.74 22.84
CA SER C 565 5.31 -27.25 23.14
C SER C 565 5.37 -28.72 23.49
N VAL C 566 4.24 -29.24 23.98
CA VAL C 566 4.23 -30.58 24.56
C VAL C 566 4.20 -31.66 23.49
N ASP C 567 3.55 -31.40 22.35
CA ASP C 567 3.42 -32.43 21.32
C ASP C 567 4.76 -32.66 20.62
N ASN C 568 5.48 -31.58 20.33
CA ASN C 568 6.80 -31.71 19.73
C ASN C 568 7.77 -32.34 20.71
N PHE C 569 7.64 -32.02 22.00
CA PHE C 569 8.48 -32.60 23.02
C PHE C 569 8.24 -34.09 23.14
N ASN C 570 6.99 -34.51 23.04
CA ASN C 570 6.67 -35.93 23.09
C ASN C 570 7.15 -36.66 21.85
N GLU C 571 7.08 -36.00 20.68
CA GLU C 571 7.54 -36.64 19.45
C GLU C 571 9.06 -36.86 19.47
N VAL C 572 9.80 -35.83 19.85
CA VAL C 572 11.26 -35.93 19.90
C VAL C 572 11.70 -36.92 20.97
N LEU C 573 11.11 -36.83 22.16
CA LEU C 573 11.55 -37.69 23.24
C LEU C 573 11.00 -39.11 23.11
N GLU C 574 10.03 -39.33 22.22
CA GLU C 574 9.66 -40.69 21.88
C GLU C 574 10.53 -41.22 20.74
N GLU C 575 11.12 -40.33 19.95
CA GLU C 575 12.10 -40.77 18.97
C GLU C 575 13.37 -41.26 19.64
N TYR C 576 13.91 -40.49 20.59
CA TYR C 576 15.16 -40.87 21.26
C TYR C 576 14.97 -40.87 22.77
N PRO C 577 14.99 -42.03 23.43
CA PRO C 577 14.58 -42.06 24.85
C PRO C 577 15.71 -41.90 25.85
N MET C 578 16.97 -41.86 25.39
CA MET C 578 18.07 -41.67 26.33
C MET C 578 18.02 -40.28 26.96
N MET C 579 17.63 -39.27 26.18
CA MET C 579 17.40 -37.95 26.75
C MET C 579 16.22 -37.94 27.70
N ARG C 580 15.25 -38.84 27.52
CA ARG C 580 14.16 -38.94 28.47
C ARG C 580 14.64 -39.53 29.78
N ARG C 581 15.57 -40.48 29.72
CA ARG C 581 16.20 -40.97 30.94
C ARG C 581 16.96 -39.86 31.66
N ALA C 582 17.64 -39.02 30.88
CA ALA C 582 18.36 -37.88 31.44
C ALA C 582 17.42 -36.89 32.13
N PHE C 583 16.33 -36.52 31.45
CA PHE C 583 15.35 -35.61 32.02
C PHE C 583 14.67 -36.20 33.25
N GLU C 584 14.41 -37.51 33.25
CA GLU C 584 13.83 -38.16 34.42
C GLU C 584 14.76 -38.06 35.62
N THR C 585 16.06 -38.26 35.41
CA THR C 585 17.00 -38.22 36.53
C THR C 585 17.17 -36.79 37.07
N VAL C 586 17.32 -35.81 36.18
CA VAL C 586 17.45 -34.42 36.63
C VAL C 586 16.19 -33.94 37.30
N ALA C 587 15.03 -34.37 36.80
CA ALA C 587 13.78 -34.01 37.43
C ALA C 587 13.64 -34.64 38.81
N ILE C 588 14.17 -35.87 38.98
CA ILE C 588 14.14 -36.52 40.28
C ILE C 588 14.95 -35.73 41.29
N ASP C 589 16.16 -35.30 40.90
CA ASP C 589 17.01 -34.54 41.82
C ASP C 589 16.39 -33.19 42.15
N ARG C 590 15.80 -32.53 41.15
CA ARG C 590 15.24 -31.21 41.36
C ARG C 590 14.00 -31.27 42.24
N LEU C 591 13.21 -32.33 42.10
CA LEU C 591 12.05 -32.50 42.96
C LEU C 591 12.45 -32.84 44.38
N ASP C 592 13.51 -33.66 44.54
CA ASP C 592 13.98 -34.00 45.88
C ASP C 592 14.51 -32.77 46.59
N ARG C 593 15.10 -31.84 45.84
CA ARG C 593 15.55 -30.60 46.47
C ARG C 593 14.38 -29.67 46.77
N ILE C 594 13.33 -29.72 45.95
CA ILE C 594 12.19 -28.81 46.17
C ILE C 594 11.42 -29.22 47.42
N GLY C 595 11.03 -30.49 47.51
CA GLY C 595 10.34 -30.98 48.68
C GLY C 595 9.19 -31.93 48.37
N LYS C 596 8.56 -31.74 47.23
CA LYS C 596 7.52 -32.65 46.76
C LYS C 596 8.16 -33.81 46.00
N LYS C 597 7.43 -34.91 45.87
CA LYS C 597 7.95 -36.07 45.17
C LYS C 597 6.86 -36.73 44.33
N ASN C 598 7.26 -37.30 43.20
CA ASN C 598 6.34 -37.91 42.25
C ASN C 598 6.62 -39.42 42.19
N SER C 599 5.69 -40.20 42.75
CA SER C 599 5.86 -41.64 42.83
C SER C 599 5.79 -42.31 41.47
N ILE C 600 5.13 -41.66 40.50
CA ILE C 600 5.04 -42.23 39.15
C ILE C 600 6.41 -42.26 38.51
N LEU C 601 7.11 -41.12 38.53
CA LEU C 601 8.46 -41.06 37.99
C LEU C 601 9.41 -41.88 38.85
N LEU C 602 9.17 -41.93 40.16
CA LEU C 602 10.01 -42.72 41.05
C LEU C 602 9.96 -44.21 40.70
N GLN C 603 8.74 -44.73 40.51
CA GLN C 603 8.58 -46.14 40.17
C GLN C 603 9.04 -46.42 38.74
N LYS C 604 8.84 -45.46 37.83
CA LYS C 604 9.30 -45.63 36.46
C LYS C 604 10.82 -45.67 36.39
N PHE C 605 11.50 -44.90 37.24
CA PHE C 605 12.95 -44.95 37.25
C PHE C 605 13.47 -46.16 38.01
N GLN C 606 12.75 -46.59 39.06
CA GLN C 606 13.17 -47.77 39.80
C GLN C 606 12.99 -49.03 38.97
N LYS C 607 12.02 -49.03 38.06
CA LYS C 607 11.93 -50.10 37.08
C LYS C 607 12.89 -49.87 35.93
N ASP C 608 13.26 -48.62 35.68
CA ASP C 608 14.16 -48.31 34.57
C ASP C 608 15.61 -48.60 34.92
N LEU C 609 16.05 -48.15 36.10
CA LEU C 609 17.45 -48.31 36.47
C LEU C 609 17.78 -49.75 36.82
N ASN C 610 16.82 -50.46 37.42
CA ASN C 610 17.05 -51.87 37.75
C ASN C 610 16.96 -52.76 36.52
N THR C 611 16.44 -52.25 35.41
CA THR C 611 16.37 -53.04 34.17
C THR C 611 17.73 -53.27 33.55
N GLY C 612 18.74 -52.48 33.92
CA GLY C 612 20.07 -52.69 33.38
C GLY C 612 20.36 -51.99 32.07
N VAL C 613 19.48 -51.08 31.63
CA VAL C 613 19.73 -50.38 30.39
C VAL C 613 20.79 -49.30 30.58
N PHE C 614 20.99 -48.85 31.81
CA PHE C 614 21.99 -47.82 32.07
C PHE C 614 23.40 -48.40 32.03
N ASN C 615 24.36 -47.56 31.65
CA ASN C 615 25.75 -47.96 31.51
C ASN C 615 26.63 -47.09 32.39
N ASN C 616 27.92 -47.43 32.40
CA ASN C 616 28.90 -46.70 33.20
C ASN C 616 29.11 -45.29 32.65
N GLN C 617 29.26 -45.18 31.33
CA GLN C 617 29.35 -43.86 30.71
C GLN C 617 28.03 -43.11 30.87
N GLU C 618 26.91 -43.84 30.87
CA GLU C 618 25.60 -43.24 31.01
C GLU C 618 25.43 -42.56 32.38
N ASN C 619 25.70 -43.30 33.47
CA ASN C 619 25.47 -42.67 34.76
C ASN C 619 26.64 -41.78 35.18
N GLU C 620 27.80 -41.90 34.52
CA GLU C 620 28.84 -40.90 34.71
C GLU C 620 28.43 -39.56 34.09
N ILE C 621 27.88 -39.60 32.88
CA ILE C 621 27.32 -38.41 32.25
C ILE C 621 26.17 -37.85 33.08
N LEU C 622 25.34 -38.74 33.63
CA LEU C 622 24.22 -38.33 34.47
C LEU C 622 24.68 -37.67 35.76
N LYS C 623 25.75 -38.17 36.36
CA LYS C 623 26.31 -37.54 37.55
C LYS C 623 26.90 -36.18 37.23
N GLN C 624 27.56 -36.06 36.07
CA GLN C 624 28.05 -34.77 35.61
C GLN C 624 26.91 -33.79 35.40
N ILE C 625 25.80 -34.26 34.83
CA ILE C 625 24.67 -33.39 34.55
C ILE C 625 23.98 -32.95 35.84
N VAL C 626 23.89 -33.83 36.84
CA VAL C 626 23.17 -33.42 38.04
C VAL C 626 24.04 -32.52 38.91
N LYS C 627 25.37 -32.71 38.91
CA LYS C 627 26.19 -31.73 39.62
C LYS C 627 26.22 -30.40 38.87
N HIS C 628 26.13 -30.45 37.53
CA HIS C 628 25.99 -29.23 36.75
C HIS C 628 24.68 -28.53 37.06
N ASP C 629 23.61 -29.30 37.28
CA ASP C 629 22.31 -28.72 37.61
C ASP C 629 22.32 -28.11 38.99
N ARG C 630 23.06 -28.72 39.93
CA ARG C 630 23.24 -28.10 41.23
C ARG C 630 24.03 -26.80 41.11
N GLU C 631 24.97 -26.75 40.16
CA GLU C 631 25.72 -25.52 39.94
C GLU C 631 24.85 -24.43 39.34
N MET C 632 24.07 -24.74 38.31
CA MET C 632 23.19 -23.74 37.73
C MET C 632 21.84 -23.62 38.44
N VAL C 633 21.68 -24.17 39.63
CA VAL C 633 20.61 -23.75 40.54
C VAL C 633 21.16 -23.00 41.74
N GLN C 634 22.42 -23.24 42.12
CA GLN C 634 23.05 -22.39 43.11
C GLN C 634 23.37 -21.03 42.53
N ALA C 635 23.91 -21.01 41.32
CA ALA C 635 24.12 -19.78 40.57
C ALA C 635 22.87 -19.46 39.76
N MET D 94 35.91 14.44 40.50
CA MET D 94 35.61 15.09 39.24
C MET D 94 35.91 14.17 38.06
N GLN D 95 37.07 13.50 38.14
CA GLN D 95 37.46 12.57 37.08
C GLN D 95 36.58 11.34 37.05
N ARG D 96 36.04 10.94 38.21
CA ARG D 96 35.06 9.87 38.23
C ARG D 96 33.78 10.29 37.53
N GLN D 97 33.38 11.55 37.70
CA GLN D 97 32.23 12.08 36.96
C GLN D 97 32.52 12.13 35.47
N PHE D 98 33.76 12.44 35.10
CA PHE D 98 34.14 12.44 33.69
C PHE D 98 34.10 11.04 33.09
N THR D 99 34.55 10.04 33.86
CA THR D 99 34.51 8.66 33.38
C THR D 99 33.07 8.15 33.28
N SER D 100 32.22 8.54 34.23
CA SER D 100 30.82 8.12 34.18
C SER D 100 30.08 8.84 33.05
N MET D 101 30.53 10.04 32.68
CA MET D 101 29.96 10.71 31.53
C MET D 101 30.39 10.03 30.24
N LEU D 102 31.67 9.65 30.16
CA LEU D 102 32.19 9.06 28.94
C LEU D 102 31.67 7.65 28.71
N GLN D 103 31.40 6.91 29.78
CA GLN D 103 30.79 5.60 29.66
C GLN D 103 29.34 5.74 29.24
N PRO D 104 28.76 4.73 28.57
CA PRO D 104 27.34 4.81 28.21
C PRO D 104 26.46 4.75 29.45
N GLY D 105 25.40 5.54 29.42
CA GLY D 105 24.48 5.60 30.53
C GLY D 105 23.20 4.85 30.21
N VAL D 106 22.50 4.45 31.27
CA VAL D 106 21.21 3.77 31.14
C VAL D 106 20.21 4.81 30.65
N ASN D 107 19.69 4.58 29.46
CA ASN D 107 18.66 5.41 28.87
C ASN D 107 17.72 4.52 28.06
N LYS D 108 16.70 5.16 27.48
CA LYS D 108 15.70 4.41 26.72
C LYS D 108 16.30 3.84 25.44
N PHE D 109 17.11 4.65 24.75
CA PHE D 109 17.84 4.15 23.58
C PHE D 109 18.87 3.11 23.98
N SER D 110 19.44 3.26 25.18
CA SER D 110 20.41 2.27 25.66
C SER D 110 19.73 0.94 25.92
N LEU D 111 18.53 0.96 26.48
CA LEU D 111 17.80 -0.28 26.73
C LEU D 111 17.31 -0.90 25.44
N ARG D 112 16.90 -0.06 24.48
CA ARG D 112 16.46 -0.56 23.18
C ARG D 112 17.63 -1.17 22.39
N MET D 113 18.84 -0.65 22.62
CA MET D 113 20.01 -1.23 21.97
C MET D 113 20.44 -2.52 22.67
N PHE D 114 20.44 -2.51 24.00
CA PHE D 114 21.20 -3.53 24.74
C PHE D 114 20.34 -4.63 25.35
N GLY D 115 19.05 -4.44 25.48
CA GLY D 115 18.20 -5.48 26.07
C GLY D 115 18.17 -5.38 27.59
N SER D 116 18.99 -6.18 28.25
CA SER D 116 19.03 -6.18 29.70
C SER D 116 20.11 -5.23 30.22
N GLN D 117 19.97 -4.85 31.49
CA GLN D 117 20.92 -3.93 32.12
C GLN D 117 22.30 -4.55 32.28
N LYS D 118 22.38 -5.89 32.25
CA LYS D 118 23.68 -6.55 32.27
C LYS D 118 24.51 -6.20 31.06
N ALA D 119 23.87 -5.97 29.91
CA ALA D 119 24.60 -5.51 28.74
C ALA D 119 25.08 -4.08 28.91
N VAL D 120 24.34 -3.25 29.66
CA VAL D 120 24.78 -1.89 29.95
C VAL D 120 25.99 -1.92 30.87
N GLU D 121 25.99 -2.81 31.87
CA GLU D 121 27.16 -2.96 32.73
C GLU D 121 28.35 -3.53 31.96
N LYS D 122 28.08 -4.44 31.01
CA LYS D 122 29.11 -4.98 30.14
C LYS D 122 29.75 -3.90 29.29
N GLU D 123 28.92 -3.01 28.73
CA GLU D 123 29.42 -1.90 27.93
C GLU D 123 30.20 -0.91 28.80
N GLN D 124 29.76 -0.73 30.05
CA GLN D 124 30.47 0.16 30.96
C GLN D 124 31.87 -0.35 31.25
N GLU D 125 32.01 -1.66 31.48
CA GLU D 125 33.35 -2.21 31.68
C GLU D 125 34.16 -2.22 30.39
N ARG D 126 33.48 -2.44 29.25
CA ARG D 126 34.15 -2.42 27.95
C ARG D 126 34.73 -1.04 27.62
N VAL D 127 34.04 0.01 28.03
CA VAL D 127 34.62 1.36 27.96
C VAL D 127 35.70 1.54 29.02
N LYS D 128 35.51 0.95 30.20
CA LYS D 128 36.49 1.08 31.27
C LYS D 128 37.78 0.28 31.05
N THR D 129 37.87 -0.47 29.95
CA THR D 129 39.13 -1.12 29.58
C THR D 129 40.24 -0.10 29.35
N ALA D 130 40.07 0.77 28.35
CA ALA D 130 41.11 1.75 28.01
C ALA D 130 41.09 2.90 29.00
N GLY D 131 42.19 3.67 29.03
CA GLY D 131 42.41 4.65 30.07
C GLY D 131 42.22 6.08 29.63
N PHE D 132 41.29 6.77 30.31
CA PHE D 132 41.13 8.22 30.34
C PHE D 132 40.81 8.86 28.99
N TRP D 133 40.55 8.07 27.96
CA TRP D 133 40.44 8.61 26.61
C TRP D 133 39.06 8.39 25.99
N ILE D 134 38.57 7.17 25.99
CA ILE D 134 37.54 6.75 25.04
C ILE D 134 36.17 7.20 25.51
N ILE D 135 35.37 7.66 24.55
CA ILE D 135 33.98 8.05 24.78
C ILE D 135 33.09 7.21 23.87
N HIS D 136 31.92 6.90 24.36
CA HIS D 136 31.09 5.97 23.63
C HIS D 136 30.03 6.71 22.83
N PRO D 137 29.65 6.21 21.65
CA PRO D 137 28.69 6.93 20.81
C PRO D 137 27.25 6.95 21.33
N TYR D 138 26.98 6.43 22.51
CA TYR D 138 25.70 6.63 23.15
C TYR D 138 25.81 7.41 24.45
N SER D 139 27.01 7.89 24.79
CA SER D 139 27.21 8.55 26.06
C SER D 139 26.62 9.94 26.06
N ASP D 140 26.26 10.41 27.25
CA ASP D 140 25.71 11.76 27.40
C ASP D 140 26.72 12.83 27.03
N PHE D 141 28.02 12.53 27.17
CA PHE D 141 29.05 13.46 26.73
C PHE D 141 29.02 13.65 25.23
N ARG D 142 28.93 12.56 24.48
CA ARG D 142 28.85 12.67 23.02
C ARG D 142 27.54 13.29 22.59
N PHE D 143 26.46 13.07 23.33
CA PHE D 143 25.19 13.71 23.01
C PHE D 143 25.25 15.22 23.21
N TYR D 144 25.81 15.65 24.33
CA TYR D 144 25.88 17.09 24.57
C TYR D 144 26.91 17.76 23.68
N TRP D 145 27.97 17.06 23.29
CA TRP D 145 28.92 17.63 22.36
C TRP D 145 28.32 17.74 20.96
N ASP D 146 27.53 16.74 20.57
CA ASP D 146 26.72 16.80 19.36
C ASP D 146 25.83 18.05 19.35
N LEU D 147 25.12 18.30 20.45
CA LEU D 147 24.18 19.42 20.48
C LEU D 147 24.90 20.76 20.45
N ILE D 148 25.99 20.89 21.21
CA ILE D 148 26.72 22.16 21.24
C ILE D 148 27.35 22.44 19.88
N MET D 149 27.89 21.42 19.23
CA MET D 149 28.47 21.63 17.91
C MET D 149 27.40 21.90 16.87
N LEU D 150 26.19 21.40 17.08
CA LEU D 150 25.14 21.71 16.12
C LEU D 150 24.66 23.15 16.25
N ILE D 151 24.58 23.66 17.48
CA ILE D 151 24.21 25.06 17.68
C ILE D 151 25.27 25.97 17.08
N MET D 152 26.55 25.66 17.34
CA MET D 152 27.63 26.48 16.80
C MET D 152 27.71 26.37 15.28
N MET D 153 27.34 25.21 14.72
CA MET D 153 27.38 25.04 13.28
C MET D 153 26.31 25.86 12.58
N VAL D 154 25.08 25.83 13.10
CA VAL D 154 24.04 26.58 12.41
C VAL D 154 24.26 28.08 12.58
N GLY D 155 24.84 28.49 13.71
CA GLY D 155 25.24 29.87 13.91
C GLY D 155 26.29 30.30 12.91
N ASN D 156 27.32 29.48 12.72
CA ASN D 156 28.41 29.89 11.85
C ASN D 156 28.02 29.85 10.38
N LEU D 157 27.19 28.88 9.99
CA LEU D 157 26.78 28.78 8.60
C LEU D 157 25.72 29.82 8.25
N VAL D 158 25.08 30.42 9.24
CA VAL D 158 24.28 31.59 8.93
C VAL D 158 25.16 32.82 8.83
N ILE D 159 26.09 33.01 9.76
CA ILE D 159 26.93 34.21 9.76
C ILE D 159 28.23 34.15 8.95
N ILE D 160 28.60 33.05 8.34
CA ILE D 160 29.87 33.07 7.57
C ILE D 160 29.83 33.75 6.19
N PRO D 161 28.94 33.27 5.30
CA PRO D 161 28.81 33.80 3.95
C PRO D 161 28.41 35.27 3.93
N VAL D 162 27.49 35.68 4.80
CA VAL D 162 27.09 37.08 4.86
C VAL D 162 28.26 37.97 5.24
N GLY D 163 29.06 37.49 6.19
CA GLY D 163 30.23 38.22 6.62
C GLY D 163 31.21 38.36 5.47
N ILE D 164 31.39 37.32 4.67
CA ILE D 164 32.33 37.41 3.55
C ILE D 164 32.06 38.46 2.46
N THR D 165 30.86 38.42 1.87
CA THR D 165 30.45 39.30 0.78
C THR D 165 30.33 40.74 1.25
N PHE D 166 29.42 41.05 2.17
CA PHE D 166 29.10 42.45 2.37
C PHE D 166 30.06 43.16 3.33
N PHE D 167 31.09 42.51 3.85
CA PHE D 167 31.99 43.21 4.75
C PHE D 167 33.38 43.25 4.14
N THR D 168 33.64 44.30 3.37
CA THR D 168 34.94 44.47 2.73
C THR D 168 36.05 44.87 3.69
N GLU D 169 35.71 45.20 4.94
CA GLU D 169 36.69 45.42 6.00
C GLU D 169 36.58 44.23 6.95
N GLN D 170 37.31 43.16 6.64
CA GLN D 170 37.21 41.91 7.39
C GLN D 170 38.43 41.65 8.25
N THR D 171 39.04 42.72 8.75
CA THR D 171 40.24 42.60 9.59
C THR D 171 40.02 43.23 10.96
N THR D 172 38.77 43.50 11.29
CA THR D 172 38.42 44.10 12.58
C THR D 172 38.66 43.11 13.71
N THR D 173 38.95 43.65 14.89
CA THR D 173 39.22 42.81 16.07
C THR D 173 38.02 41.96 16.44
N PRO D 174 36.81 42.53 16.37
CA PRO D 174 35.61 41.76 16.71
C PRO D 174 35.43 40.58 15.76
N TRP D 175 35.70 40.79 14.48
CA TRP D 175 35.55 39.74 13.48
C TRP D 175 36.62 38.65 13.60
N ILE D 176 37.84 39.04 13.95
CA ILE D 176 38.92 38.06 14.09
C ILE D 176 38.75 37.24 15.35
N ILE D 177 38.19 37.84 16.41
CA ILE D 177 37.96 37.13 17.66
C ILE D 177 36.92 36.04 17.48
N PHE D 178 35.84 36.36 16.77
CA PHE D 178 34.82 35.36 16.47
C PHE D 178 35.37 34.26 15.58
N ASN D 179 36.21 34.62 14.59
CA ASN D 179 36.77 33.62 13.69
C ASN D 179 37.68 32.64 14.40
N VAL D 180 38.57 33.14 15.26
CA VAL D 180 39.46 32.21 15.95
C VAL D 180 38.72 31.44 17.03
N ALA D 181 37.62 31.99 17.57
CA ALA D 181 36.81 31.25 18.52
C ALA D 181 36.17 30.04 17.86
N SER D 182 35.50 30.25 16.73
CA SER D 182 34.87 29.13 16.02
C SER D 182 35.92 28.17 15.48
N ASP D 183 37.10 28.68 15.14
CA ASP D 183 38.19 27.83 14.66
C ASP D 183 38.67 26.86 15.73
N THR D 184 38.96 27.37 16.93
CA THR D 184 39.42 26.49 17.98
C THR D 184 38.31 25.58 18.49
N VAL D 185 37.05 26.01 18.36
CA VAL D 185 35.93 25.13 18.72
C VAL D 185 35.84 23.96 17.76
N PHE D 186 36.05 24.19 16.47
CA PHE D 186 35.95 23.04 15.57
C PHE D 186 37.22 22.23 15.51
N LEU D 187 38.36 22.78 15.93
CA LEU D 187 39.53 21.92 16.12
C LEU D 187 39.34 21.01 17.33
N LEU D 188 38.69 21.52 18.38
CA LEU D 188 38.29 20.66 19.49
C LEU D 188 37.36 19.56 19.02
N ASP D 189 36.41 19.88 18.16
CA ASP D 189 35.50 18.86 17.67
C ASP D 189 36.20 17.86 16.75
N LEU D 190 37.26 18.28 16.05
CA LEU D 190 37.97 17.31 15.22
C LEU D 190 38.83 16.36 16.06
N ILE D 191 39.44 16.86 17.13
CA ILE D 191 40.21 15.95 17.98
C ILE D 191 39.27 15.01 18.73
N MET D 192 38.09 15.49 19.12
CA MET D 192 37.12 14.57 19.71
C MET D 192 36.56 13.62 18.66
N ASN D 193 36.60 14.01 17.38
CA ASN D 193 36.24 13.10 16.30
C ASN D 193 37.29 12.01 16.14
N PHE D 194 38.54 12.31 16.50
CA PHE D 194 39.52 11.23 16.62
C PHE D 194 39.21 10.33 17.81
N ARG D 195 38.91 10.92 18.96
CA ARG D 195 38.79 10.12 20.17
C ARG D 195 37.39 9.56 20.38
N THR D 196 36.55 9.51 19.35
CA THR D 196 35.25 8.90 19.45
C THR D 196 35.33 7.41 19.12
N GLY D 197 34.18 6.80 18.93
CA GLY D 197 34.09 5.42 18.49
C GLY D 197 32.81 5.17 17.71
N THR D 198 32.86 4.36 16.66
CA THR D 198 31.69 4.16 15.82
C THR D 198 31.04 2.81 16.12
N VAL D 199 29.99 2.49 15.36
CA VAL D 199 29.27 1.23 15.50
C VAL D 199 28.99 0.70 14.11
N ASN D 200 29.63 -0.42 13.75
CA ASN D 200 29.45 -1.01 12.43
C ASN D 200 28.11 -1.73 12.33
N SER D 203 26.20 -4.97 13.78
CA SER D 203 27.39 -5.46 14.49
C SER D 203 27.59 -4.71 15.80
N SER D 204 28.71 -4.97 16.46
CA SER D 204 28.99 -4.38 17.76
C SER D 204 29.66 -3.02 17.60
N GLU D 205 29.64 -2.25 18.69
CA GLU D 205 30.27 -0.93 18.70
C GLU D 205 31.78 -1.08 18.80
N ILE D 206 32.49 -0.63 17.76
CA ILE D 206 33.94 -0.73 17.74
C ILE D 206 34.53 0.30 18.69
N ILE D 207 35.43 -0.15 19.56
CA ILE D 207 36.07 0.73 20.53
C ILE D 207 37.57 0.56 20.48
N LEU D 208 38.09 0.12 19.34
CA LEU D 208 39.54 -0.07 19.17
C LEU D 208 40.16 1.22 18.69
N ASP D 209 40.84 1.93 19.61
CA ASP D 209 41.31 3.27 19.30
C ASP D 209 42.45 3.32 18.28
N PRO D 210 43.66 2.82 18.57
CA PRO D 210 44.84 3.38 17.88
C PRO D 210 45.01 2.92 16.44
N LYS D 211 44.31 1.87 16.02
CA LYS D 211 44.39 1.37 14.65
C LYS D 211 43.06 1.43 13.92
N VAL D 212 42.01 0.86 14.51
CA VAL D 212 40.77 0.62 13.78
C VAL D 212 40.01 1.91 13.54
N ILE D 213 39.68 2.63 14.62
CA ILE D 213 38.87 3.83 14.45
C ILE D 213 39.70 4.96 13.87
N LYS D 214 41.02 4.94 14.10
CA LYS D 214 41.90 5.94 13.51
C LYS D 214 41.99 5.75 12.01
N MET D 215 42.14 4.50 11.57
CA MET D 215 42.20 4.21 10.14
C MET D 215 40.86 4.47 9.46
N ASN D 216 39.75 4.11 10.13
CA ASN D 216 38.44 4.30 9.54
C ASN D 216 38.08 5.78 9.43
N TYR D 217 38.41 6.57 10.45
CA TYR D 217 38.10 7.99 10.40
C TYR D 217 39.04 8.72 9.45
N LEU D 218 40.31 8.33 9.42
CA LEU D 218 41.26 8.96 8.50
C LEU D 218 41.01 8.57 7.06
N LYS D 219 40.31 7.46 6.82
CA LYS D 219 39.86 7.13 5.48
C LYS D 219 38.47 7.65 5.15
N SER D 220 37.71 8.10 6.15
CA SER D 220 36.32 8.49 5.90
C SER D 220 36.17 9.98 5.63
N TRP D 221 36.49 10.83 6.61
CA TRP D 221 36.09 12.23 6.55
C TRP D 221 37.17 13.23 6.95
N PHE D 222 38.42 12.81 7.05
CA PHE D 222 39.41 13.70 7.65
C PHE D 222 39.79 14.85 6.73
N VAL D 223 39.76 14.64 5.41
CA VAL D 223 40.06 15.74 4.50
C VAL D 223 38.93 16.76 4.52
N VAL D 224 37.69 16.29 4.41
CA VAL D 224 36.52 17.17 4.41
C VAL D 224 36.21 17.76 5.78
N ASP D 225 36.95 17.38 6.83
CA ASP D 225 36.90 18.15 8.07
C ASP D 225 38.13 19.03 8.26
N PHE D 226 39.32 18.58 7.86
CA PHE D 226 40.53 19.34 8.09
C PHE D 226 40.65 20.54 7.18
N ILE D 227 39.97 20.54 6.03
CA ILE D 227 39.88 21.78 5.26
C ILE D 227 39.07 22.82 6.02
N SER D 228 37.92 22.41 6.56
CA SER D 228 37.01 23.35 7.19
C SER D 228 37.38 23.72 8.62
N SER D 229 38.36 23.04 9.21
CA SER D 229 38.68 23.34 10.60
C SER D 229 39.54 24.60 10.74
N ILE D 230 40.76 24.56 10.24
CA ILE D 230 41.77 25.55 10.58
C ILE D 230 41.53 26.76 9.70
N PRO D 231 41.80 27.99 10.17
CA PRO D 231 41.62 29.17 9.33
C PRO D 231 42.68 29.32 8.27
N VAL D 232 42.46 28.73 7.09
CA VAL D 232 43.37 28.87 5.95
C VAL D 232 43.49 30.32 5.46
N ASP D 233 42.59 31.20 5.85
CA ASP D 233 42.58 32.57 5.37
C ASP D 233 43.65 33.42 6.01
N TYR D 234 44.15 33.04 7.19
CA TYR D 234 45.20 33.79 7.85
C TYR D 234 46.56 33.17 7.58
N ILE D 235 46.58 31.85 7.37
CA ILE D 235 47.81 31.15 7.03
C ILE D 235 48.32 31.59 5.66
N PHE D 236 47.43 31.59 4.66
CA PHE D 236 47.81 32.02 3.32
C PHE D 236 48.15 33.51 3.29
N LEU D 237 47.49 34.30 4.13
CA LEU D 237 47.80 35.71 4.23
C LEU D 237 49.18 35.96 4.82
N ILE D 238 49.56 35.21 5.85
CA ILE D 238 50.88 35.44 6.44
C ILE D 238 51.96 34.81 5.56
N VAL D 239 51.59 33.84 4.71
CA VAL D 239 52.52 33.34 3.72
C VAL D 239 52.80 34.40 2.66
N GLU D 240 51.75 35.03 2.14
CA GLU D 240 51.93 36.06 1.13
C GLU D 240 52.51 37.35 1.72
N LYS D 241 52.38 37.54 3.03
CA LYS D 241 53.06 38.65 3.69
C LYS D 241 54.52 38.33 3.97
N GLY D 242 54.84 37.05 4.15
CA GLY D 242 56.22 36.65 4.38
C GLY D 242 56.94 36.25 3.12
N ALA D 253 48.05 44.26 -4.91
CA ALA D 253 47.71 43.14 -4.05
C ALA D 253 46.20 42.88 -4.05
N LEU D 254 45.52 43.49 -5.03
CA LEU D 254 44.06 43.36 -5.13
C LEU D 254 43.66 41.95 -5.49
N ARG D 255 44.50 41.25 -6.25
CA ARG D 255 44.26 39.83 -6.50
C ARG D 255 44.38 39.01 -5.22
N ILE D 256 45.28 39.42 -4.32
CA ILE D 256 45.43 38.70 -3.05
C ILE D 256 44.25 38.99 -2.13
N VAL D 257 43.71 40.21 -2.18
CA VAL D 257 42.50 40.51 -1.42
C VAL D 257 41.30 39.72 -1.97
N ARG D 258 41.23 39.56 -3.29
CA ARG D 258 40.23 38.68 -3.89
C ARG D 258 40.39 37.24 -3.40
N PHE D 259 41.63 36.76 -3.38
CA PHE D 259 41.88 35.37 -3.03
C PHE D 259 41.63 35.10 -1.54
N THR D 260 41.81 36.11 -0.69
CA THR D 260 41.50 35.91 0.72
C THR D 260 40.03 36.16 1.00
N LYS D 261 39.31 36.79 0.06
CA LYS D 261 37.86 36.74 0.16
C LYS D 261 37.30 35.41 -0.32
N ILE D 262 38.01 34.71 -1.21
CA ILE D 262 37.47 33.44 -1.68
C ILE D 262 37.58 32.36 -0.62
N LEU D 263 38.78 32.15 -0.06
CA LEU D 263 39.09 30.91 0.64
C LEU D 263 38.34 30.76 1.96
N SER D 264 37.77 31.86 2.47
CA SER D 264 36.88 31.77 3.62
C SER D 264 35.65 30.92 3.35
N LEU D 265 35.21 30.81 2.09
CA LEU D 265 34.09 29.93 1.78
C LEU D 265 34.45 28.46 1.93
N LEU D 266 35.74 28.14 2.13
CA LEU D 266 36.13 26.79 2.51
C LEU D 266 35.54 26.39 3.86
N ARG D 267 35.16 27.35 4.70
CA ARG D 267 34.46 27.01 5.93
C ARG D 267 33.01 26.59 5.70
N LEU D 268 32.47 26.73 4.47
CA LEU D 268 31.17 26.15 4.20
C LEU D 268 31.19 24.63 4.20
N LEU D 269 32.38 24.02 4.08
CA LEU D 269 32.53 22.58 4.31
C LEU D 269 32.41 22.18 5.77
N ARG D 270 32.04 23.10 6.66
CA ARG D 270 31.51 22.70 7.96
C ARG D 270 30.09 22.15 7.85
N LEU D 271 29.48 22.22 6.66
CA LEU D 271 28.11 21.77 6.47
C LEU D 271 27.97 20.26 6.64
N SER D 272 28.95 19.48 6.17
CA SER D 272 28.83 18.02 6.17
C SER D 272 28.78 17.46 7.58
N ARG D 273 29.45 18.14 8.51
CA ARG D 273 29.36 17.75 9.90
C ARG D 273 27.96 17.96 10.46
N LEU D 274 27.24 18.95 9.94
CA LEU D 274 25.88 19.21 10.45
C LEU D 274 24.91 18.11 10.05
N ILE D 275 24.96 17.68 8.79
CA ILE D 275 24.05 16.61 8.38
C ILE D 275 24.49 15.27 8.96
N ARG D 276 25.80 15.06 9.10
CA ARG D 276 26.30 13.83 9.69
C ARG D 276 25.95 13.73 11.17
N TYR D 277 25.82 14.87 11.85
CA TYR D 277 25.38 14.83 13.24
C TYR D 277 23.86 14.78 13.37
N ILE D 278 23.15 15.44 12.45
CA ILE D 278 21.70 15.54 12.57
C ILE D 278 21.06 14.21 12.21
N HIS D 279 21.77 13.33 11.49
CA HIS D 279 21.29 11.96 11.29
C HIS D 279 21.09 11.25 12.62
N GLN D 280 22.15 11.16 13.42
CA GLN D 280 22.09 10.54 14.74
C GLN D 280 21.13 11.28 15.65
N TRP D 281 21.15 12.61 15.64
CA TRP D 281 20.34 13.37 16.58
C TRP D 281 18.85 13.23 16.29
N GLU D 282 18.45 13.27 15.01
CA GLU D 282 17.05 13.10 14.71
C GLU D 282 16.59 11.67 14.91
N GLU D 283 17.45 10.68 14.62
CA GLU D 283 17.00 9.31 14.85
C GLU D 283 16.94 8.98 16.34
N ILE D 284 17.67 9.74 17.17
CA ILE D 284 17.53 9.58 18.61
C ILE D 284 16.26 10.24 19.10
N PHE D 285 16.08 11.53 18.79
CA PHE D 285 15.02 12.32 19.41
C PHE D 285 13.82 12.56 18.50
N HIS D 286 13.58 11.69 17.52
CA HIS D 286 12.38 11.81 16.71
C HIS D 286 11.61 10.50 16.58
N MET D 287 11.94 9.49 17.37
CA MET D 287 11.18 8.24 17.35
C MET D 287 10.03 8.23 18.34
N THR D 288 9.50 9.40 18.71
CA THR D 288 8.48 9.46 19.74
C THR D 288 7.09 9.15 19.19
N ASP D 289 6.61 9.97 18.25
CA ASP D 289 5.22 9.86 17.81
C ASP D 289 5.12 10.12 16.33
N ASP D 290 3.88 10.21 15.84
CA ASP D 290 3.66 10.39 14.41
C ASP D 290 3.65 11.87 14.02
N LEU D 291 3.03 12.72 14.85
CA LEU D 291 2.93 14.14 14.51
C LEU D 291 4.26 14.85 14.71
N ALA D 292 4.98 14.52 15.78
CA ALA D 292 6.20 15.23 16.15
C ALA D 292 7.31 14.95 15.16
N SER D 293 7.46 13.68 14.74
CA SER D 293 8.48 13.31 13.77
C SER D 293 8.21 13.96 12.42
N ALA D 294 6.95 13.99 12.01
CA ALA D 294 6.59 14.58 10.73
C ALA D 294 6.83 16.10 10.73
N VAL D 295 6.45 16.76 11.82
CA VAL D 295 6.59 18.21 11.89
C VAL D 295 8.06 18.61 11.99
N VAL D 296 8.87 17.82 12.72
CA VAL D 296 10.28 18.16 12.77
C VAL D 296 10.97 17.82 11.44
N ARG D 297 10.43 16.87 10.66
CA ARG D 297 11.01 16.60 9.35
C ARG D 297 10.69 17.68 8.35
N ILE D 298 9.44 18.19 8.35
CA ILE D 298 9.11 19.25 7.41
C ILE D 298 9.79 20.56 7.81
N PHE D 299 9.98 20.80 9.10
CA PHE D 299 10.69 22.01 9.48
C PHE D 299 12.19 21.85 9.27
N ASN D 300 12.71 20.63 9.32
CA ASN D 300 14.08 20.34 8.89
C ASN D 300 14.26 20.71 7.42
N LEU D 301 13.32 20.32 6.58
CA LEU D 301 13.46 20.59 5.16
C LEU D 301 13.30 22.08 4.85
N ILE D 302 12.37 22.76 5.52
CA ILE D 302 12.23 24.18 5.22
C ILE D 302 13.38 24.99 5.82
N GLY D 303 14.03 24.48 6.87
CA GLY D 303 15.25 25.12 7.33
C GLY D 303 16.38 24.95 6.33
N MET D 304 16.46 23.77 5.71
CA MET D 304 17.45 23.54 4.65
C MET D 304 17.21 24.45 3.46
N MET D 305 15.94 24.64 3.09
CA MET D 305 15.62 25.51 1.95
C MET D 305 15.94 26.97 2.25
N LEU D 306 15.70 27.42 3.47
CA LEU D 306 16.06 28.80 3.79
C LEU D 306 17.57 28.98 3.86
N LEU D 307 18.29 27.93 4.25
CA LEU D 307 19.75 28.02 4.24
C LEU D 307 20.28 28.13 2.82
N LEU D 308 19.70 27.37 1.89
CA LEU D 308 20.14 27.49 0.50
C LEU D 308 19.77 28.82 -0.10
N CYS D 309 18.59 29.36 0.25
CA CYS D 309 18.21 30.69 -0.21
C CYS D 309 19.18 31.74 0.30
N HIS D 310 19.62 31.59 1.55
CA HIS D 310 20.56 32.55 2.10
C HIS D 310 21.92 32.47 1.44
N TRP D 311 22.41 31.25 1.19
CA TRP D 311 23.71 31.07 0.53
C TRP D 311 23.68 31.60 -0.88
N ASP D 312 22.59 31.36 -1.61
CA ASP D 312 22.48 31.88 -2.96
C ASP D 312 22.38 33.38 -2.95
N GLY D 313 21.72 33.94 -1.95
CA GLY D 313 21.66 35.38 -1.83
C GLY D 313 23.00 36.02 -1.53
N CYS D 314 23.87 35.29 -0.86
CA CYS D 314 25.22 35.83 -0.75
C CYS D 314 26.00 35.64 -2.04
N LEU D 315 25.69 34.60 -2.80
CA LEU D 315 26.45 34.33 -4.04
C LEU D 315 26.19 35.39 -5.10
N GLN D 316 24.92 35.81 -5.22
CA GLN D 316 24.51 36.74 -6.28
C GLN D 316 25.12 38.12 -6.07
N PHE D 317 25.63 38.39 -4.87
CA PHE D 317 26.38 39.62 -4.68
C PHE D 317 27.87 39.33 -4.67
N LEU D 318 28.26 38.09 -4.36
CA LEU D 318 29.69 37.79 -4.28
C LEU D 318 30.33 37.87 -5.64
N VAL D 319 29.69 37.35 -6.68
CA VAL D 319 30.32 37.32 -8.00
C VAL D 319 30.34 38.68 -8.68
N PRO D 320 29.34 39.56 -8.55
CA PRO D 320 29.60 40.97 -8.92
C PRO D 320 30.57 41.70 -8.01
N LEU D 321 30.98 41.11 -6.90
CA LEU D 321 31.95 41.79 -6.04
C LEU D 321 33.37 41.46 -6.46
N LEU D 322 33.61 40.22 -6.85
CA LEU D 322 34.95 39.80 -7.21
C LEU D 322 35.41 40.37 -8.55
N GLN D 323 34.49 40.90 -9.35
CA GLN D 323 34.87 41.57 -10.58
C GLN D 323 34.83 43.08 -10.45
N ASP D 324 34.78 43.58 -9.21
CA ASP D 324 34.82 45.00 -8.86
C ASP D 324 33.67 45.78 -9.49
N PHE D 325 32.49 45.15 -9.59
CA PHE D 325 31.24 45.75 -10.06
C PHE D 325 31.34 46.29 -11.49
N PRO D 326 31.35 45.43 -12.49
CA PRO D 326 31.42 45.90 -13.88
C PRO D 326 30.18 46.69 -14.27
N PRO D 327 30.25 47.56 -15.28
CA PRO D 327 29.15 48.50 -15.50
C PRO D 327 27.93 47.90 -16.18
N ASP D 328 27.80 46.59 -16.26
CA ASP D 328 26.60 45.99 -16.82
C ASP D 328 25.96 44.93 -15.94
N CYS D 329 26.54 44.60 -14.79
CA CYS D 329 25.91 43.64 -13.90
C CYS D 329 24.80 44.32 -13.12
N TRP D 330 24.01 43.51 -12.40
CA TRP D 330 22.75 44.01 -11.85
C TRP D 330 22.97 45.04 -10.76
N VAL D 331 24.11 44.98 -10.08
CA VAL D 331 24.35 45.91 -8.98
C VAL D 331 24.57 47.31 -9.51
N SER D 332 25.45 47.44 -10.50
CA SER D 332 25.65 48.78 -11.01
C SER D 332 24.60 49.17 -12.04
N LEU D 333 23.68 48.28 -12.40
CA LEU D 333 22.51 48.71 -13.15
C LEU D 333 21.46 49.29 -12.21
N ASN D 334 21.23 48.65 -11.06
CA ASN D 334 20.25 49.17 -10.13
C ASN D 334 20.83 50.32 -9.31
N GLU D 335 22.13 50.56 -9.45
CA GLU D 335 22.87 51.65 -8.81
C GLU D 335 22.77 51.54 -7.28
N MET D 336 23.29 50.43 -6.78
CA MET D 336 23.32 50.21 -5.34
C MET D 336 24.68 49.70 -4.91
N VAL D 337 25.75 50.25 -5.49
CA VAL D 337 27.06 49.98 -4.94
C VAL D 337 27.27 50.78 -3.67
N ASN D 338 26.58 51.91 -3.55
CA ASN D 338 26.76 52.83 -2.42
C ASN D 338 25.75 52.64 -1.31
N ASP D 339 24.68 51.90 -1.53
CA ASP D 339 23.66 51.72 -0.50
C ASP D 339 24.20 50.84 0.61
N SER D 340 23.73 51.10 1.84
CA SER D 340 24.24 50.43 3.02
C SER D 340 23.81 48.98 3.04
N TRP D 341 24.58 48.16 3.77
CA TRP D 341 24.62 46.72 3.51
C TRP D 341 23.31 46.01 3.80
N GLY D 342 22.44 46.62 4.60
CA GLY D 342 21.12 46.04 4.80
C GLY D 342 20.33 46.03 3.50
N LYS D 343 20.44 47.10 2.73
CA LYS D 343 19.71 47.18 1.48
C LYS D 343 20.25 46.21 0.45
N GLN D 344 21.57 46.10 0.37
CA GLN D 344 22.18 45.17 -0.58
C GLN D 344 21.86 43.73 -0.23
N TYR D 345 21.86 43.41 1.07
CA TYR D 345 21.55 42.04 1.45
C TYR D 345 20.09 41.73 1.23
N SER D 346 19.20 42.68 1.49
CA SER D 346 17.78 42.44 1.26
C SER D 346 17.50 42.24 -0.22
N TYR D 347 18.15 43.02 -1.08
CA TYR D 347 17.89 42.84 -2.49
C TYR D 347 18.51 41.56 -3.03
N ALA D 348 19.69 41.19 -2.54
CA ALA D 348 20.32 39.98 -3.03
C ALA D 348 19.58 38.75 -2.57
N LEU D 349 19.03 38.78 -1.35
CA LEU D 349 18.24 37.66 -0.88
C LEU D 349 16.91 37.59 -1.60
N PHE D 350 16.33 38.74 -1.95
CA PHE D 350 15.08 38.73 -2.69
C PHE D 350 15.29 38.19 -4.10
N LYS D 351 16.42 38.51 -4.70
CA LYS D 351 16.70 38.01 -6.03
C LYS D 351 16.91 36.51 -6.02
N ALA D 352 17.59 36.00 -5.00
CA ALA D 352 17.80 34.56 -4.93
C ALA D 352 16.53 33.82 -4.57
N MET D 353 15.66 34.45 -3.78
CA MET D 353 14.41 33.78 -3.43
C MET D 353 13.44 33.81 -4.60
N SER D 354 13.53 34.84 -5.44
CA SER D 354 12.66 34.86 -6.61
C SER D 354 13.13 33.86 -7.65
N HIS D 355 14.44 33.64 -7.76
CA HIS D 355 14.91 32.56 -8.62
C HIS D 355 14.57 31.20 -8.04
N MET D 356 14.58 31.07 -6.71
CA MET D 356 14.45 29.76 -6.08
C MET D 356 13.03 29.22 -6.23
N LEU D 357 12.02 30.07 -6.03
CA LEU D 357 10.64 29.64 -6.11
C LEU D 357 10.06 29.80 -7.49
N CYS D 358 10.93 30.23 -8.41
CA CYS D 358 10.65 30.50 -9.83
C CYS D 358 9.73 31.68 -10.13
N ILE D 359 9.57 32.61 -9.21
CA ILE D 359 8.68 33.72 -9.50
C ILE D 359 9.07 34.66 -10.64
N GLY D 360 10.32 35.11 -10.66
CA GLY D 360 10.78 35.99 -11.73
C GLY D 360 12.14 36.60 -11.46
N TYR D 361 12.75 37.15 -12.51
CA TYR D 361 14.05 37.79 -12.37
C TYR D 361 13.90 39.02 -11.50
N GLY D 362 14.90 39.32 -10.67
CA GLY D 362 14.86 40.48 -9.82
C GLY D 362 14.69 41.72 -10.69
N ALA D 363 15.60 41.86 -11.64
CA ALA D 363 15.57 42.94 -12.62
C ALA D 363 14.76 42.49 -13.82
N GLN D 364 14.65 43.32 -14.86
CA GLN D 364 13.89 42.89 -16.02
C GLN D 364 14.53 41.65 -16.65
N ALA D 365 15.84 41.65 -16.77
CA ALA D 365 16.58 40.53 -17.33
C ALA D 365 18.04 40.63 -16.91
N PRO D 366 18.79 39.54 -17.08
CA PRO D 366 20.22 39.53 -16.77
C PRO D 366 20.95 39.73 -18.08
N VAL D 367 21.84 40.71 -18.16
CA VAL D 367 22.54 40.98 -19.41
C VAL D 367 23.97 40.47 -19.48
N SER D 368 24.73 40.64 -18.41
CA SER D 368 26.11 40.19 -18.43
C SER D 368 26.18 38.69 -18.31
N MET D 369 27.28 38.12 -18.79
CA MET D 369 27.40 36.68 -18.93
C MET D 369 27.48 35.99 -17.58
N SER D 370 28.15 36.63 -16.62
CA SER D 370 28.28 36.06 -15.29
C SER D 370 26.94 36.00 -14.59
N ASP D 371 26.18 37.10 -14.65
CA ASP D 371 24.83 37.13 -14.10
C ASP D 371 23.93 36.13 -14.79
N LEU D 372 24.13 35.94 -16.08
CA LEU D 372 23.29 35.01 -16.83
C LEU D 372 23.51 33.59 -16.38
N TRP D 373 24.78 33.18 -16.24
CA TRP D 373 25.04 31.80 -15.88
C TRP D 373 24.72 31.51 -14.42
N ILE D 374 24.91 32.50 -13.55
CA ILE D 374 24.56 32.32 -12.15
C ILE D 374 23.06 32.23 -11.99
N THR D 375 22.32 33.03 -12.78
CA THR D 375 20.87 32.95 -12.78
C THR D 375 20.40 31.57 -13.21
N MET D 376 21.03 30.99 -14.22
CA MET D 376 20.59 29.68 -14.69
C MET D 376 20.89 28.58 -13.69
N LEU D 377 22.06 28.63 -13.06
CA LEU D 377 22.39 27.62 -12.05
C LEU D 377 21.48 27.73 -10.85
N SER D 378 21.15 28.96 -10.46
CA SER D 378 20.24 29.16 -9.34
C SER D 378 18.84 28.67 -9.67
N MET D 379 18.43 28.82 -10.93
CA MET D 379 17.11 28.34 -11.33
C MET D 379 17.04 26.83 -11.25
N ILE D 380 18.10 26.14 -11.67
CA ILE D 380 18.12 24.67 -11.62
C ILE D 380 18.05 24.19 -10.18
N VAL D 381 18.85 24.79 -9.30
CA VAL D 381 18.89 24.38 -7.89
C VAL D 381 17.55 24.65 -7.22
N GLY D 382 16.89 25.77 -7.60
CA GLY D 382 15.60 26.08 -7.02
C GLY D 382 14.50 25.13 -7.46
N ALA D 383 14.47 24.78 -8.75
CA ALA D 383 13.46 23.85 -9.22
C ALA D 383 13.63 22.48 -8.60
N THR D 384 14.88 22.05 -8.43
CA THR D 384 15.13 20.73 -7.83
C THR D 384 14.72 20.72 -6.36
N CYS D 385 15.08 21.75 -5.62
CA CYS D 385 14.75 21.79 -4.20
C CYS D 385 13.26 21.93 -3.98
N TYR D 386 12.56 22.64 -4.87
CA TYR D 386 11.12 22.74 -4.74
C TYR D 386 10.44 21.43 -5.08
N ALA D 387 10.99 20.67 -6.04
CA ALA D 387 10.43 19.36 -6.34
C ALA D 387 10.60 18.40 -5.16
N MET D 388 11.75 18.46 -4.50
CA MET D 388 11.95 17.63 -3.31
C MET D 388 11.01 18.03 -2.18
N PHE D 389 10.74 19.33 -2.06
CA PHE D 389 9.82 19.79 -1.01
C PHE D 389 8.41 19.31 -1.28
N VAL D 390 7.98 19.34 -2.55
CA VAL D 390 6.63 18.86 -2.87
C VAL D 390 6.51 17.36 -2.62
N GLY D 391 7.58 16.62 -2.92
CA GLY D 391 7.57 15.19 -2.63
C GLY D 391 7.48 14.89 -1.14
N HIS D 392 8.21 15.64 -0.33
CA HIS D 392 8.15 15.40 1.11
C HIS D 392 6.80 15.79 1.69
N ALA D 393 6.18 16.84 1.15
CA ALA D 393 4.85 17.21 1.61
C ALA D 393 3.83 16.14 1.27
N THR D 394 3.96 15.53 0.09
CA THR D 394 3.06 14.46 -0.30
C THR D 394 3.24 13.24 0.61
N ALA D 395 4.48 12.88 0.90
CA ALA D 395 4.74 11.72 1.75
C ALA D 395 4.24 11.96 3.17
N LEU D 396 4.37 13.19 3.66
CA LEU D 396 3.85 13.52 5.00
C LEU D 396 2.33 13.43 5.04
N ILE D 397 1.67 13.88 3.98
CA ILE D 397 0.21 13.86 3.96
C ILE D 397 -0.31 12.44 3.90
N GLN D 398 0.32 11.61 3.06
CA GLN D 398 -0.10 10.21 2.99
C GLN D 398 0.23 9.45 4.26
N SER D 399 1.26 9.89 4.99
CA SER D 399 1.51 9.26 6.28
C SER D 399 0.50 9.70 7.33
N LEU D 400 -0.04 10.91 7.22
CA LEU D 400 -1.05 11.31 8.20
C LEU D 400 -2.40 10.67 7.91
N ASP D 401 -2.72 10.44 6.65
CA ASP D 401 -4.06 10.01 6.30
C ASP D 401 -4.18 8.50 6.12
N SER D 402 -3.53 7.68 6.96
CA SER D 402 -3.39 6.26 6.66
C SER D 402 -4.63 5.47 7.09
N SER D 403 -5.11 5.72 8.31
CA SER D 403 -6.10 4.84 8.92
C SER D 403 -7.45 4.92 8.22
N ARG D 404 -7.90 6.15 7.93
CA ARG D 404 -9.13 6.33 7.19
C ARG D 404 -9.03 5.76 5.78
N ARG D 405 -7.84 5.83 5.19
CA ARG D 405 -7.60 5.23 3.89
C ARG D 405 -7.79 3.72 3.94
N GLN D 406 -7.17 3.07 4.92
CA GLN D 406 -7.25 1.61 5.02
C GLN D 406 -8.67 1.14 5.31
N TYR D 407 -9.40 1.91 6.13
CA TYR D 407 -10.79 1.58 6.39
C TYR D 407 -11.63 1.69 5.13
N GLN D 408 -11.33 2.70 4.29
CA GLN D 408 -12.06 2.81 3.04
C GLN D 408 -11.68 1.71 2.06
N GLU D 409 -10.45 1.18 2.16
CA GLU D 409 -10.07 0.05 1.32
C GLU D 409 -10.88 -1.19 1.65
N LYS D 410 -11.00 -1.49 2.95
CA LYS D 410 -11.78 -2.65 3.37
C LYS D 410 -13.25 -2.47 3.00
N TYR D 411 -13.75 -1.25 3.14
CA TYR D 411 -15.14 -0.97 2.81
C TYR D 411 -15.41 -1.14 1.32
N LYS D 412 -14.48 -0.69 0.48
CA LYS D 412 -14.63 -0.87 -0.96
C LYS D 412 -14.55 -2.34 -1.34
N GLN D 413 -13.74 -3.11 -0.60
CA GLN D 413 -13.66 -4.54 -0.90
C GLN D 413 -14.97 -5.25 -0.61
N VAL D 414 -15.58 -4.98 0.54
CA VAL D 414 -16.84 -5.65 0.85
C VAL D 414 -17.96 -5.12 -0.04
N GLU D 415 -17.83 -3.87 -0.51
CA GLU D 415 -18.80 -3.34 -1.46
C GLU D 415 -18.68 -4.07 -2.79
N GLN D 416 -17.45 -4.41 -3.20
CA GLN D 416 -17.26 -5.14 -4.44
C GLN D 416 -17.78 -6.55 -4.33
N TYR D 417 -17.66 -7.15 -3.14
CA TYR D 417 -18.21 -8.49 -2.94
C TYR D 417 -19.73 -8.48 -3.06
N MET D 418 -20.37 -7.50 -2.41
CA MET D 418 -21.83 -7.40 -2.49
C MET D 418 -22.29 -7.04 -3.89
N SER D 419 -21.45 -6.32 -4.64
CA SER D 419 -21.80 -6.02 -6.01
C SER D 419 -21.67 -7.25 -6.90
N PHE D 420 -20.68 -8.10 -6.62
CA PHE D 420 -20.47 -9.28 -7.43
C PHE D 420 -21.58 -10.29 -7.22
N HIS D 421 -22.09 -10.42 -6.01
CA HIS D 421 -23.20 -11.36 -5.86
C HIS D 421 -24.55 -10.76 -6.23
N LYS D 422 -24.61 -9.45 -6.48
CA LYS D 422 -25.83 -8.71 -6.80
C LYS D 422 -26.91 -8.89 -5.73
N LEU D 423 -26.52 -8.65 -4.49
CA LEU D 423 -27.44 -8.71 -3.38
C LEU D 423 -28.37 -7.50 -3.40
N PRO D 424 -29.59 -7.63 -2.88
CA PRO D 424 -30.49 -6.48 -2.84
C PRO D 424 -30.01 -5.45 -1.84
N ALA D 425 -30.49 -4.22 -2.02
CA ALA D 425 -30.06 -3.11 -1.16
C ALA D 425 -30.56 -3.26 0.26
N ASP D 426 -31.66 -4.00 0.44
CA ASP D 426 -32.14 -4.36 1.77
C ASP D 426 -31.10 -5.12 2.56
N MET D 427 -30.37 -6.00 1.89
CA MET D 427 -29.35 -6.77 2.58
C MET D 427 -28.08 -5.97 2.75
N ARG D 428 -27.75 -5.11 1.79
CA ARG D 428 -26.56 -4.28 1.92
C ARG D 428 -26.69 -3.30 3.06
N GLN D 429 -27.91 -2.83 3.33
CA GLN D 429 -28.12 -1.96 4.48
C GLN D 429 -27.86 -2.71 5.79
N LYS D 430 -28.30 -3.97 5.87
CA LYS D 430 -28.05 -4.75 7.08
C LYS D 430 -26.58 -5.08 7.25
N ILE D 431 -25.86 -5.30 6.14
CA ILE D 431 -24.43 -5.62 6.24
C ILE D 431 -23.65 -4.39 6.69
N HIS D 432 -23.95 -3.22 6.13
CA HIS D 432 -23.24 -2.03 6.57
C HIS D 432 -23.61 -1.65 7.99
N ASP D 433 -24.85 -1.93 8.40
CA ASP D 433 -25.24 -1.76 9.78
C ASP D 433 -24.45 -2.68 10.70
N TYR D 434 -24.21 -3.92 10.27
CA TYR D 434 -23.45 -4.84 11.10
C TYR D 434 -22.00 -4.41 11.22
N TYR D 435 -21.39 -3.98 10.10
CA TYR D 435 -20.00 -3.57 10.15
C TYR D 435 -19.80 -2.34 11.01
N GLU D 436 -20.74 -1.40 10.96
CA GLU D 436 -20.68 -0.26 11.87
C GLU D 436 -20.83 -0.73 13.31
N HIS D 437 -21.83 -1.58 13.58
CA HIS D 437 -22.10 -1.98 14.95
C HIS D 437 -21.07 -2.94 15.53
N ARG D 438 -20.20 -3.50 14.70
CA ARG D 438 -19.18 -4.40 15.19
C ARG D 438 -17.80 -3.75 15.23
N TYR D 439 -17.34 -3.16 14.13
CA TYR D 439 -16.00 -2.61 14.15
C TYR D 439 -15.94 -1.18 14.62
N GLN D 440 -17.08 -0.46 14.59
CA GLN D 440 -17.18 0.95 14.99
C GLN D 440 -16.21 1.84 14.23
N GLY D 441 -16.00 1.51 12.95
CA GLY D 441 -15.15 2.32 12.11
C GLY D 441 -13.68 2.24 12.44
N LYS D 442 -13.25 1.16 13.07
CA LYS D 442 -11.86 0.98 13.44
C LYS D 442 -11.34 -0.30 12.79
N ILE D 443 -10.37 -0.17 11.91
CA ILE D 443 -9.78 -1.32 11.24
C ILE D 443 -8.61 -1.83 12.06
N PHE D 444 -8.66 -3.11 12.41
CA PHE D 444 -7.65 -3.78 13.22
C PHE D 444 -7.89 -5.27 13.11
N ASP D 445 -6.81 -6.03 13.17
CA ASP D 445 -6.90 -7.48 13.16
C ASP D 445 -6.66 -7.99 14.57
N GLU D 446 -7.60 -8.78 15.08
CA GLU D 446 -7.60 -9.16 16.49
C GLU D 446 -6.79 -10.42 16.74
N GLU D 447 -6.96 -11.44 15.90
CA GLU D 447 -6.29 -12.72 16.11
C GLU D 447 -4.80 -12.58 15.94
N ASN D 448 -4.36 -11.71 15.05
CA ASN D 448 -2.93 -11.51 14.82
C ASN D 448 -2.27 -10.83 16.01
N ILE D 449 -2.93 -9.82 16.59
CA ILE D 449 -2.35 -9.11 17.73
C ILE D 449 -2.35 -9.99 18.96
N LEU D 450 -3.47 -10.68 19.20
CA LEU D 450 -3.51 -11.59 20.34
C LEU D 450 -2.64 -12.81 20.15
N ASN D 451 -2.23 -13.11 18.93
CA ASN D 451 -1.21 -14.12 18.73
C ASN D 451 0.18 -13.55 18.98
N GLU D 452 0.39 -12.27 18.71
CA GLU D 452 1.71 -11.70 18.91
C GLU D 452 2.02 -11.49 20.38
N LEU D 453 1.03 -11.20 21.20
CA LEU D 453 1.31 -11.04 22.62
C LEU D 453 1.51 -12.40 23.29
N ASN D 454 2.08 -12.39 24.49
CA ASN D 454 2.37 -13.61 25.21
C ASN D 454 1.27 -13.93 26.21
N ASP D 455 1.53 -14.91 27.07
CA ASP D 455 0.47 -15.48 27.89
C ASP D 455 -0.05 -14.56 28.99
N PRO D 456 0.78 -13.91 29.82
CA PRO D 456 0.17 -13.05 30.85
C PRO D 456 -0.42 -11.77 30.28
N LEU D 457 0.08 -11.29 29.15
CA LEU D 457 -0.56 -10.13 28.52
C LEU D 457 -1.94 -10.51 27.98
N ARG D 458 -2.05 -11.70 27.39
CA ARG D 458 -3.35 -12.16 26.93
C ARG D 458 -4.31 -12.37 28.10
N GLU D 459 -3.80 -12.92 29.21
CA GLU D 459 -4.64 -13.15 30.37
C GLU D 459 -5.12 -11.84 30.99
N GLU D 460 -4.24 -10.83 31.03
CA GLU D 460 -4.63 -9.55 31.62
C GLU D 460 -5.60 -8.79 30.72
N ILE D 461 -5.40 -8.85 29.40
CA ILE D 461 -6.32 -8.19 28.47
C ILE D 461 -7.70 -8.84 28.52
N VAL D 462 -7.73 -10.17 28.59
CA VAL D 462 -9.00 -10.87 28.62
C VAL D 462 -9.75 -10.60 29.93
N ASN D 463 -9.01 -10.57 31.05
CA ASN D 463 -9.65 -10.26 32.32
C ASN D 463 -10.17 -8.82 32.36
N PHE D 464 -9.52 -7.90 31.66
CA PHE D 464 -10.08 -6.56 31.63
C PHE D 464 -11.30 -6.46 30.72
N ASN D 465 -11.29 -7.17 29.59
CA ASN D 465 -12.45 -7.10 28.70
C ASN D 465 -13.65 -7.81 29.29
N CYS D 466 -13.44 -8.77 30.19
CA CYS D 466 -14.55 -9.47 30.80
C CYS D 466 -14.62 -9.26 32.30
N ARG D 467 -14.18 -8.10 32.81
CA ARG D 467 -14.29 -7.81 34.23
C ARG D 467 -15.74 -7.70 34.71
N LYS D 468 -16.66 -7.36 33.80
CA LYS D 468 -18.05 -7.21 34.20
C LYS D 468 -18.73 -8.56 34.31
N LEU D 469 -18.37 -9.47 33.41
CA LEU D 469 -19.02 -10.77 33.33
C LEU D 469 -18.58 -11.67 34.49
N VAL D 470 -17.34 -11.54 34.93
CA VAL D 470 -16.86 -12.35 36.06
C VAL D 470 -17.49 -11.89 37.36
N ALA D 471 -17.93 -10.64 37.42
CA ALA D 471 -18.61 -10.18 38.62
C ALA D 471 -20.09 -10.52 38.58
N THR D 472 -20.72 -10.37 37.41
CA THR D 472 -22.17 -10.54 37.32
C THR D 472 -22.57 -12.01 37.33
N MET D 473 -21.75 -12.89 36.78
CA MET D 473 -22.13 -14.30 36.88
C MET D 473 -21.69 -14.86 38.23
N PRO D 474 -22.53 -15.63 38.89
CA PRO D 474 -22.18 -16.12 40.23
C PRO D 474 -21.18 -17.27 40.16
N LEU D 475 -21.26 -18.02 39.07
CA LEU D 475 -20.35 -19.13 38.81
C LEU D 475 -18.91 -18.64 38.73
N PHE D 476 -18.68 -17.57 37.98
CA PHE D 476 -17.34 -17.02 37.85
C PHE D 476 -16.87 -16.40 39.14
N ALA D 477 -17.80 -15.84 39.92
CA ALA D 477 -17.44 -15.23 41.19
C ALA D 477 -17.03 -16.28 42.20
N ASN D 478 -17.61 -17.48 42.13
CA ASN D 478 -17.33 -18.48 43.14
C ASN D 478 -16.34 -19.56 42.69
N ALA D 479 -15.94 -19.57 41.42
CA ALA D 479 -15.07 -20.64 40.96
C ALA D 479 -13.59 -20.31 41.23
N ASP D 480 -12.74 -21.32 41.00
CA ASP D 480 -11.30 -21.23 41.15
C ASP D 480 -10.70 -20.37 40.04
N PRO D 481 -9.68 -19.56 40.34
CA PRO D 481 -9.19 -18.59 39.34
C PRO D 481 -8.45 -19.22 38.18
N ASN D 482 -7.89 -20.42 38.34
CA ASN D 482 -7.23 -21.06 37.21
C ASN D 482 -8.26 -21.53 36.19
N PHE D 483 -9.35 -22.12 36.65
CA PHE D 483 -10.46 -22.50 35.79
C PHE D 483 -11.08 -21.29 35.11
N VAL D 484 -11.29 -20.23 35.89
CA VAL D 484 -11.85 -18.98 35.37
C VAL D 484 -10.95 -18.39 34.30
N THR D 485 -9.63 -18.48 34.51
CA THR D 485 -8.70 -17.92 33.53
C THR D 485 -8.68 -18.73 32.24
N ALA D 486 -8.74 -20.06 32.35
CA ALA D 486 -8.73 -20.88 31.14
C ALA D 486 -10.01 -20.73 30.33
N MET D 487 -11.15 -20.78 31.03
CA MET D 487 -12.44 -20.60 30.37
C MET D 487 -12.57 -19.20 29.79
N LEU D 488 -11.94 -18.21 30.42
CA LEU D 488 -11.94 -16.87 29.88
C LEU D 488 -11.04 -16.76 28.67
N SER D 489 -9.95 -17.52 28.66
CA SER D 489 -9.03 -17.41 27.54
C SER D 489 -9.61 -18.03 26.29
N LYS D 490 -10.48 -19.02 26.46
CA LYS D 490 -11.11 -19.65 25.29
C LYS D 490 -12.50 -19.08 25.03
N LEU D 491 -12.57 -17.80 24.69
CA LEU D 491 -13.82 -17.14 24.35
C LEU D 491 -13.68 -16.40 23.03
N ARG D 492 -14.81 -15.95 22.48
CA ARG D 492 -14.80 -15.27 21.19
C ARG D 492 -15.92 -14.24 21.14
N PHE D 493 -15.63 -13.07 20.61
CA PHE D 493 -16.60 -11.99 20.55
C PHE D 493 -17.60 -12.22 19.42
N GLU D 494 -18.82 -11.71 19.60
CA GLU D 494 -19.83 -11.76 18.55
C GLU D 494 -20.81 -10.63 18.77
N VAL D 495 -21.40 -10.15 17.68
CA VAL D 495 -22.38 -9.07 17.71
C VAL D 495 -23.59 -9.50 16.92
N PHE D 496 -24.77 -9.45 17.54
CA PHE D 496 -25.99 -9.91 16.92
C PHE D 496 -26.96 -8.74 16.76
N GLN D 497 -27.50 -8.60 15.57
CA GLN D 497 -28.43 -7.54 15.21
C GLN D 497 -29.81 -7.86 15.74
N PRO D 498 -30.69 -6.87 15.89
CA PRO D 498 -31.98 -7.15 16.53
C PRO D 498 -32.89 -8.00 15.66
N GLY D 499 -33.41 -9.06 16.26
CA GLY D 499 -34.46 -9.82 15.63
C GLY D 499 -34.02 -10.96 14.74
N ASP D 500 -32.86 -11.55 14.97
CA ASP D 500 -32.48 -12.77 14.27
C ASP D 500 -32.26 -13.88 15.27
N TYR D 501 -32.53 -15.10 14.85
CA TYR D 501 -32.45 -16.22 15.77
C TYR D 501 -30.99 -16.58 16.00
N ILE D 502 -30.57 -16.55 17.26
CA ILE D 502 -29.22 -17.03 17.58
C ILE D 502 -29.18 -18.53 17.50
N ILE D 503 -30.04 -19.18 18.28
CA ILE D 503 -30.12 -20.63 18.36
C ILE D 503 -31.52 -21.02 17.94
N ARG D 504 -31.63 -21.90 16.95
CA ARG D 504 -32.92 -22.43 16.56
C ARG D 504 -33.12 -23.80 17.22
N GLU D 505 -34.38 -24.15 17.46
CA GLU D 505 -34.70 -25.37 18.17
C GLU D 505 -34.51 -26.57 17.26
N GLY D 506 -34.05 -27.67 17.84
CA GLY D 506 -33.96 -28.92 17.14
C GLY D 506 -32.70 -29.15 16.34
N ALA D 507 -31.92 -28.11 16.10
CA ALA D 507 -30.67 -28.26 15.36
C ALA D 507 -29.60 -28.86 16.28
N VAL D 508 -28.47 -29.24 15.66
CA VAL D 508 -27.38 -29.78 16.45
C VAL D 508 -26.64 -28.65 17.12
N GLY D 509 -26.18 -28.89 18.35
CA GLY D 509 -25.54 -27.87 19.15
C GLY D 509 -24.01 -27.95 19.04
N LYS D 510 -23.39 -26.79 18.92
CA LYS D 510 -21.95 -26.75 18.72
C LYS D 510 -21.23 -25.68 19.53
N LYS D 511 -21.94 -24.84 20.29
CA LYS D 511 -21.31 -23.80 21.11
C LYS D 511 -22.30 -23.30 22.13
N MET D 512 -21.80 -22.50 23.09
CA MET D 512 -22.65 -21.79 24.05
C MET D 512 -22.26 -20.33 24.08
N TYR D 513 -23.17 -19.50 24.58
CA TYR D 513 -23.01 -18.05 24.50
C TYR D 513 -23.13 -17.42 25.87
N PHE D 514 -22.27 -16.45 26.16
CA PHE D 514 -22.34 -15.65 27.37
C PHE D 514 -22.81 -14.26 26.98
N ILE D 515 -23.95 -13.84 27.52
CA ILE D 515 -24.46 -12.51 27.20
C ILE D 515 -23.60 -11.48 27.90
N GLN D 516 -23.17 -10.47 27.15
CA GLN D 516 -22.51 -9.33 27.76
C GLN D 516 -23.37 -8.08 27.70
N HIS D 517 -24.00 -7.79 26.58
CA HIS D 517 -24.75 -6.55 26.49
C HIS D 517 -26.00 -6.72 25.66
N GLY D 518 -27.14 -6.33 26.21
CA GLY D 518 -28.36 -6.39 25.42
C GLY D 518 -29.15 -7.65 25.66
N VAL D 519 -30.44 -7.48 25.85
CA VAL D 519 -31.33 -8.53 26.29
C VAL D 519 -31.68 -9.44 25.11
N ALA D 520 -31.73 -10.74 25.35
CA ALA D 520 -32.15 -11.72 24.37
C ALA D 520 -33.17 -12.64 25.01
N GLY D 521 -34.10 -13.14 24.21
CA GLY D 521 -35.25 -13.87 24.72
C GLY D 521 -35.20 -15.34 24.33
N VAL D 522 -35.70 -16.19 25.22
CA VAL D 522 -35.92 -17.60 24.94
C VAL D 522 -37.38 -17.75 24.53
N ILE D 523 -37.61 -18.29 23.33
CA ILE D 523 -38.98 -18.48 22.86
C ILE D 523 -39.31 -19.96 22.83
N THR D 524 -39.88 -20.44 23.92
CA THR D 524 -40.32 -21.83 23.96
C THR D 524 -41.82 -21.90 23.72
N LYS D 525 -42.22 -22.91 22.95
CA LYS D 525 -43.64 -23.16 22.72
C LYS D 525 -44.28 -23.65 24.01
N SER D 526 -45.52 -23.21 24.24
CA SER D 526 -46.27 -23.38 25.50
C SER D 526 -45.57 -22.72 26.69
N SER D 527 -44.73 -21.72 26.42
CA SER D 527 -44.23 -20.79 27.42
C SER D 527 -44.39 -19.40 26.83
N LYS D 528 -44.62 -18.41 27.67
CA LYS D 528 -44.91 -17.06 27.17
C LYS D 528 -43.69 -16.48 26.45
N GLU D 529 -42.65 -16.16 27.22
CA GLU D 529 -41.35 -15.67 26.76
C GLU D 529 -40.51 -15.55 28.02
N MET D 530 -39.20 -15.56 27.84
CA MET D 530 -38.30 -15.43 28.97
C MET D 530 -37.15 -14.53 28.56
N LYS D 531 -37.00 -13.40 29.21
CA LYS D 531 -35.95 -12.47 28.85
C LYS D 531 -34.70 -12.79 29.65
N LEU D 532 -33.55 -12.46 29.08
CA LEU D 532 -32.26 -12.70 29.74
C LEU D 532 -31.46 -11.41 29.66
N THR D 533 -31.10 -10.85 30.81
CA THR D 533 -30.37 -9.60 30.83
C THR D 533 -28.89 -9.82 30.56
N ASP D 534 -28.09 -8.80 30.84
CA ASP D 534 -26.65 -8.97 30.79
C ASP D 534 -26.19 -9.89 31.91
N GLY D 535 -25.09 -10.60 31.66
CA GLY D 535 -24.62 -11.58 32.61
C GLY D 535 -25.49 -12.82 32.74
N SER D 536 -25.57 -13.65 31.71
CA SER D 536 -26.24 -14.94 31.74
C SER D 536 -25.73 -15.77 30.58
N TYR D 537 -26.12 -17.04 30.55
CA TYR D 537 -25.60 -17.96 29.54
C TYR D 537 -26.67 -18.93 29.11
N PHE D 538 -26.76 -19.18 27.82
CA PHE D 538 -27.53 -20.29 27.29
C PHE D 538 -26.62 -21.19 26.47
N GLY D 539 -27.11 -22.38 26.19
CA GLY D 539 -26.29 -23.38 25.56
C GLY D 539 -25.65 -24.35 26.52
N GLU D 540 -26.15 -24.44 27.73
CA GLU D 540 -25.61 -25.40 28.67
C GLU D 540 -26.04 -26.82 28.30
N ILE D 541 -27.35 -27.04 28.27
CA ILE D 541 -27.86 -28.41 28.27
C ILE D 541 -27.65 -29.13 26.95
N CYS D 542 -27.51 -28.40 25.84
CA CYS D 542 -27.20 -29.05 24.57
C CYS D 542 -25.81 -29.67 24.60
N LEU D 543 -24.84 -28.94 25.11
CA LEU D 543 -23.49 -29.48 25.20
C LEU D 543 -23.37 -30.52 26.31
N LEU D 544 -24.19 -30.41 27.35
CA LEU D 544 -24.08 -31.42 28.40
C LEU D 544 -24.80 -32.71 28.05
N THR D 545 -25.82 -32.68 27.20
CA THR D 545 -26.58 -33.87 26.86
C THR D 545 -26.27 -34.41 25.47
N LYS D 546 -25.46 -33.70 24.69
CA LYS D 546 -25.00 -34.13 23.35
C LYS D 546 -26.16 -34.34 22.39
N GLY D 547 -27.15 -33.46 22.47
CA GLY D 547 -28.36 -33.63 21.68
C GLY D 547 -28.87 -32.38 21.03
N ARG D 548 -30.18 -32.34 20.76
CA ARG D 548 -30.77 -31.24 20.02
C ARG D 548 -31.10 -30.08 20.93
N ARG D 549 -31.13 -28.87 20.35
CA ARG D 549 -31.39 -27.65 21.10
C ARG D 549 -32.81 -27.65 21.65
N THR D 550 -32.95 -27.17 22.88
CA THR D 550 -34.19 -27.31 23.62
C THR D 550 -35.25 -26.30 23.20
N ALA D 551 -34.88 -25.02 23.09
CA ALA D 551 -35.83 -23.99 22.71
C ALA D 551 -35.08 -22.84 22.05
N SER D 552 -35.67 -22.25 21.03
CA SER D 552 -34.99 -21.24 20.24
C SER D 552 -34.81 -19.95 21.04
N VAL D 553 -33.88 -19.12 20.56
CA VAL D 553 -33.50 -17.88 21.24
C VAL D 553 -33.45 -16.77 20.20
N ARG D 554 -34.22 -15.72 20.41
CA ARG D 554 -34.29 -14.60 19.49
C ARG D 554 -33.62 -13.38 20.11
N ALA D 555 -32.75 -12.74 19.33
CA ALA D 555 -32.02 -11.58 19.81
C ALA D 555 -32.92 -10.35 19.75
N ASP D 556 -33.34 -9.86 20.91
CA ASP D 556 -34.28 -8.74 20.95
C ASP D 556 -33.56 -7.42 20.66
N THR D 557 -32.62 -7.04 21.51
CA THR D 557 -31.86 -5.82 21.31
C THR D 557 -30.57 -6.14 20.58
N TYR D 558 -29.71 -5.14 20.44
CA TYR D 558 -28.44 -5.35 19.79
C TYR D 558 -27.49 -6.12 20.70
N CYS D 559 -27.47 -7.44 20.59
CA CYS D 559 -26.71 -8.22 21.55
C CYS D 559 -25.22 -8.18 21.24
N ARG D 560 -24.41 -8.12 22.28
CA ARG D 560 -22.98 -8.29 22.21
C ARG D 560 -22.67 -9.48 23.09
N LEU D 561 -22.33 -10.59 22.46
CA LEU D 561 -22.24 -11.88 23.12
C LEU D 561 -20.80 -12.40 23.09
N TYR D 562 -20.52 -13.28 24.03
CA TYR D 562 -19.26 -14.00 24.08
C TYR D 562 -19.57 -15.47 23.93
N SER D 563 -18.97 -16.11 22.95
CA SER D 563 -19.27 -17.49 22.60
C SER D 563 -18.08 -18.38 22.89
N LEU D 564 -18.39 -19.65 23.16
CA LEU D 564 -17.40 -20.66 23.54
C LEU D 564 -17.75 -21.94 22.81
N SER D 565 -16.76 -22.51 22.12
CA SER D 565 -17.00 -23.67 21.28
C SER D 565 -17.04 -24.94 22.12
N VAL D 566 -17.45 -26.04 21.49
CA VAL D 566 -17.77 -27.25 22.24
C VAL D 566 -16.50 -28.01 22.62
N ASP D 567 -15.45 -27.96 21.80
CA ASP D 567 -14.25 -28.73 22.09
C ASP D 567 -13.48 -28.12 23.26
N ASN D 568 -13.39 -26.80 23.28
CA ASN D 568 -12.75 -26.13 24.40
C ASN D 568 -13.56 -26.29 25.67
N PHE D 569 -14.89 -26.29 25.55
CA PHE D 569 -15.75 -26.49 26.70
C PHE D 569 -15.59 -27.88 27.27
N ASN D 570 -15.43 -28.87 26.40
CA ASN D 570 -15.22 -30.24 26.86
C ASN D 570 -13.85 -30.40 27.49
N GLU D 571 -12.83 -29.72 26.96
CA GLU D 571 -11.49 -29.82 27.52
C GLU D 571 -11.42 -29.21 28.91
N VAL D 572 -11.99 -28.02 29.07
CA VAL D 572 -11.97 -27.35 30.38
C VAL D 572 -12.82 -28.11 31.38
N LEU D 573 -14.03 -28.52 30.98
CA LEU D 573 -14.90 -29.19 31.93
C LEU D 573 -14.52 -30.63 32.16
N GLU D 574 -13.63 -31.19 31.34
CA GLU D 574 -13.03 -32.48 31.69
C GLU D 574 -11.79 -32.29 32.55
N GLU D 575 -11.17 -31.11 32.50
CA GLU D 575 -10.10 -30.82 33.44
C GLU D 575 -10.64 -30.67 34.85
N TYR D 576 -11.70 -29.89 35.04
CA TYR D 576 -12.25 -29.65 36.38
C TYR D 576 -13.74 -29.98 36.39
N PRO D 577 -14.17 -31.04 37.08
CA PRO D 577 -15.55 -31.51 36.94
C PRO D 577 -16.55 -30.93 37.94
N MET D 578 -16.07 -30.16 38.92
CA MET D 578 -16.99 -29.56 39.89
C MET D 578 -17.88 -28.53 39.22
N MET D 579 -17.32 -27.78 38.26
CA MET D 579 -18.14 -26.87 37.48
C MET D 579 -19.11 -27.62 36.58
N ARG D 580 -18.78 -28.86 36.19
CA ARG D 580 -19.72 -29.65 35.43
C ARG D 580 -20.88 -30.10 36.30
N ARG D 581 -20.61 -30.40 37.57
CA ARG D 581 -21.71 -30.68 38.50
C ARG D 581 -22.60 -29.45 38.68
N ALA D 582 -21.98 -28.26 38.72
CA ALA D 582 -22.74 -27.02 38.83
C ALA D 582 -23.63 -26.79 37.62
N PHE D 583 -23.06 -26.95 36.42
CA PHE D 583 -23.83 -26.79 35.18
C PHE D 583 -24.93 -27.82 35.06
N GLU D 584 -24.68 -29.06 35.50
CA GLU D 584 -25.72 -30.08 35.48
C GLU D 584 -26.90 -29.70 36.37
N THR D 585 -26.61 -29.15 37.56
CA THR D 585 -27.70 -28.79 38.47
C THR D 585 -28.51 -27.59 37.96
N VAL D 586 -27.81 -26.56 37.47
CA VAL D 586 -28.51 -25.38 36.94
C VAL D 586 -29.30 -25.75 35.69
N ALA D 587 -28.75 -26.64 34.87
CA ALA D 587 -29.48 -27.08 33.69
C ALA D 587 -30.70 -27.91 34.07
N ILE D 588 -30.62 -28.68 35.16
CA ILE D 588 -31.77 -29.44 35.63
C ILE D 588 -32.90 -28.51 36.04
N ASP D 589 -32.56 -27.47 36.81
CA ASP D 589 -33.59 -26.52 37.25
C ASP D 589 -34.20 -25.75 36.08
N ARG D 590 -33.36 -25.37 35.12
CA ARG D 590 -33.84 -24.58 33.99
C ARG D 590 -34.72 -25.41 33.07
N LEU D 591 -34.40 -26.69 32.93
CA LEU D 591 -35.23 -27.58 32.13
C LEU D 591 -36.55 -27.87 32.83
N ASP D 592 -36.52 -28.02 34.15
CA ASP D 592 -37.75 -28.27 34.89
C ASP D 592 -38.69 -27.07 34.81
N ARG D 593 -38.11 -25.87 34.75
CA ARG D 593 -38.95 -24.68 34.58
C ARG D 593 -39.46 -24.56 33.14
N ILE D 594 -38.68 -25.03 32.17
CA ILE D 594 -39.10 -24.89 30.77
C ILE D 594 -40.26 -25.83 30.47
N GLY D 595 -40.11 -27.11 30.80
CA GLY D 595 -41.18 -28.07 30.61
C GLY D 595 -40.72 -29.42 30.08
N LYS D 596 -39.65 -29.42 29.29
CA LYS D 596 -39.04 -30.65 28.82
C LYS D 596 -38.07 -31.17 29.86
N LYS D 597 -37.74 -32.46 29.79
CA LYS D 597 -36.80 -33.06 30.74
C LYS D 597 -35.89 -34.05 30.03
N ASN D 598 -34.66 -34.15 30.52
CA ASN D 598 -33.63 -35.00 29.94
C ASN D 598 -33.28 -36.10 30.93
N SER D 599 -33.69 -37.32 30.62
CA SER D 599 -33.49 -38.46 31.51
C SER D 599 -32.03 -38.84 31.61
N ILE D 600 -31.22 -38.51 30.61
CA ILE D 600 -29.79 -38.82 30.65
C ILE D 600 -29.12 -38.03 31.76
N LEU D 601 -29.34 -36.71 31.77
CA LEU D 601 -28.79 -35.87 32.83
C LEU D 601 -29.44 -36.19 34.16
N LEU D 602 -30.73 -36.56 34.14
CA LEU D 602 -31.43 -36.91 35.37
C LEU D 602 -30.80 -38.14 36.04
N GLN D 603 -30.54 -39.19 35.25
CA GLN D 603 -29.93 -40.40 35.78
C GLN D 603 -28.47 -40.17 36.14
N LYS D 604 -27.77 -39.33 35.37
CA LYS D 604 -26.38 -39.03 35.68
C LYS D 604 -26.26 -38.26 37.00
N PHE D 605 -27.24 -37.38 37.28
CA PHE D 605 -27.20 -36.67 38.54
C PHE D 605 -27.68 -37.53 39.70
N GLN D 606 -28.66 -38.42 39.43
CA GLN D 606 -29.15 -39.31 40.49
C GLN D 606 -28.09 -40.33 40.88
N LYS D 607 -27.22 -40.69 39.93
CA LYS D 607 -26.05 -41.49 40.28
C LYS D 607 -24.95 -40.62 40.84
N ASP D 608 -24.93 -39.33 40.49
CA ASP D 608 -23.88 -38.44 40.95
C ASP D 608 -24.14 -37.98 42.38
N LEU D 609 -25.37 -37.55 42.67
CA LEU D 609 -25.67 -37.00 43.99
C LEU D 609 -25.72 -38.09 45.05
N ASN D 610 -26.19 -39.28 44.67
CA ASN D 610 -26.24 -40.40 45.61
C ASN D 610 -24.86 -41.00 45.85
N THR D 611 -23.88 -40.69 45.01
CA THR D 611 -22.52 -41.18 45.20
C THR D 611 -21.83 -40.58 46.40
N GLY D 612 -22.31 -39.44 46.91
CA GLY D 612 -21.72 -38.83 48.08
C GLY D 612 -20.57 -37.90 47.81
N VAL D 613 -20.32 -37.54 46.54
CA VAL D 613 -19.24 -36.62 46.24
C VAL D 613 -19.61 -35.19 46.62
N PHE D 614 -20.90 -34.88 46.72
CA PHE D 614 -21.34 -33.55 47.07
C PHE D 614 -21.14 -33.29 48.56
N ASN D 615 -20.91 -32.02 48.90
CA ASN D 615 -20.66 -31.61 50.26
C ASN D 615 -21.67 -30.55 50.69
N ASN D 616 -21.58 -30.16 51.97
CA ASN D 616 -22.48 -29.17 52.52
C ASN D 616 -22.21 -27.79 51.92
N GLN D 617 -20.93 -27.41 51.83
CA GLN D 617 -20.58 -26.18 51.14
C GLN D 617 -20.92 -26.25 49.66
N GLU D 618 -20.80 -27.46 49.08
CA GLU D 618 -21.10 -27.66 47.67
C GLU D 618 -22.56 -27.39 47.36
N ASN D 619 -23.48 -28.03 48.08
CA ASN D 619 -24.88 -27.82 47.73
C ASN D 619 -25.42 -26.52 48.33
N GLU D 620 -24.73 -25.92 49.29
CA GLU D 620 -25.09 -24.56 49.70
C GLU D 620 -24.76 -23.56 48.59
N ILE D 621 -23.57 -23.70 47.99
CA ILE D 621 -23.19 -22.90 46.83
C ILE D 621 -24.15 -23.16 45.67
N LEU D 622 -24.54 -24.42 45.48
CA LEU D 622 -25.47 -24.80 44.42
C LEU D 622 -26.85 -24.19 44.63
N LYS D 623 -27.32 -24.14 45.89
CA LYS D 623 -28.60 -23.51 46.19
C LYS D 623 -28.53 -22.01 45.94
N GLN D 624 -27.39 -21.39 46.31
CA GLN D 624 -27.18 -19.97 46.01
C GLN D 624 -27.20 -19.71 44.50
N ILE D 625 -26.57 -20.61 43.74
CA ILE D 625 -26.49 -20.44 42.29
C ILE D 625 -27.87 -20.62 41.65
N VAL D 626 -28.67 -21.56 42.14
CA VAL D 626 -29.96 -21.77 41.47
C VAL D 626 -30.95 -20.70 41.85
N LYS D 627 -30.88 -20.16 43.07
CA LYS D 627 -31.75 -19.02 43.36
C LYS D 627 -31.27 -17.77 42.63
N HIS D 628 -29.96 -17.66 42.41
CA HIS D 628 -29.43 -16.58 41.58
C HIS D 628 -29.89 -16.73 40.13
N ASP D 629 -30.00 -17.98 39.65
CA ASP D 629 -30.46 -18.22 38.29
C ASP D 629 -31.94 -17.91 38.15
N ARG D 630 -32.71 -18.18 39.20
CA ARG D 630 -34.11 -17.76 39.21
C ARG D 630 -34.23 -16.24 39.19
N GLU D 631 -33.29 -15.56 39.86
CA GLU D 631 -33.29 -14.10 39.85
C GLU D 631 -32.93 -13.55 38.47
N MET D 632 -31.88 -14.07 37.84
CA MET D 632 -31.53 -13.60 36.50
C MET D 632 -32.28 -14.32 35.38
N VAL D 633 -33.35 -15.04 35.68
CA VAL D 633 -34.34 -15.40 34.67
C VAL D 633 -35.66 -14.66 34.90
N GLN D 634 -35.95 -14.25 36.14
CA GLN D 634 -37.08 -13.37 36.37
C GLN D 634 -36.75 -11.97 35.86
N ALA D 635 -35.56 -11.49 36.18
CA ALA D 635 -35.06 -10.23 35.63
C ALA D 635 -34.36 -10.49 34.31
#